data_8ZVL
#
_entry.id   8ZVL
#
_cell.length_a   57.600
_cell.length_b   78.010
_cell.length_c   103.120
_cell.angle_alpha   70.75
_cell.angle_beta   81.37
_cell.angle_gamma   74.74
#
_symmetry.space_group_name_H-M   'P 1'
#
loop_
_entity.id
_entity.type
_entity.pdbx_description
1 polymer 'Citrate synthase, mitochondrial'
2 non-polymer 'OXALOACETATE ION'
3 water water
#
_entity_poly.entity_id   1
_entity_poly.type   'polypeptide(L)'
_entity_poly.pdbx_seq_one_letter_code
;STNLKDILADLIPKEQARIKTFRQQHGKTVVGQITVDMMYGGMRGMKGLVYETSVLDPDEGIRFRGFSIPECQKLLPKAK
GGEEPLPEGLFWLLVTGHIPTEEQVSWLSKEWAKRAALPSHVVTMLDNFPTNLHPMSQLSAAVTALNSESNFARAYAQGI
SRTKYWELIYEDSMDLIAKLPCVAAKIYRNLYREGSGIGAIDSNLDWSHNFTNMLGYTDHQFTELTRLYLTIHSDHEGGN
VSAHTSHLVGSALSDPYLSFAAAMNGLAGPLHGLANQEVLVWLTQLQKEVGKDVSDEKLRDYIWNTLNSGRVVPGYGHAV
LRKTDPRYTCQREFALKHLPNDPMFKLVAQLYKIVPNVLLEQGKAKNPWPNVDAHSGVLLQYYGMTEMNYYTVLFGVSRA
LGVLAQLIWSRALGFPLERPKSMSTEGLMKFVDSK
;
_entity_poly.pdbx_strand_id   A,D,B,C
#
loop_
_chem_comp.id
_chem_comp.type
_chem_comp.name
_chem_comp.formula
OAA non-polymer 'OXALOACETATE ION' 'C4 H3 O5 -1'
#
# COMPACT_ATOMS: atom_id res chain seq x y z
N SER A 1 -8.35 -50.63 13.48
CA SER A 1 -8.31 -51.88 12.69
C SER A 1 -9.36 -51.87 11.57
N THR A 2 -10.66 -51.79 11.92
CA THR A 2 -11.72 -51.87 10.91
C THR A 2 -12.72 -50.69 10.98
N ASN A 3 -13.35 -50.50 12.14
CA ASN A 3 -14.11 -49.30 12.50
C ASN A 3 -13.32 -48.05 12.15
N LEU A 4 -14.01 -47.11 11.51
CA LEU A 4 -13.44 -45.81 11.15
C LEU A 4 -12.84 -45.15 12.38
N LYS A 5 -13.49 -45.23 13.53
CA LYS A 5 -12.99 -44.53 14.71
C LYS A 5 -11.65 -45.11 15.20
N ASP A 6 -11.47 -46.42 15.06
CA ASP A 6 -10.23 -47.10 15.41
C ASP A 6 -9.11 -46.78 14.43
N ILE A 7 -9.40 -46.81 13.13
CA ILE A 7 -8.44 -46.41 12.11
C ILE A 7 -8.02 -44.96 12.33
N LEU A 8 -8.96 -44.11 12.69
CA LEU A 8 -8.61 -42.73 12.93
C LEU A 8 -7.75 -42.58 14.18
N ALA A 9 -8.03 -43.36 15.23
CA ALA A 9 -7.25 -43.35 16.44
C ALA A 9 -5.80 -43.70 16.16
N ASP A 10 -5.56 -44.64 15.24
CA ASP A 10 -4.21 -45.04 14.87
C ASP A 10 -3.50 -43.93 14.07
N LEU A 11 -4.24 -43.19 13.22
CA LEU A 11 -3.65 -42.20 12.33
C LEU A 11 -3.29 -40.91 13.08
N ILE A 12 -4.01 -40.63 14.18
CA ILE A 12 -3.87 -39.32 14.78
C ILE A 12 -2.46 -39.14 15.34
N PRO A 13 -1.91 -40.06 16.17
CA PRO A 13 -0.57 -39.87 16.77
C PRO A 13 0.50 -39.52 15.75
N LYS A 14 0.45 -40.23 14.62
CA LYS A 14 1.40 -40.11 13.54
C LYS A 14 1.37 -38.70 12.97
N GLU A 15 0.17 -38.15 12.77
CA GLU A 15 0.01 -36.82 12.20
C GLU A 15 0.40 -35.76 13.22
N GLN A 16 0.15 -36.02 14.49
CA GLN A 16 0.52 -35.09 15.54
C GLN A 16 2.04 -34.98 15.66
N ALA A 17 2.74 -36.12 15.64
CA ALA A 17 4.20 -36.13 15.77
C ALA A 17 4.87 -35.42 14.60
N ARG A 18 4.39 -35.75 13.40
CA ARG A 18 4.82 -35.19 12.12
C ARG A 18 4.64 -33.66 12.04
N ILE A 19 3.56 -33.14 12.63
CA ILE A 19 3.36 -31.71 12.71
C ILE A 19 4.24 -31.09 13.79
N LYS A 20 4.39 -31.77 14.94
CA LYS A 20 5.18 -31.24 16.05
C LYS A 20 6.61 -30.96 15.59
N THR A 21 7.13 -31.89 14.79
CA THR A 21 8.47 -31.87 14.23
C THR A 21 8.57 -30.73 13.21
N PHE A 22 7.60 -30.70 12.28
CA PHE A 22 7.52 -29.67 11.26
C PHE A 22 7.55 -28.27 11.87
N ARG A 23 6.75 -28.01 12.90
CA ARG A 23 6.70 -26.69 13.54
C ARG A 23 7.94 -26.38 14.39
N GLN A 24 8.66 -27.43 14.84
CA GLN A 24 9.95 -27.26 15.52
C GLN A 24 10.98 -26.60 14.62
N GLN A 25 11.27 -27.27 13.51
CA GLN A 25 12.16 -26.82 12.46
C GLN A 25 11.66 -25.56 11.75
N HIS A 26 10.47 -25.67 11.14
CA HIS A 26 10.07 -24.75 10.09
C HIS A 26 9.00 -23.78 10.59
N GLY A 27 8.79 -23.72 11.91
CA GLY A 27 7.72 -22.94 12.48
C GLY A 27 7.81 -21.47 12.15
N LYS A 28 9.05 -21.01 11.92
CA LYS A 28 9.33 -19.58 11.77
C LYS A 28 9.50 -19.21 10.30
N THR A 29 9.51 -20.20 9.40
CA THR A 29 9.51 -19.95 7.97
C THR A 29 8.32 -19.06 7.59
N VAL A 30 8.62 -17.97 6.88
CA VAL A 30 7.61 -17.06 6.41
C VAL A 30 6.99 -17.67 5.17
N VAL A 31 5.66 -17.74 5.11
CA VAL A 31 5.01 -18.29 3.93
C VAL A 31 4.45 -17.15 3.08
N GLY A 32 4.26 -15.97 3.68
CA GLY A 32 3.56 -14.88 3.01
C GLY A 32 3.66 -13.59 3.83
N GLN A 33 3.25 -12.47 3.20
CA GLN A 33 3.22 -11.16 3.81
C GLN A 33 1.77 -10.69 3.90
N ILE A 34 1.45 -9.82 4.85
CA ILE A 34 0.16 -9.17 4.89
C ILE A 34 0.34 -7.71 4.48
N THR A 35 -0.53 -7.26 3.55
CA THR A 35 -0.54 -5.90 3.04
C THR A 35 -1.83 -5.24 3.50
N VAL A 36 -1.83 -3.91 3.49
CA VAL A 36 -3.02 -3.17 3.86
C VAL A 36 -4.21 -3.62 3.00
N ASP A 37 -3.98 -3.78 1.69
CA ASP A 37 -5.03 -4.14 0.76
C ASP A 37 -5.64 -5.48 1.14
N MET A 38 -4.86 -6.40 1.70
CA MET A 38 -5.39 -7.70 2.04
C MET A 38 -6.34 -7.55 3.21
N MET A 39 -6.02 -6.64 4.15
CA MET A 39 -6.87 -6.42 5.31
C MET A 39 -8.24 -5.86 4.90
N TYR A 40 -8.25 -4.92 3.94
CA TYR A 40 -9.45 -4.32 3.40
C TYR A 40 -10.05 -5.24 2.32
N GLY A 41 -9.24 -6.14 1.75
CA GLY A 41 -9.68 -7.05 0.70
C GLY A 41 -10.14 -8.42 1.19
N GLY A 42 -10.61 -8.52 2.44
CA GLY A 42 -11.10 -9.79 2.92
C GLY A 42 -10.05 -10.91 2.88
N MET A 43 -8.80 -10.59 3.24
CA MET A 43 -7.76 -11.60 3.41
C MET A 43 -7.43 -12.33 2.12
N ARG A 44 -7.71 -11.69 0.97
CA ARG A 44 -7.55 -12.34 -0.31
C ARG A 44 -6.07 -12.63 -0.53
N GLY A 45 -5.77 -13.90 -0.81
CA GLY A 45 -4.41 -14.33 -1.09
C GLY A 45 -3.58 -14.58 0.16
N MET A 46 -4.22 -14.53 1.33
CA MET A 46 -3.49 -14.52 2.58
C MET A 46 -3.53 -15.96 3.09
N LYS A 47 -2.35 -16.52 3.40
CA LYS A 47 -2.30 -17.90 3.86
C LYS A 47 -2.70 -17.85 5.32
N GLY A 48 -3.94 -18.23 5.60
CA GLY A 48 -4.55 -17.91 6.88
C GLY A 48 -4.66 -19.14 7.79
N LEU A 49 -4.82 -20.32 7.18
CA LEU A 49 -5.10 -21.47 8.01
C LEU A 49 -4.61 -22.76 7.36
N VAL A 50 -4.48 -23.73 8.26
CA VAL A 50 -4.22 -25.11 7.96
C VAL A 50 -5.55 -25.86 7.93
N TYR A 51 -5.80 -26.50 6.81
CA TYR A 51 -7.02 -27.25 6.57
C TYR A 51 -6.57 -28.49 5.77
N GLU A 52 -6.76 -29.68 6.34
CA GLU A 52 -6.05 -30.90 5.95
C GLU A 52 -6.78 -31.69 4.88
N THR A 53 -8.12 -31.62 4.87
CA THR A 53 -8.92 -32.50 4.05
C THR A 53 -8.80 -32.19 2.57
N SER A 54 -8.76 -30.92 2.20
CA SER A 54 -8.71 -30.54 0.80
C SER A 54 -7.89 -29.28 0.56
N VAL A 55 -7.37 -29.19 -0.66
CA VAL A 55 -6.50 -28.11 -1.09
C VAL A 55 -6.88 -27.74 -2.52
N LEU A 56 -7.03 -26.44 -2.74
CA LEU A 56 -7.48 -25.89 -4.00
C LEU A 56 -6.27 -25.34 -4.76
N ASP A 57 -5.91 -26.06 -5.82
CA ASP A 57 -5.00 -25.54 -6.81
C ASP A 57 -5.74 -24.50 -7.65
N PRO A 58 -5.27 -23.24 -7.71
CA PRO A 58 -5.89 -22.25 -8.61
C PRO A 58 -5.98 -22.71 -10.07
N ASP A 59 -4.96 -23.45 -10.54
CA ASP A 59 -4.90 -23.91 -11.92
C ASP A 59 -5.73 -25.20 -12.12
N GLU A 60 -5.53 -26.22 -11.26
CA GLU A 60 -6.11 -27.54 -11.48
C GLU A 60 -7.39 -27.79 -10.67
N GLY A 61 -7.64 -26.98 -9.62
CA GLY A 61 -8.87 -27.07 -8.86
C GLY A 61 -8.70 -27.94 -7.63
N ILE A 62 -9.81 -28.48 -7.14
CA ILE A 62 -9.83 -29.06 -5.80
C ILE A 62 -9.17 -30.44 -5.82
N ARG A 63 -8.34 -30.70 -4.81
CA ARG A 63 -7.92 -32.06 -4.50
C ARG A 63 -8.35 -32.40 -3.08
N PHE A 64 -8.95 -33.59 -2.98
CA PHE A 64 -9.36 -34.23 -1.73
C PHE A 64 -8.28 -35.19 -1.25
N ARG A 65 -7.60 -34.81 -0.17
CA ARG A 65 -6.46 -35.56 0.34
C ARG A 65 -5.54 -35.96 -0.81
N GLY A 66 -5.23 -35.00 -1.72
CA GLY A 66 -4.28 -35.19 -2.81
C GLY A 66 -4.91 -35.82 -4.06
N PHE A 67 -6.17 -36.22 -4.02
CA PHE A 67 -6.83 -36.83 -5.16
C PHE A 67 -7.69 -35.79 -5.88
N SER A 68 -7.48 -35.64 -7.19
CA SER A 68 -8.38 -34.86 -8.03
C SER A 68 -9.73 -35.57 -8.10
N ILE A 69 -10.73 -34.82 -8.55
CA ILE A 69 -12.09 -35.33 -8.65
C ILE A 69 -12.13 -36.44 -9.69
N PRO A 70 -11.57 -36.28 -10.91
CA PRO A 70 -11.44 -37.42 -11.82
C PRO A 70 -10.83 -38.67 -11.19
N GLU A 71 -9.75 -38.52 -10.40
CA GLU A 71 -9.20 -39.63 -9.66
C GLU A 71 -10.26 -40.27 -8.76
N CYS A 72 -11.08 -39.45 -8.08
CA CYS A 72 -12.08 -39.95 -7.15
C CYS A 72 -13.20 -40.70 -7.85
N GLN A 73 -13.63 -40.20 -9.01
CA GLN A 73 -14.66 -40.85 -9.80
C GLN A 73 -14.26 -42.27 -10.17
N LYS A 74 -12.98 -42.45 -10.52
CA LYS A 74 -12.43 -43.77 -10.78
C LYS A 74 -12.28 -44.62 -9.52
N LEU A 75 -11.61 -44.08 -8.48
CA LEU A 75 -11.16 -44.91 -7.37
C LEU A 75 -12.23 -45.17 -6.31
N LEU A 76 -13.14 -44.22 -6.08
CA LEU A 76 -14.12 -44.31 -5.01
C LEU A 76 -15.17 -45.34 -5.36
N PRO A 77 -15.59 -46.18 -4.39
CA PRO A 77 -16.73 -47.09 -4.58
C PRO A 77 -18.04 -46.45 -5.03
N LYS A 78 -18.83 -47.25 -5.76
CA LYS A 78 -20.10 -46.81 -6.30
C LYS A 78 -21.18 -47.70 -5.72
N ALA A 79 -22.45 -47.31 -5.80
CA ALA A 79 -23.52 -48.24 -5.49
C ALA A 79 -23.50 -49.38 -6.52
N LYS A 80 -24.19 -50.49 -6.23
CA LYS A 80 -24.40 -51.58 -7.18
C LYS A 80 -25.31 -51.10 -8.32
N GLY A 81 -24.82 -51.22 -9.56
CA GLY A 81 -25.54 -50.75 -10.73
C GLY A 81 -25.33 -49.25 -10.97
N GLY A 82 -24.25 -48.67 -10.43
CA GLY A 82 -24.08 -47.22 -10.43
C GLY A 82 -22.72 -46.85 -10.99
N GLU A 83 -22.59 -45.58 -11.39
CA GLU A 83 -21.35 -45.07 -11.95
C GLU A 83 -20.77 -43.92 -11.12
N GLU A 84 -21.59 -43.33 -10.24
CA GLU A 84 -21.18 -42.13 -9.50
C GLU A 84 -20.64 -42.46 -8.11
N PRO A 85 -19.59 -41.77 -7.62
CA PRO A 85 -19.00 -42.15 -6.35
C PRO A 85 -19.99 -41.87 -5.22
N LEU A 86 -19.97 -42.76 -4.25
CA LEU A 86 -20.76 -42.63 -3.05
C LEU A 86 -20.15 -41.56 -2.16
N PRO A 87 -20.95 -40.59 -1.63
CA PRO A 87 -20.45 -39.61 -0.69
C PRO A 87 -19.75 -40.19 0.55
N GLU A 88 -20.25 -41.34 1.02
CA GLU A 88 -19.66 -42.14 2.09
C GLU A 88 -18.18 -42.36 1.91
N GLY A 89 -17.79 -42.70 0.67
CA GLY A 89 -16.40 -42.96 0.35
C GLY A 89 -15.58 -41.68 0.31
N LEU A 90 -16.22 -40.57 -0.09
CA LEU A 90 -15.55 -39.29 -0.06
C LEU A 90 -15.25 -38.93 1.39
N PHE A 91 -16.21 -39.16 2.27
CA PHE A 91 -16.01 -38.83 3.68
C PHE A 91 -14.90 -39.69 4.28
N TRP A 92 -14.89 -40.99 3.96
CA TRP A 92 -13.83 -41.88 4.42
C TRP A 92 -12.47 -41.35 4.01
N LEU A 93 -12.38 -40.94 2.74
CA LEU A 93 -11.16 -40.42 2.18
C LEU A 93 -10.73 -39.13 2.90
N LEU A 94 -11.68 -38.23 3.13
CA LEU A 94 -11.33 -37.00 3.84
C LEU A 94 -10.85 -37.23 5.26
N VAL A 95 -11.47 -38.18 5.94
CA VAL A 95 -11.14 -38.47 7.31
C VAL A 95 -9.81 -39.19 7.45
N THR A 96 -9.49 -40.13 6.55
CA THR A 96 -8.39 -41.05 6.76
C THR A 96 -7.21 -40.72 5.84
N GLY A 97 -7.47 -39.96 4.77
CA GLY A 97 -6.50 -39.79 3.72
C GLY A 97 -6.39 -41.01 2.82
N HIS A 98 -7.19 -42.06 3.04
CA HIS A 98 -7.08 -43.26 2.22
C HIS A 98 -8.36 -43.51 1.43
N ILE A 99 -8.21 -44.11 0.24
CA ILE A 99 -9.37 -44.54 -0.53
C ILE A 99 -10.01 -45.71 0.20
N PRO A 100 -11.35 -45.71 0.40
CA PRO A 100 -12.00 -46.80 1.11
C PRO A 100 -12.24 -48.02 0.24
N THR A 101 -12.31 -49.21 0.88
CA THR A 101 -12.78 -50.45 0.24
C THR A 101 -14.30 -50.38 0.13
N GLU A 102 -14.88 -51.22 -0.72
CA GLU A 102 -16.33 -51.34 -0.77
C GLU A 102 -16.90 -51.72 0.61
N GLU A 103 -16.20 -52.56 1.40
CA GLU A 103 -16.72 -53.00 2.70
C GLU A 103 -16.81 -51.78 3.65
N GLN A 104 -15.77 -50.96 3.63
CA GLN A 104 -15.69 -49.78 4.47
C GLN A 104 -16.82 -48.80 4.12
N VAL A 105 -17.07 -48.60 2.83
CA VAL A 105 -18.16 -47.74 2.44
C VAL A 105 -19.49 -48.38 2.87
N SER A 106 -19.62 -49.71 2.70
CA SER A 106 -20.84 -50.39 3.11
CA SER A 106 -20.84 -50.42 3.12
C SER A 106 -21.07 -50.25 4.61
N TRP A 107 -20.02 -50.41 5.39
CA TRP A 107 -20.10 -50.22 6.82
C TRP A 107 -20.56 -48.80 7.17
N LEU A 108 -20.01 -47.80 6.48
CA LEU A 108 -20.36 -46.42 6.79
C LEU A 108 -21.81 -46.11 6.43
N SER A 109 -22.29 -46.61 5.29
CA SER A 109 -23.71 -46.51 4.97
C SER A 109 -24.57 -47.02 6.11
N LYS A 110 -24.25 -48.20 6.66
CA LYS A 110 -25.09 -48.79 7.70
C LYS A 110 -25.05 -47.92 8.95
N GLU A 111 -23.86 -47.37 9.24
CA GLU A 111 -23.57 -46.56 10.41
C GLU A 111 -24.40 -45.29 10.43
N TRP A 112 -24.48 -44.56 9.30
CA TRP A 112 -25.34 -43.39 9.17
C TRP A 112 -26.82 -43.74 9.10
N ALA A 113 -27.14 -44.90 8.51
CA ALA A 113 -28.51 -45.39 8.56
C ALA A 113 -28.96 -45.57 10.01
N LYS A 114 -28.12 -46.15 10.89
CA LYS A 114 -28.55 -46.45 12.26
C LYS A 114 -28.66 -45.17 13.10
N ARG A 115 -28.03 -44.07 12.70
CA ARG A 115 -27.95 -42.91 13.58
C ARG A 115 -28.97 -41.83 13.23
N ALA A 116 -29.84 -42.08 12.23
CA ALA A 116 -30.57 -41.04 11.51
C ALA A 116 -31.77 -40.45 12.26
N ALA A 117 -32.00 -40.85 13.52
CA ALA A 117 -33.25 -40.52 14.20
C ALA A 117 -33.26 -39.05 14.62
N LEU A 118 -34.43 -38.39 14.47
CA LEU A 118 -34.62 -37.00 14.89
C LEU A 118 -35.36 -36.96 16.22
N PRO A 119 -34.98 -36.11 17.21
CA PRO A 119 -35.72 -36.00 18.45
C PRO A 119 -36.99 -35.21 18.15
N SER A 120 -37.99 -35.39 18.99
CA SER A 120 -39.34 -34.93 18.70
C SER A 120 -39.39 -33.39 18.59
N HIS A 121 -38.61 -32.66 19.37
CA HIS A 121 -38.71 -31.22 19.31
C HIS A 121 -38.26 -30.68 17.96
N VAL A 122 -37.35 -31.39 17.28
CA VAL A 122 -36.79 -30.93 16.02
C VAL A 122 -37.80 -31.21 14.91
N VAL A 123 -38.44 -32.36 14.98
CA VAL A 123 -39.49 -32.66 14.02
C VAL A 123 -40.56 -31.58 14.09
N THR A 124 -40.99 -31.26 15.31
CA THR A 124 -42.06 -30.32 15.59
C THR A 124 -41.71 -28.92 15.11
N MET A 125 -40.48 -28.45 15.42
CA MET A 125 -40.03 -27.16 14.96
C MET A 125 -40.18 -27.06 13.43
N LEU A 126 -39.78 -28.11 12.72
CA LEU A 126 -39.81 -28.08 11.27
C LEU A 126 -41.25 -28.03 10.76
N ASP A 127 -42.10 -28.83 11.38
CA ASP A 127 -43.51 -28.89 11.02
C ASP A 127 -44.21 -27.56 11.31
N ASN A 128 -43.66 -26.69 12.17
CA ASN A 128 -44.33 -25.44 12.51
C ASN A 128 -43.77 -24.23 11.78
N PHE A 129 -42.61 -24.37 11.16
CA PHE A 129 -41.99 -23.27 10.42
C PHE A 129 -42.90 -22.82 9.30
N PRO A 130 -43.11 -21.50 9.12
CA PRO A 130 -44.01 -20.98 8.10
C PRO A 130 -43.35 -21.13 6.74
N THR A 131 -44.16 -20.95 5.69
CA THR A 131 -43.74 -21.08 4.31
C THR A 131 -42.78 -19.98 3.92
N ASN A 132 -42.79 -18.84 4.62
CA ASN A 132 -41.98 -17.70 4.19
C ASN A 132 -40.58 -17.76 4.78
N LEU A 133 -40.32 -18.73 5.69
CA LEU A 133 -38.99 -18.95 6.21
C LEU A 133 -38.12 -19.77 5.24
N HIS A 134 -37.10 -19.10 4.69
CA HIS A 134 -36.19 -19.67 3.71
C HIS A 134 -35.78 -21.07 4.14
N PRO A 135 -35.66 -22.05 3.22
CA PRO A 135 -35.21 -23.39 3.60
C PRO A 135 -33.84 -23.42 4.30
N MET A 136 -32.92 -22.53 3.94
CA MET A 136 -31.59 -22.51 4.56
C MET A 136 -31.63 -22.04 6.01
N SER A 137 -32.53 -21.10 6.32
CA SER A 137 -32.78 -20.68 7.68
C SER A 137 -33.36 -21.83 8.48
N GLN A 138 -34.30 -22.52 7.86
CA GLN A 138 -34.90 -23.72 8.44
C GLN A 138 -33.82 -24.73 8.79
N LEU A 139 -32.92 -25.02 7.85
CA LEU A 139 -31.85 -25.97 8.07
C LEU A 139 -30.99 -25.50 9.24
N SER A 140 -30.61 -24.22 9.24
CA SER A 140 -29.72 -23.70 10.30
C SER A 140 -30.34 -23.82 11.70
N ALA A 141 -31.56 -23.31 11.85
CA ALA A 141 -32.29 -23.39 13.10
C ALA A 141 -32.49 -24.84 13.57
N ALA A 142 -32.83 -25.79 12.67
CA ALA A 142 -32.99 -27.18 13.06
C ALA A 142 -31.68 -27.80 13.55
N VAL A 143 -30.59 -27.48 12.87
CA VAL A 143 -29.33 -28.06 13.28
C VAL A 143 -28.93 -27.52 14.64
N THR A 144 -29.15 -26.22 14.86
CA THR A 144 -28.81 -25.59 16.12
C THR A 144 -29.62 -26.27 17.23
N ALA A 145 -30.90 -26.52 16.96
CA ALA A 145 -31.78 -27.18 17.91
C ALA A 145 -31.41 -28.63 18.19
N LEU A 146 -30.79 -29.35 17.22
CA LEU A 146 -30.24 -30.67 17.43
C LEU A 146 -29.07 -30.69 18.42
N ASN A 147 -28.53 -29.54 18.79
CA ASN A 147 -27.37 -29.50 19.67
C ASN A 147 -27.75 -30.02 21.07
N SER A 148 -29.05 -30.23 21.34
CA SER A 148 -29.47 -30.90 22.55
C SER A 148 -28.98 -32.34 22.57
N GLU A 149 -28.62 -32.90 21.41
CA GLU A 149 -28.09 -34.25 21.33
C GLU A 149 -26.56 -34.27 21.30
N SER A 150 -25.92 -33.13 21.59
CA SER A 150 -24.46 -33.08 21.52
C SER A 150 -23.84 -33.84 22.70
N ASN A 151 -23.11 -34.92 22.40
CA ASN A 151 -22.32 -35.59 23.43
C ASN A 151 -21.06 -34.79 23.69
N PHE A 152 -20.58 -34.00 22.73
CA PHE A 152 -19.37 -33.22 22.96
C PHE A 152 -19.60 -32.08 23.96
N ALA A 153 -20.77 -31.42 23.87
CA ALA A 153 -21.06 -30.34 24.81
C ALA A 153 -21.14 -30.87 26.25
N ARG A 154 -21.86 -32.00 26.45
CA ARG A 154 -22.03 -32.65 27.73
C ARG A 154 -20.72 -33.18 28.30
N ALA A 155 -19.87 -33.78 27.45
CA ALA A 155 -18.58 -34.29 27.93
C ALA A 155 -17.64 -33.15 28.33
N TYR A 156 -17.59 -32.08 27.54
CA TYR A 156 -16.71 -30.97 27.89
C TYR A 156 -17.11 -30.37 29.26
N ALA A 157 -18.40 -30.28 29.55
CA ALA A 157 -18.83 -29.73 30.84
C ALA A 157 -18.34 -30.59 32.02
N GLN A 158 -18.16 -31.90 31.82
CA GLN A 158 -17.66 -32.77 32.87
C GLN A 158 -16.13 -32.82 32.89
N GLY A 159 -15.45 -31.99 32.09
CA GLY A 159 -14.01 -31.83 32.14
C GLY A 159 -13.19 -32.91 31.41
N ILE A 160 -13.76 -33.56 30.38
CA ILE A 160 -13.04 -34.54 29.54
C ILE A 160 -11.66 -34.04 29.10
N SER A 161 -10.69 -34.96 28.96
CA SER A 161 -9.36 -34.63 28.50
C SER A 161 -9.40 -34.04 27.09
N ARG A 162 -8.53 -33.06 26.84
CA ARG A 162 -8.21 -32.50 25.53
C ARG A 162 -7.86 -33.59 24.50
N THR A 163 -7.24 -34.68 24.97
CA THR A 163 -6.72 -35.72 24.08
C THR A 163 -7.91 -36.49 23.51
N LYS A 164 -9.09 -36.32 24.11
CA LYS A 164 -10.27 -37.09 23.73
C LYS A 164 -11.37 -36.25 23.06
N TYR A 165 -11.13 -34.97 22.82
CA TYR A 165 -12.11 -34.12 22.14
C TYR A 165 -12.48 -34.69 20.78
N TRP A 166 -11.48 -35.07 19.98
CA TRP A 166 -11.77 -35.56 18.65
C TRP A 166 -12.77 -36.72 18.66
N GLU A 167 -12.71 -37.59 19.66
CA GLU A 167 -13.61 -38.74 19.73
C GLU A 167 -15.08 -38.34 19.83
N LEU A 168 -15.46 -37.41 20.71
CA LEU A 168 -16.86 -36.99 20.79
C LEU A 168 -17.23 -36.10 19.61
N ILE A 169 -16.31 -35.30 19.08
CA ILE A 169 -16.51 -34.56 17.85
C ILE A 169 -16.89 -35.53 16.73
N TYR A 170 -16.21 -36.67 16.69
CA TYR A 170 -16.47 -37.65 15.65
C TYR A 170 -17.86 -38.24 15.85
N GLU A 171 -18.27 -38.58 17.08
CA GLU A 171 -19.58 -39.20 17.28
C GLU A 171 -20.70 -38.23 16.89
N ASP A 172 -20.60 -36.98 17.36
CA ASP A 172 -21.55 -35.95 17.03
C ASP A 172 -21.55 -35.65 15.53
N SER A 173 -20.37 -35.69 14.90
CA SER A 173 -20.30 -35.52 13.45
C SER A 173 -21.05 -36.64 12.71
N MET A 174 -20.88 -37.89 13.18
CA MET A 174 -21.48 -39.03 12.51
C MET A 174 -22.99 -38.97 12.72
N ASP A 175 -23.39 -38.47 13.89
CA ASP A 175 -24.81 -38.30 14.17
C ASP A 175 -25.41 -37.20 13.28
N LEU A 176 -24.72 -36.07 13.09
CA LEU A 176 -25.23 -34.94 12.34
C LEU A 176 -25.37 -35.33 10.87
N ILE A 177 -24.31 -35.94 10.33
CA ILE A 177 -24.36 -36.43 8.97
C ILE A 177 -25.57 -37.34 8.77
N ALA A 178 -25.77 -38.30 9.68
CA ALA A 178 -26.87 -39.23 9.52
C ALA A 178 -28.23 -38.53 9.54
N LYS A 179 -28.34 -37.44 10.30
CA LYS A 179 -29.63 -36.80 10.53
C LYS A 179 -29.96 -35.78 9.45
N LEU A 180 -28.92 -35.23 8.84
CA LEU A 180 -29.07 -34.15 7.87
C LEU A 180 -30.08 -34.47 6.76
N PRO A 181 -30.00 -35.62 6.06
CA PRO A 181 -30.98 -35.95 5.03
C PRO A 181 -32.43 -35.93 5.53
N CYS A 182 -32.62 -36.32 6.80
CA CYS A 182 -33.95 -36.35 7.38
C CYS A 182 -34.45 -34.94 7.57
N VAL A 183 -33.59 -34.09 8.13
CA VAL A 183 -33.88 -32.66 8.30
C VAL A 183 -34.16 -32.03 6.93
N ALA A 184 -33.23 -32.25 6.00
CA ALA A 184 -33.31 -31.67 4.67
C ALA A 184 -34.60 -32.14 3.93
N ALA A 185 -34.95 -33.41 4.08
CA ALA A 185 -36.10 -33.99 3.40
C ALA A 185 -37.40 -33.48 3.99
N LYS A 186 -37.43 -33.31 5.33
CA LYS A 186 -38.55 -32.67 6.02
C LYS A 186 -38.80 -31.23 5.60
N ILE A 187 -37.71 -30.46 5.47
CA ILE A 187 -37.83 -29.12 4.92
C ILE A 187 -38.50 -29.15 3.56
N TYR A 188 -37.97 -30.00 2.68
CA TYR A 188 -38.45 -30.06 1.33
C TYR A 188 -39.92 -30.39 1.27
N ARG A 189 -40.31 -31.44 2.01
CA ARG A 189 -41.67 -31.97 1.97
C ARG A 189 -42.63 -30.97 2.60
N ASN A 190 -42.19 -30.29 3.65
CA ASN A 190 -43.05 -29.36 4.36
C ASN A 190 -43.31 -28.15 3.50
N LEU A 191 -42.30 -27.69 2.78
CA LEU A 191 -42.47 -26.52 1.93
C LEU A 191 -43.17 -26.84 0.61
N TYR A 192 -42.89 -27.99 0.00
CA TYR A 192 -43.17 -28.17 -1.42
C TYR A 192 -43.98 -29.44 -1.71
N ARG A 193 -44.30 -30.22 -0.68
CA ARG A 193 -45.14 -31.40 -0.82
C ARG A 193 -46.18 -31.42 0.31
N GLU A 194 -46.64 -30.24 0.70
CA GLU A 194 -47.83 -30.04 1.53
C GLU A 194 -47.76 -30.76 2.89
N GLY A 195 -46.54 -31.02 3.41
CA GLY A 195 -46.40 -31.61 4.74
C GLY A 195 -46.36 -33.14 4.75
N SER A 196 -46.53 -33.78 3.58
CA SER A 196 -46.43 -35.23 3.50
C SER A 196 -45.18 -35.71 4.23
N GLY A 197 -45.31 -36.88 4.87
CA GLY A 197 -44.27 -37.45 5.70
C GLY A 197 -43.09 -37.92 4.83
N ILE A 198 -41.95 -38.14 5.49
CA ILE A 198 -40.71 -38.46 4.78
C ILE A 198 -40.51 -39.97 4.69
N GLY A 199 -41.38 -40.75 5.35
CA GLY A 199 -41.25 -42.19 5.23
C GLY A 199 -40.17 -42.67 6.19
N ALA A 200 -39.49 -43.76 5.84
CA ALA A 200 -38.55 -44.37 6.76
C ALA A 200 -37.19 -44.50 6.08
N ILE A 201 -36.22 -44.81 6.93
CA ILE A 201 -34.86 -45.08 6.52
C ILE A 201 -34.76 -46.58 6.26
N ASP A 202 -34.17 -47.00 5.15
CA ASP A 202 -33.79 -48.39 4.98
C ASP A 202 -32.30 -48.55 5.32
N SER A 203 -32.01 -49.49 6.22
CA SER A 203 -30.68 -49.66 6.78
C SER A 203 -29.68 -50.27 5.79
N ASN A 204 -30.18 -50.76 4.65
CA ASN A 204 -29.31 -51.35 3.66
C ASN A 204 -29.15 -50.45 2.43
N LEU A 205 -29.70 -49.23 2.44
CA LEU A 205 -29.47 -48.30 1.34
C LEU A 205 -28.32 -47.36 1.70
N ASP A 206 -27.66 -46.82 0.67
CA ASP A 206 -26.67 -45.78 0.91
C ASP A 206 -27.35 -44.46 1.29
N TRP A 207 -26.54 -43.54 1.79
CA TRP A 207 -27.02 -42.27 2.34
C TRP A 207 -27.75 -41.45 1.27
N SER A 208 -27.18 -41.38 0.04
CA SER A 208 -27.83 -40.56 -0.98
C SER A 208 -29.15 -41.18 -1.45
N HIS A 209 -29.24 -42.51 -1.39
CA HIS A 209 -30.46 -43.17 -1.82
C HIS A 209 -31.57 -43.02 -0.76
N ASN A 210 -31.24 -43.21 0.53
CA ASN A 210 -32.21 -42.94 1.58
C ASN A 210 -32.70 -41.50 1.46
N PHE A 211 -31.79 -40.56 1.12
CA PHE A 211 -32.16 -39.16 1.03
C PHE A 211 -33.14 -38.92 -0.13
N THR A 212 -32.87 -39.47 -1.33
CA THR A 212 -33.79 -39.29 -2.43
C THR A 212 -35.11 -40.00 -2.14
N ASN A 213 -35.10 -41.15 -1.43
CA ASN A 213 -36.33 -41.77 -0.98
C ASN A 213 -37.14 -40.81 -0.11
N MET A 214 -36.49 -40.04 0.76
CA MET A 214 -37.21 -39.20 1.70
C MET A 214 -37.71 -37.92 1.03
N LEU A 215 -36.96 -37.42 0.04
CA LEU A 215 -37.35 -36.28 -0.78
C LEU A 215 -38.61 -36.57 -1.60
N GLY A 216 -38.80 -37.85 -1.98
CA GLY A 216 -39.96 -38.25 -2.74
C GLY A 216 -39.62 -38.59 -4.19
N TYR A 217 -38.36 -38.94 -4.45
CA TYR A 217 -37.96 -39.24 -5.81
C TYR A 217 -37.70 -40.74 -5.94
N THR A 218 -37.98 -41.29 -7.11
CA THR A 218 -37.82 -42.72 -7.35
C THR A 218 -37.23 -42.91 -8.74
N ASP A 219 -36.03 -42.38 -8.92
CA ASP A 219 -35.42 -42.26 -10.23
C ASP A 219 -33.92 -42.56 -10.08
N HIS A 220 -33.49 -43.66 -10.67
CA HIS A 220 -32.12 -44.14 -10.54
C HIS A 220 -31.14 -43.01 -10.87
N GLN A 221 -31.42 -42.27 -11.95
CA GLN A 221 -30.48 -41.29 -12.45
C GLN A 221 -30.54 -40.06 -11.53
N PHE A 222 -31.68 -39.81 -10.88
CA PHE A 222 -31.70 -38.72 -9.90
C PHE A 222 -30.81 -39.05 -8.69
N THR A 223 -30.95 -40.25 -8.15
CA THR A 223 -30.07 -40.74 -7.10
C THR A 223 -28.61 -40.66 -7.54
N GLU A 224 -28.30 -40.99 -8.81
CA GLU A 224 -26.93 -40.93 -9.30
C GLU A 224 -26.42 -39.49 -9.29
N LEU A 225 -27.23 -38.52 -9.68
CA LEU A 225 -26.81 -37.13 -9.73
C LEU A 225 -26.52 -36.63 -8.32
N THR A 226 -27.37 -37.04 -7.38
CA THR A 226 -27.22 -36.72 -5.97
C THR A 226 -25.90 -37.27 -5.46
N ARG A 227 -25.63 -38.54 -5.76
CA ARG A 227 -24.38 -39.13 -5.32
C ARG A 227 -23.24 -38.28 -5.81
N LEU A 228 -23.32 -37.87 -7.09
CA LEU A 228 -22.29 -37.02 -7.68
C LEU A 228 -22.28 -35.66 -7.00
N TYR A 229 -23.45 -35.06 -6.82
CA TYR A 229 -23.55 -33.68 -6.34
C TYR A 229 -22.99 -33.61 -4.92
N LEU A 230 -23.27 -34.64 -4.13
CA LEU A 230 -22.94 -34.65 -2.73
C LEU A 230 -21.44 -34.92 -2.53
N THR A 231 -20.78 -35.61 -3.49
CA THR A 231 -19.35 -35.83 -3.44
C THR A 231 -18.62 -34.54 -3.79
N ILE A 232 -19.02 -33.89 -4.87
CA ILE A 232 -18.17 -32.84 -5.43
C ILE A 232 -18.35 -31.50 -4.71
N HIS A 233 -19.50 -31.29 -4.06
CA HIS A 233 -19.67 -30.08 -3.27
C HIS A 233 -19.14 -30.21 -1.84
N SER A 234 -18.51 -31.33 -1.50
CA SER A 234 -18.28 -31.69 -0.12
C SER A 234 -17.29 -30.77 0.60
N ASP A 235 -16.29 -30.28 -0.13
CA ASP A 235 -15.17 -29.60 0.49
C ASP A 235 -14.49 -28.75 -0.57
N HIS A 236 -13.97 -27.60 -0.16
CA HIS A 236 -13.29 -26.74 -1.11
C HIS A 236 -12.23 -25.92 -0.38
N GLU A 237 -11.45 -26.61 0.45
CA GLU A 237 -10.40 -25.94 1.18
C GLU A 237 -11.03 -25.25 2.39
N GLY A 238 -10.17 -24.58 3.14
CA GLY A 238 -10.54 -24.01 4.41
C GLY A 238 -11.03 -22.58 4.29
N GLY A 239 -10.73 -21.91 3.17
CA GLY A 239 -10.87 -20.47 3.08
C GLY A 239 -12.26 -20.01 2.62
N ASN A 240 -13.05 -20.92 2.02
CA ASN A 240 -14.40 -20.59 1.62
C ASN A 240 -15.21 -20.24 2.88
N VAL A 241 -16.27 -19.45 2.74
CA VAL A 241 -16.94 -18.88 3.92
C VAL A 241 -17.56 -19.97 4.81
N SER A 242 -18.10 -21.04 4.21
CA SER A 242 -18.78 -22.03 5.01
C SER A 242 -17.76 -22.84 5.82
N ALA A 243 -16.66 -23.28 5.21
CA ALA A 243 -15.65 -24.06 5.89
C ALA A 243 -14.90 -23.22 6.92
N HIS A 244 -14.63 -21.96 6.59
CA HIS A 244 -13.91 -21.09 7.51
C HIS A 244 -14.80 -20.76 8.69
N THR A 245 -16.11 -20.66 8.48
CA THR A 245 -17.00 -20.32 9.58
C THR A 245 -17.04 -21.49 10.54
N SER A 246 -17.14 -22.72 10.00
CA SER A 246 -17.22 -23.91 10.81
C SER A 246 -15.94 -24.09 11.64
N HIS A 247 -14.80 -23.84 10.99
CA HIS A 247 -13.47 -23.91 11.60
C HIS A 247 -13.35 -22.83 12.70
N LEU A 248 -13.83 -21.63 12.41
CA LEU A 248 -13.72 -20.56 13.41
C LEU A 248 -14.55 -20.86 14.66
N VAL A 249 -15.84 -21.19 14.47
CA VAL A 249 -16.75 -21.51 15.55
C VAL A 249 -16.27 -22.76 16.27
N GLY A 250 -15.83 -23.78 15.53
CA GLY A 250 -15.32 -25.00 16.11
C GLY A 250 -14.09 -24.79 16.99
N SER A 251 -13.21 -23.85 16.59
CA SER A 251 -12.00 -23.50 17.31
C SER A 251 -12.33 -23.02 18.74
N ALA A 252 -13.56 -22.53 18.95
CA ALA A 252 -14.00 -22.12 20.27
C ALA A 252 -14.61 -23.28 21.06
N LEU A 253 -14.59 -24.48 20.49
CA LEU A 253 -14.95 -25.74 21.11
C LEU A 253 -16.46 -25.85 21.12
N SER A 254 -17.10 -25.07 20.26
CA SER A 254 -18.49 -25.27 19.95
C SER A 254 -18.64 -26.64 19.31
N ASP A 255 -19.75 -27.32 19.61
CA ASP A 255 -19.95 -28.67 19.13
C ASP A 255 -20.19 -28.65 17.61
N PRO A 256 -20.11 -29.81 16.94
CA PRO A 256 -20.36 -29.88 15.49
C PRO A 256 -21.72 -29.34 15.03
N TYR A 257 -22.76 -29.43 15.86
CA TYR A 257 -24.04 -28.89 15.45
C TYR A 257 -23.97 -27.36 15.34
N LEU A 258 -23.44 -26.71 16.35
CA LEU A 258 -23.42 -25.26 16.34
C LEU A 258 -22.45 -24.75 15.27
N SER A 259 -21.36 -25.48 15.04
CA SER A 259 -20.35 -25.14 14.07
C SER A 259 -20.91 -25.24 12.67
N PHE A 260 -21.62 -26.33 12.42
CA PHE A 260 -22.21 -26.53 11.12
C PHE A 260 -23.34 -25.52 10.88
N ALA A 261 -24.15 -25.25 11.89
CA ALA A 261 -25.27 -24.34 11.69
C ALA A 261 -24.76 -22.92 11.41
N ALA A 262 -23.65 -22.54 12.04
CA ALA A 262 -22.98 -21.28 11.70
C ALA A 262 -22.53 -21.29 10.25
N ALA A 263 -21.87 -22.39 9.85
CA ALA A 263 -21.46 -22.54 8.47
C ALA A 263 -22.62 -22.34 7.50
N MET A 264 -23.76 -22.97 7.79
CA MET A 264 -24.95 -22.83 6.95
C MET A 264 -25.39 -21.37 6.82
N ASN A 265 -25.34 -20.61 7.89
CA ASN A 265 -25.68 -19.21 7.82
C ASN A 265 -24.75 -18.51 6.84
N GLY A 266 -23.48 -18.93 6.78
CA GLY A 266 -22.56 -18.38 5.86
C GLY A 266 -22.84 -18.84 4.43
N LEU A 267 -23.20 -20.11 4.29
CA LEU A 267 -23.52 -20.68 2.98
C LEU A 267 -24.76 -20.01 2.42
N ALA A 268 -25.68 -19.57 3.30
CA ALA A 268 -26.91 -18.95 2.84
C ALA A 268 -26.65 -17.57 2.22
N GLY A 269 -25.45 -16.99 2.37
CA GLY A 269 -25.21 -15.69 1.81
C GLY A 269 -25.22 -15.71 0.30
N PRO A 270 -25.74 -14.65 -0.36
CA PRO A 270 -25.66 -14.49 -1.80
C PRO A 270 -24.30 -14.65 -2.48
N LEU A 271 -23.19 -14.21 -1.87
CA LEU A 271 -21.87 -14.39 -2.48
C LEU A 271 -21.28 -15.78 -2.25
N HIS A 272 -22.04 -16.72 -1.67
CA HIS A 272 -21.50 -18.04 -1.39
C HIS A 272 -22.39 -19.15 -1.99
N GLY A 273 -23.51 -19.46 -1.36
CA GLY A 273 -24.23 -20.67 -1.72
C GLY A 273 -25.49 -20.45 -2.54
N LEU A 274 -25.86 -19.19 -2.82
CA LEU A 274 -27.06 -18.92 -3.59
C LEU A 274 -26.79 -18.72 -5.08
N ALA A 275 -25.53 -18.88 -5.52
CA ALA A 275 -25.18 -18.67 -6.92
C ALA A 275 -25.85 -19.68 -7.88
N ASN A 276 -26.13 -20.89 -7.40
CA ASN A 276 -26.76 -21.92 -8.23
C ASN A 276 -28.08 -21.35 -8.79
N GLN A 277 -28.95 -20.94 -7.89
CA GLN A 277 -30.21 -20.33 -8.24
C GLN A 277 -30.00 -19.07 -9.08
N GLU A 278 -28.97 -18.28 -8.74
CA GLU A 278 -28.76 -17.02 -9.44
C GLU A 278 -28.41 -17.33 -10.90
N VAL A 279 -27.56 -18.34 -11.11
CA VAL A 279 -27.28 -18.80 -12.45
C VAL A 279 -28.59 -19.15 -13.13
N LEU A 280 -29.38 -20.03 -12.53
CA LEU A 280 -30.57 -20.56 -13.18
C LEU A 280 -31.60 -19.47 -13.53
N VAL A 281 -31.89 -18.56 -12.61
CA VAL A 281 -32.79 -17.44 -12.91
C VAL A 281 -32.30 -16.60 -14.12
N TRP A 282 -31.00 -16.35 -14.20
CA TRP A 282 -30.40 -15.62 -15.32
C TRP A 282 -30.55 -16.37 -16.65
N LEU A 283 -30.16 -17.65 -16.69
CA LEU A 283 -30.33 -18.50 -17.86
C LEU A 283 -31.78 -18.55 -18.30
N THR A 284 -32.73 -18.45 -17.36
CA THR A 284 -34.14 -18.54 -17.74
C THR A 284 -34.53 -17.22 -18.40
N GLN A 285 -34.14 -16.08 -17.79
CA GLN A 285 -34.42 -14.77 -18.38
C GLN A 285 -33.81 -14.71 -19.78
N LEU A 286 -32.62 -15.30 -19.96
CA LEU A 286 -31.93 -15.38 -21.23
C LEU A 286 -32.68 -16.27 -22.24
N GLN A 287 -33.28 -17.37 -21.78
CA GLN A 287 -33.86 -18.38 -22.66
C GLN A 287 -35.20 -17.90 -23.21
N LYS A 288 -35.88 -17.02 -22.46
CA LYS A 288 -37.14 -16.44 -22.90
C LYS A 288 -36.87 -15.32 -23.92
N GLU A 289 -35.68 -14.71 -23.83
CA GLU A 289 -35.31 -13.56 -24.65
C GLU A 289 -34.66 -13.93 -25.99
N VAL A 290 -34.36 -15.22 -26.16
CA VAL A 290 -34.07 -15.56 -27.54
C VAL A 290 -34.71 -16.89 -27.90
N GLY A 291 -34.40 -17.97 -27.09
CA GLY A 291 -34.99 -19.27 -27.32
C GLY A 291 -33.91 -20.30 -27.64
N LYS A 292 -34.34 -21.56 -27.78
CA LYS A 292 -33.48 -22.69 -28.09
C LYS A 292 -32.50 -22.37 -29.21
N ASP A 293 -32.93 -21.55 -30.17
CA ASP A 293 -32.31 -21.43 -31.48
C ASP A 293 -31.07 -20.53 -31.43
N VAL A 294 -30.93 -19.71 -30.38
CA VAL A 294 -29.97 -18.63 -30.40
C VAL A 294 -28.62 -19.13 -30.95
N SER A 295 -28.02 -18.33 -31.82
CA SER A 295 -26.76 -18.64 -32.47
C SER A 295 -25.59 -18.14 -31.63
N ASP A 296 -24.39 -18.58 -31.99
CA ASP A 296 -23.17 -18.18 -31.29
C ASP A 296 -23.00 -16.67 -31.44
N GLU A 297 -23.38 -16.10 -32.59
CA GLU A 297 -23.29 -14.66 -32.81
C GLU A 297 -24.25 -13.92 -31.88
N LYS A 298 -25.55 -14.29 -31.91
CA LYS A 298 -26.55 -13.71 -31.04
C LYS A 298 -26.12 -13.80 -29.56
N LEU A 299 -25.63 -14.97 -29.17
CA LEU A 299 -25.31 -15.21 -27.76
C LEU A 299 -24.07 -14.39 -27.41
N ARG A 300 -23.02 -14.49 -28.25
CA ARG A 300 -21.82 -13.67 -28.10
C ARG A 300 -22.17 -12.19 -27.95
N ASP A 301 -23.13 -11.72 -28.76
CA ASP A 301 -23.63 -10.35 -28.70
C ASP A 301 -24.23 -10.05 -27.33
N TYR A 302 -25.21 -10.88 -26.95
CA TYR A 302 -25.93 -10.71 -25.70
C TYR A 302 -24.92 -10.61 -24.55
N ILE A 303 -23.87 -11.44 -24.61
CA ILE A 303 -22.84 -11.43 -23.59
C ILE A 303 -22.10 -10.09 -23.58
N TRP A 304 -21.65 -9.63 -24.76
CA TRP A 304 -21.02 -8.34 -24.92
C TRP A 304 -21.87 -7.23 -24.33
N ASN A 305 -23.15 -7.25 -24.72
CA ASN A 305 -24.09 -6.24 -24.26
C ASN A 305 -24.11 -6.25 -22.73
N THR A 306 -24.12 -7.45 -22.12
CA THR A 306 -24.12 -7.64 -20.68
C THR A 306 -22.88 -7.03 -20.03
N LEU A 307 -21.69 -7.32 -20.58
CA LEU A 307 -20.42 -6.86 -20.02
C LEU A 307 -20.24 -5.35 -20.23
N ASN A 308 -20.62 -4.84 -21.42
CA ASN A 308 -20.43 -3.44 -21.77
C ASN A 308 -21.22 -2.54 -20.81
N SER A 309 -22.41 -2.99 -20.41
CA SER A 309 -23.22 -2.31 -19.42
C SER A 309 -22.78 -2.65 -18.01
N GLY A 310 -21.58 -3.21 -17.83
CA GLY A 310 -21.04 -3.51 -16.51
C GLY A 310 -21.92 -4.48 -15.70
N ARG A 311 -22.61 -5.41 -16.39
CA ARG A 311 -23.27 -6.51 -15.71
C ARG A 311 -22.31 -7.69 -15.77
N VAL A 312 -22.69 -8.81 -15.16
CA VAL A 312 -21.76 -9.93 -15.08
C VAL A 312 -22.46 -11.21 -15.50
N VAL A 313 -21.64 -12.13 -15.98
CA VAL A 313 -22.12 -13.48 -16.24
C VAL A 313 -22.05 -14.25 -14.93
N PRO A 314 -23.21 -14.65 -14.38
CA PRO A 314 -23.21 -15.48 -13.17
C PRO A 314 -22.57 -16.83 -13.42
N GLY A 315 -21.84 -17.35 -12.42
CA GLY A 315 -21.23 -18.66 -12.49
C GLY A 315 -19.87 -18.69 -13.19
N TYR A 316 -19.46 -17.56 -13.78
CA TYR A 316 -18.23 -17.49 -14.56
C TYR A 316 -17.18 -16.61 -13.89
N GLY A 317 -16.80 -16.97 -12.66
CA GLY A 317 -15.59 -16.47 -12.02
C GLY A 317 -15.37 -17.19 -10.68
N HIS A 318 -14.26 -16.90 -10.03
CA HIS A 318 -13.99 -17.44 -8.70
C HIS A 318 -12.94 -16.61 -7.99
N ALA A 319 -13.00 -16.63 -6.65
CA ALA A 319 -12.03 -15.94 -5.81
C ALA A 319 -10.64 -16.58 -5.90
N VAL A 320 -10.55 -17.87 -6.27
CA VAL A 320 -9.29 -18.58 -6.17
C VAL A 320 -8.98 -19.24 -7.51
N LEU A 321 -9.93 -20.03 -8.02
CA LEU A 321 -9.76 -20.75 -9.27
C LEU A 321 -9.45 -19.77 -10.41
N ARG A 322 -8.62 -20.22 -11.35
CA ARG A 322 -8.39 -19.43 -12.55
C ARG A 322 -8.35 -20.34 -13.79
N LYS A 323 -9.10 -21.46 -13.73
CA LYS A 323 -9.37 -22.32 -14.88
C LYS A 323 -10.75 -22.95 -14.67
N THR A 324 -11.20 -23.75 -15.62
CA THR A 324 -12.52 -24.36 -15.49
C THR A 324 -12.52 -25.19 -14.20
N ASP A 325 -13.49 -24.91 -13.35
CA ASP A 325 -13.72 -25.70 -12.17
C ASP A 325 -13.91 -27.16 -12.56
N PRO A 326 -13.14 -28.11 -12.01
CA PRO A 326 -13.33 -29.53 -12.29
C PRO A 326 -14.70 -30.01 -11.85
N ARG A 327 -15.36 -29.29 -10.94
CA ARG A 327 -16.71 -29.64 -10.51
C ARG A 327 -17.74 -29.28 -11.57
N TYR A 328 -17.50 -28.17 -12.29
CA TYR A 328 -18.19 -27.90 -13.55
C TYR A 328 -18.03 -29.07 -14.55
N THR A 329 -16.79 -29.46 -14.86
CA THR A 329 -16.50 -30.47 -15.89
C THR A 329 -17.23 -31.75 -15.54
N CYS A 330 -17.25 -32.12 -14.26
CA CYS A 330 -17.98 -33.32 -13.80
C CYS A 330 -19.44 -33.25 -14.17
N GLN A 331 -20.06 -32.10 -13.93
CA GLN A 331 -21.50 -31.97 -14.20
C GLN A 331 -21.73 -31.90 -15.71
N ARG A 332 -20.75 -31.37 -16.44
CA ARG A 332 -20.86 -31.31 -17.88
C ARG A 332 -20.89 -32.74 -18.42
N GLU A 333 -19.99 -33.62 -17.95
CA GLU A 333 -19.91 -35.02 -18.36
C GLU A 333 -21.20 -35.79 -18.00
N PHE A 334 -21.75 -35.58 -16.80
CA PHE A 334 -23.05 -36.14 -16.43
C PHE A 334 -24.08 -35.77 -17.48
N ALA A 335 -24.17 -34.46 -17.79
CA ALA A 335 -25.23 -33.92 -18.62
C ALA A 335 -25.12 -34.46 -20.04
N LEU A 336 -23.91 -34.37 -20.59
CA LEU A 336 -23.62 -34.92 -21.90
C LEU A 336 -24.12 -36.35 -22.02
N LYS A 337 -24.01 -37.10 -20.93
CA LYS A 337 -24.41 -38.50 -20.91
C LYS A 337 -25.92 -38.64 -20.73
N HIS A 338 -26.55 -37.99 -19.75
CA HIS A 338 -27.88 -38.41 -19.36
C HIS A 338 -28.99 -37.47 -19.83
N LEU A 339 -28.66 -36.26 -20.27
CA LEU A 339 -29.67 -35.33 -20.75
C LEU A 339 -29.11 -34.40 -21.82
N PRO A 340 -28.48 -34.94 -22.89
CA PRO A 340 -27.86 -34.09 -23.90
C PRO A 340 -28.82 -33.23 -24.71
N ASN A 341 -30.11 -33.59 -24.72
CA ASN A 341 -31.07 -32.87 -25.55
C ASN A 341 -31.82 -31.81 -24.75
N ASP A 342 -31.53 -31.73 -23.45
CA ASP A 342 -32.13 -30.70 -22.61
C ASP A 342 -31.79 -29.29 -23.13
N PRO A 343 -32.82 -28.47 -23.44
CA PRO A 343 -32.58 -27.11 -23.96
C PRO A 343 -31.76 -26.19 -23.05
N MET A 344 -32.09 -26.22 -21.76
CA MET A 344 -31.37 -25.45 -20.75
C MET A 344 -29.92 -25.95 -20.75
N PHE A 345 -29.73 -27.28 -20.84
CA PHE A 345 -28.36 -27.82 -20.93
C PHE A 345 -27.67 -27.27 -22.18
N LYS A 346 -28.39 -27.28 -23.30
CA LYS A 346 -27.87 -26.77 -24.57
C LYS A 346 -27.32 -25.34 -24.39
N LEU A 347 -28.10 -24.46 -23.73
CA LEU A 347 -27.65 -23.09 -23.54
C LEU A 347 -26.38 -23.03 -22.68
N VAL A 348 -26.34 -23.83 -21.63
CA VAL A 348 -25.22 -23.80 -20.72
C VAL A 348 -23.98 -24.25 -21.51
N ALA A 349 -24.10 -25.31 -22.31
CA ALA A 349 -22.99 -25.74 -23.15
C ALA A 349 -22.58 -24.66 -24.17
N GLN A 350 -23.54 -23.98 -24.81
CA GLN A 350 -23.17 -22.90 -25.73
C GLN A 350 -22.37 -21.85 -24.98
N LEU A 351 -22.80 -21.52 -23.76
CA LEU A 351 -22.14 -20.49 -22.99
C LEU A 351 -20.68 -20.85 -22.72
N TYR A 352 -20.40 -22.16 -22.54
CA TYR A 352 -19.05 -22.63 -22.30
C TYR A 352 -18.17 -22.41 -23.53
N LYS A 353 -18.79 -22.56 -24.71
CA LYS A 353 -18.21 -22.33 -26.03
C LYS A 353 -17.82 -20.85 -26.21
N ILE A 354 -18.64 -19.91 -25.69
CA ILE A 354 -18.60 -18.49 -26.01
C ILE A 354 -18.00 -17.64 -24.89
N VAL A 355 -18.56 -17.68 -23.66
CA VAL A 355 -18.29 -16.69 -22.63
C VAL A 355 -16.80 -16.61 -22.28
N PRO A 356 -16.05 -17.73 -22.17
CA PRO A 356 -14.67 -17.63 -21.66
C PRO A 356 -13.74 -16.75 -22.52
N ASN A 357 -13.92 -16.80 -23.84
CA ASN A 357 -13.26 -15.91 -24.77
C ASN A 357 -13.69 -14.45 -24.57
N VAL A 358 -15.00 -14.18 -24.50
CA VAL A 358 -15.46 -12.81 -24.34
C VAL A 358 -14.78 -12.18 -23.14
N LEU A 359 -14.58 -12.97 -22.07
CA LEU A 359 -14.03 -12.48 -20.82
C LEU A 359 -12.51 -12.26 -20.96
N LEU A 360 -11.88 -13.06 -21.80
CA LEU A 360 -10.40 -12.95 -21.90
C LEU A 360 -10.09 -11.75 -22.80
N GLU A 361 -10.68 -11.70 -24.00
CA GLU A 361 -10.49 -10.52 -24.88
C GLU A 361 -10.62 -9.25 -24.04
N GLN A 362 -11.75 -9.11 -23.34
CA GLN A 362 -11.98 -7.89 -22.53
C GLN A 362 -10.73 -7.65 -21.67
N GLY A 363 -10.42 -8.56 -20.74
CA GLY A 363 -9.14 -8.43 -20.01
C GLY A 363 -9.28 -8.30 -18.51
N LYS A 364 -10.42 -7.85 -18.02
CA LYS A 364 -10.54 -7.62 -16.57
C LYS A 364 -10.99 -8.90 -15.86
N ALA A 365 -11.08 -10.01 -16.61
CA ALA A 365 -11.46 -11.30 -16.05
C ALA A 365 -10.23 -11.98 -15.44
N LYS A 366 -10.16 -11.98 -14.09
CA LYS A 366 -9.10 -12.67 -13.38
C LYS A 366 -9.31 -14.19 -13.51
N ASN A 367 -10.57 -14.60 -13.66
CA ASN A 367 -10.92 -15.98 -13.98
C ASN A 367 -12.06 -15.99 -15.00
N PRO A 368 -11.77 -16.27 -16.31
CA PRO A 368 -12.81 -16.26 -17.35
C PRO A 368 -13.67 -17.52 -17.49
N TRP A 369 -13.39 -18.53 -16.66
CA TRP A 369 -13.95 -19.85 -16.85
C TRP A 369 -15.12 -20.07 -15.90
N PRO A 370 -16.00 -21.07 -16.16
CA PRO A 370 -17.13 -21.32 -15.26
C PRO A 370 -16.76 -22.04 -13.95
N ASN A 371 -17.55 -21.77 -12.90
CA ASN A 371 -17.43 -22.51 -11.67
C ASN A 371 -18.64 -23.43 -11.55
N VAL A 372 -18.65 -24.24 -10.47
CA VAL A 372 -19.62 -25.31 -10.31
C VAL A 372 -21.03 -24.80 -10.52
N ASP A 373 -21.32 -23.59 -10.03
CA ASP A 373 -22.69 -23.08 -9.95
C ASP A 373 -23.30 -22.76 -11.33
N ALA A 374 -22.46 -22.60 -12.35
CA ALA A 374 -22.95 -22.44 -13.71
C ALA A 374 -23.70 -23.67 -14.22
N HIS A 375 -23.46 -24.85 -13.66
CA HIS A 375 -23.95 -26.08 -14.28
C HIS A 375 -24.97 -26.81 -13.44
N SER A 376 -25.08 -26.49 -12.14
CA SER A 376 -25.73 -27.41 -11.23
C SER A 376 -27.26 -27.33 -11.38
N GLY A 377 -27.78 -26.10 -11.55
CA GLY A 377 -29.21 -25.89 -11.59
C GLY A 377 -29.92 -26.64 -12.70
N VAL A 378 -29.34 -26.64 -13.92
CA VAL A 378 -30.00 -27.27 -15.05
C VAL A 378 -30.16 -28.77 -14.81
N LEU A 379 -29.18 -29.42 -14.16
CA LEU A 379 -29.28 -30.83 -13.84
C LEU A 379 -30.43 -31.10 -12.85
N LEU A 380 -30.46 -30.33 -11.78
CA LEU A 380 -31.50 -30.47 -10.78
C LEU A 380 -32.88 -30.30 -11.41
N GLN A 381 -33.09 -29.19 -12.12
CA GLN A 381 -34.36 -28.82 -12.73
C GLN A 381 -34.84 -29.95 -13.65
N TYR A 382 -33.90 -30.51 -14.41
CA TYR A 382 -34.17 -31.59 -15.36
C TYR A 382 -34.88 -32.78 -14.70
N TYR A 383 -34.60 -33.07 -13.42
CA TYR A 383 -35.18 -34.24 -12.75
C TYR A 383 -36.42 -33.87 -11.93
N GLY A 384 -36.94 -32.63 -12.07
CA GLY A 384 -38.18 -32.28 -11.38
C GLY A 384 -37.99 -31.46 -10.10
N MET A 385 -36.73 -31.21 -9.73
CA MET A 385 -36.36 -30.44 -8.55
C MET A 385 -36.18 -28.98 -8.98
N THR A 386 -37.33 -28.28 -9.01
CA THR A 386 -37.46 -26.97 -9.63
C THR A 386 -37.61 -25.88 -8.57
N GLU A 387 -37.59 -26.28 -7.28
CA GLU A 387 -37.76 -25.34 -6.19
C GLU A 387 -36.38 -24.77 -5.84
N MET A 388 -36.09 -23.62 -6.43
CA MET A 388 -34.72 -23.12 -6.50
C MET A 388 -34.23 -22.60 -5.16
N ASN A 389 -35.16 -22.21 -4.29
CA ASN A 389 -34.81 -21.79 -2.94
C ASN A 389 -34.11 -22.95 -2.22
N TYR A 390 -34.40 -24.20 -2.64
CA TYR A 390 -33.99 -25.34 -1.85
C TYR A 390 -32.56 -25.76 -2.22
N TYR A 391 -32.02 -25.24 -3.33
CA TYR A 391 -30.80 -25.78 -3.88
C TYR A 391 -29.65 -25.68 -2.88
N THR A 392 -29.63 -24.59 -2.12
CA THR A 392 -28.53 -24.40 -1.17
C THR A 392 -28.60 -25.44 -0.06
N VAL A 393 -29.79 -26.00 0.22
CA VAL A 393 -29.92 -27.05 1.21
C VAL A 393 -29.13 -28.28 0.76
N LEU A 394 -29.24 -28.64 -0.52
CA LEU A 394 -28.39 -29.73 -1.03
C LEU A 394 -26.91 -29.40 -0.87
N PHE A 395 -26.49 -28.17 -1.16
CA PHE A 395 -25.08 -27.83 -1.04
C PHE A 395 -24.65 -28.04 0.41
N GLY A 396 -25.48 -27.50 1.32
CA GLY A 396 -25.28 -27.64 2.75
C GLY A 396 -25.08 -29.08 3.17
N VAL A 397 -25.95 -29.98 2.72
CA VAL A 397 -25.87 -31.37 3.12
C VAL A 397 -24.53 -31.95 2.68
N SER A 398 -24.08 -31.52 1.50
CA SER A 398 -22.84 -31.99 0.93
C SER A 398 -21.66 -31.46 1.73
N ARG A 399 -21.71 -30.15 2.03
CA ARG A 399 -20.60 -29.45 2.66
C ARG A 399 -20.35 -30.00 4.08
N ALA A 400 -21.38 -30.58 4.69
CA ALA A 400 -21.26 -31.19 6.02
C ALA A 400 -20.10 -32.18 6.05
N LEU A 401 -19.83 -32.88 4.94
CA LEU A 401 -18.87 -33.96 4.92
C LEU A 401 -17.45 -33.41 5.04
N GLY A 402 -17.17 -32.34 4.28
CA GLY A 402 -15.86 -31.74 4.30
C GLY A 402 -15.55 -31.03 5.62
N VAL A 403 -16.48 -30.20 6.07
CA VAL A 403 -16.22 -29.39 7.24
C VAL A 403 -16.21 -30.27 8.49
N LEU A 404 -17.07 -31.29 8.59
CA LEU A 404 -17.08 -32.16 9.74
C LEU A 404 -15.84 -33.06 9.73
N ALA A 405 -15.37 -33.46 8.55
CA ALA A 405 -14.17 -34.27 8.48
C ALA A 405 -12.97 -33.46 8.97
N GLN A 406 -12.89 -32.18 8.58
CA GLN A 406 -11.81 -31.30 9.04
C GLN A 406 -11.99 -31.00 10.53
N LEU A 407 -13.23 -30.84 10.98
CA LEU A 407 -13.43 -30.54 12.40
C LEU A 407 -12.90 -31.67 13.30
N ILE A 408 -13.00 -32.92 12.89
CA ILE A 408 -12.47 -34.04 13.66
C ILE A 408 -10.94 -33.90 13.83
N TRP A 409 -10.26 -33.58 12.75
CA TRP A 409 -8.83 -33.31 12.69
C TRP A 409 -8.37 -32.04 13.42
N SER A 410 -9.16 -30.94 13.34
CA SER A 410 -8.88 -29.73 14.09
C SER A 410 -8.84 -29.96 15.62
N ARG A 411 -9.76 -30.76 16.15
CA ARG A 411 -9.71 -31.21 17.54
C ARG A 411 -8.63 -32.27 17.78
N ALA A 412 -8.45 -33.18 16.83
CA ALA A 412 -7.50 -34.25 17.02
C ALA A 412 -6.09 -33.64 17.16
N LEU A 413 -5.80 -32.58 16.38
CA LEU A 413 -4.49 -31.93 16.38
C LEU A 413 -4.38 -30.74 17.31
N GLY A 414 -5.47 -30.37 18.01
CA GLY A 414 -5.45 -29.36 19.04
C GLY A 414 -5.21 -27.94 18.50
N PHE A 415 -5.75 -27.65 17.31
CA PHE A 415 -5.80 -26.31 16.75
C PHE A 415 -6.43 -25.39 17.79
N PRO A 416 -5.80 -24.25 18.11
CA PRO A 416 -6.34 -23.33 19.13
C PRO A 416 -7.48 -22.44 18.64
N LEU A 417 -7.99 -21.59 19.51
CA LEU A 417 -8.94 -20.57 19.09
C LEU A 417 -8.38 -19.78 17.92
N GLU A 418 -9.21 -19.53 16.93
CA GLU A 418 -8.81 -18.65 15.85
C GLU A 418 -9.04 -17.23 16.35
N ARG A 419 -7.99 -16.41 16.45
CA ARG A 419 -8.07 -15.09 17.04
C ARG A 419 -7.04 -14.23 16.31
N PRO A 420 -7.35 -13.80 15.08
CA PRO A 420 -6.53 -12.81 14.38
C PRO A 420 -6.68 -11.47 15.09
N LYS A 421 -5.76 -10.57 14.76
CA LYS A 421 -5.77 -9.22 15.28
C LYS A 421 -6.52 -8.36 14.28
N SER A 422 -7.46 -7.55 14.77
CA SER A 422 -8.18 -6.61 13.92
C SER A 422 -7.53 -5.25 14.14
N MET A 423 -7.66 -4.35 13.13
CA MET A 423 -7.28 -2.96 13.29
C MET A 423 -8.38 -2.06 12.80
N SER A 424 -8.49 -0.86 13.39
CA SER A 424 -9.28 0.19 12.79
C SER A 424 -8.44 0.87 11.70
N THR A 425 -9.13 1.57 10.79
CA THR A 425 -8.44 2.31 9.73
C THR A 425 -7.52 3.33 10.37
N GLU A 426 -8.01 3.97 11.45
CA GLU A 426 -7.26 4.99 12.16
C GLU A 426 -6.02 4.34 12.76
N GLY A 427 -6.21 3.21 13.46
CA GLY A 427 -5.10 2.50 14.09
C GLY A 427 -4.12 1.98 13.05
N LEU A 428 -4.65 1.58 11.90
CA LEU A 428 -3.82 0.99 10.86
C LEU A 428 -2.96 2.06 10.19
N MET A 429 -3.54 3.25 9.92
CA MET A 429 -2.78 4.39 9.41
C MET A 429 -1.61 4.70 10.35
N LYS A 430 -1.89 4.73 11.67
CA LYS A 430 -0.88 5.06 12.68
C LYS A 430 0.19 3.99 12.77
N PHE A 431 -0.18 2.72 12.59
CA PHE A 431 0.76 1.62 12.65
C PHE A 431 1.69 1.65 11.44
N VAL A 432 1.12 1.94 10.27
CA VAL A 432 1.91 2.03 9.06
C VAL A 432 2.92 3.19 9.13
N ASP A 433 2.51 4.32 9.71
CA ASP A 433 3.38 5.48 9.88
C ASP A 433 4.52 5.23 10.89
N SER A 434 4.38 4.25 11.79
CA SER A 434 5.39 3.95 12.78
C SER A 434 6.56 3.15 12.18
N SER B 1 -30.65 15.18 12.00
CA SER B 1 -30.51 15.87 13.31
C SER B 1 -30.81 14.91 14.47
N THR B 2 -31.96 14.27 14.37
CA THR B 2 -32.30 13.29 15.38
C THR B 2 -32.28 11.89 14.76
N ASN B 3 -32.48 11.79 13.44
CA ASN B 3 -32.62 10.48 12.81
C ASN B 3 -31.23 9.91 12.56
N LEU B 4 -30.87 8.82 13.21
CA LEU B 4 -29.54 8.22 13.11
C LEU B 4 -29.22 7.82 11.68
N LYS B 5 -30.23 7.36 10.92
CA LYS B 5 -30.01 6.91 9.56
C LYS B 5 -29.52 8.06 8.66
N ASP B 6 -30.05 9.28 8.86
CA ASP B 6 -29.65 10.43 8.07
C ASP B 6 -28.30 10.96 8.52
N ILE B 7 -27.97 10.84 9.82
CA ILE B 7 -26.66 11.26 10.30
C ILE B 7 -25.61 10.32 9.71
N LEU B 8 -25.91 9.04 9.74
CA LEU B 8 -25.01 8.03 9.22
C LEU B 8 -24.80 8.18 7.71
N ALA B 9 -25.86 8.52 6.96
CA ALA B 9 -25.72 8.77 5.54
C ALA B 9 -24.75 9.91 5.27
N ASP B 10 -24.64 10.90 6.17
CA ASP B 10 -23.74 12.00 5.96
C ASP B 10 -22.31 11.63 6.33
N LEU B 11 -22.13 10.70 7.28
CA LEU B 11 -20.82 10.23 7.73
C LEU B 11 -20.17 9.26 6.74
N ILE B 12 -20.96 8.51 5.95
CA ILE B 12 -20.43 7.39 5.18
C ILE B 12 -19.47 7.84 4.07
N PRO B 13 -19.80 8.87 3.24
CA PRO B 13 -18.87 9.37 2.21
C PRO B 13 -17.49 9.85 2.67
N LYS B 14 -17.41 10.50 3.83
CA LYS B 14 -16.14 10.93 4.40
C LYS B 14 -15.25 9.74 4.79
N GLU B 15 -15.87 8.70 5.34
CA GLU B 15 -15.13 7.54 5.77
C GLU B 15 -14.69 6.73 4.55
N GLN B 16 -15.55 6.64 3.53
CA GLN B 16 -15.24 5.97 2.27
C GLN B 16 -14.03 6.62 1.61
N ALA B 17 -13.98 7.96 1.58
CA ALA B 17 -12.86 8.70 0.99
C ALA B 17 -11.59 8.57 1.83
N ARG B 18 -11.78 8.54 3.15
CA ARG B 18 -10.67 8.38 4.05
C ARG B 18 -9.96 7.07 3.74
N ILE B 19 -10.75 6.02 3.58
CA ILE B 19 -10.21 4.69 3.39
C ILE B 19 -9.61 4.58 1.99
N LYS B 20 -10.31 5.13 1.01
CA LYS B 20 -9.83 5.07 -0.36
C LYS B 20 -8.48 5.81 -0.44
N THR B 21 -8.34 6.93 0.28
CA THR B 21 -7.08 7.66 0.27
C THR B 21 -5.96 6.76 0.84
N PHE B 22 -6.25 6.01 1.90
CA PHE B 22 -5.19 5.32 2.62
C PHE B 22 -4.74 4.09 1.83
N ARG B 23 -5.70 3.45 1.16
CA ARG B 23 -5.42 2.31 0.32
C ARG B 23 -4.61 2.73 -0.91
N GLN B 24 -5.01 3.85 -1.53
CA GLN B 24 -4.29 4.39 -2.66
C GLN B 24 -2.87 4.81 -2.25
N GLN B 25 -2.68 5.20 -1.00
CA GLN B 25 -1.36 5.57 -0.53
C GLN B 25 -0.54 4.38 -0.03
N HIS B 26 -1.17 3.36 0.57
CA HIS B 26 -0.43 2.37 1.32
C HIS B 26 -0.90 0.94 1.11
N GLY B 27 -1.60 0.69 -0.02
CA GLY B 27 -2.26 -0.57 -0.27
C GLY B 27 -1.26 -1.73 -0.27
N LYS B 28 -0.10 -1.52 -0.90
CA LYS B 28 0.86 -2.59 -1.09
C LYS B 28 1.84 -2.66 0.09
N THR B 29 1.72 -1.75 1.07
CA THR B 29 2.63 -1.73 2.22
C THR B 29 2.44 -3.00 3.07
N VAL B 30 3.55 -3.67 3.41
CA VAL B 30 3.53 -4.87 4.22
C VAL B 30 3.30 -4.48 5.68
N VAL B 31 2.33 -5.11 6.34
CA VAL B 31 2.04 -4.79 7.72
C VAL B 31 2.49 -5.89 8.66
N GLY B 32 2.72 -7.10 8.14
CA GLY B 32 3.29 -8.19 8.92
C GLY B 32 3.65 -9.35 7.99
N GLN B 33 4.14 -10.40 8.62
CA GLN B 33 4.55 -11.60 7.92
C GLN B 33 3.65 -12.69 8.46
N ILE B 34 3.50 -13.75 7.67
CA ILE B 34 2.76 -14.91 8.10
C ILE B 34 3.79 -16.01 8.23
N THR B 35 3.88 -16.61 9.42
CA THR B 35 4.72 -17.77 9.61
C THR B 35 3.86 -19.02 9.60
N VAL B 36 4.56 -20.14 9.48
CA VAL B 36 3.99 -21.46 9.60
C VAL B 36 3.34 -21.58 10.97
N ASP B 37 4.00 -21.10 12.03
CA ASP B 37 3.40 -21.14 13.35
C ASP B 37 2.05 -20.42 13.41
N MET B 38 1.88 -19.34 12.64
CA MET B 38 0.69 -18.52 12.81
C MET B 38 -0.50 -19.25 12.19
N MET B 39 -0.23 -20.00 11.12
CA MET B 39 -1.22 -20.81 10.42
C MET B 39 -1.70 -21.94 11.33
N TYR B 40 -0.77 -22.62 12.02
CA TYR B 40 -1.15 -23.64 12.98
C TYR B 40 -1.71 -23.03 14.26
N GLY B 41 -1.38 -21.76 14.57
CA GLY B 41 -1.71 -21.17 15.86
C GLY B 41 -2.98 -20.30 15.82
N GLY B 42 -3.85 -20.53 14.84
CA GLY B 42 -5.10 -19.77 14.77
C GLY B 42 -4.87 -18.29 14.48
N MET B 43 -3.95 -18.01 13.55
CA MET B 43 -3.66 -16.68 13.07
C MET B 43 -3.22 -15.77 14.22
N ARG B 44 -2.73 -16.34 15.31
CA ARG B 44 -2.42 -15.53 16.47
C ARG B 44 -1.43 -14.42 16.08
N GLY B 45 -1.74 -13.17 16.48
CA GLY B 45 -0.92 -12.01 16.15
C GLY B 45 -0.74 -11.79 14.65
N MET B 46 -1.74 -12.18 13.86
CA MET B 46 -1.81 -11.89 12.45
C MET B 46 -2.84 -10.78 12.30
N LYS B 47 -2.42 -9.62 11.76
CA LYS B 47 -3.34 -8.55 11.42
C LYS B 47 -4.16 -9.00 10.21
N GLY B 48 -5.41 -9.40 10.47
CA GLY B 48 -6.20 -10.14 9.50
C GLY B 48 -7.35 -9.31 8.94
N LEU B 49 -7.86 -8.37 9.70
CA LEU B 49 -9.08 -7.70 9.27
C LEU B 49 -9.19 -6.30 9.84
N VAL B 50 -10.01 -5.51 9.16
CA VAL B 50 -10.27 -4.14 9.52
C VAL B 50 -11.62 -4.09 10.22
N TYR B 51 -11.63 -3.47 11.40
CA TYR B 51 -12.83 -3.40 12.21
C TYR B 51 -12.82 -2.09 12.99
N GLU B 52 -13.83 -1.26 12.73
CA GLU B 52 -13.74 0.17 12.98
C GLU B 52 -14.23 0.55 14.38
N THR B 53 -15.06 -0.29 15.00
CA THR B 53 -15.89 0.18 16.10
C THR B 53 -15.11 0.24 17.42
N SER B 54 -14.22 -0.74 17.66
CA SER B 54 -13.47 -0.80 18.90
C SER B 54 -12.04 -1.31 18.66
N VAL B 55 -11.13 -0.83 19.50
CA VAL B 55 -9.69 -1.12 19.42
C VAL B 55 -9.19 -1.35 20.85
N LEU B 56 -8.34 -2.37 21.05
CA LEU B 56 -7.70 -2.65 22.33
C LEU B 56 -6.49 -1.72 22.58
N ASP B 57 -6.67 -0.71 23.44
CA ASP B 57 -5.56 0.13 23.87
C ASP B 57 -4.75 -0.69 24.88
N PRO B 58 -3.46 -0.99 24.58
CA PRO B 58 -2.73 -2.01 25.34
C PRO B 58 -2.47 -1.62 26.80
N ASP B 59 -2.57 -0.32 27.11
CA ASP B 59 -2.55 0.09 28.51
C ASP B 59 -4.01 0.22 28.97
N GLU B 60 -4.79 1.11 28.34
CA GLU B 60 -6.06 1.59 28.90
C GLU B 60 -7.27 0.71 28.55
N GLY B 61 -7.04 -0.51 27.99
CA GLY B 61 -8.09 -1.50 27.72
C GLY B 61 -8.88 -1.17 26.46
N ILE B 62 -10.13 -1.68 26.35
CA ILE B 62 -10.94 -1.45 25.15
C ILE B 62 -11.32 0.03 25.01
N ARG B 63 -11.31 0.49 23.76
CA ARG B 63 -11.76 1.81 23.38
C ARG B 63 -12.85 1.68 22.34
N PHE B 64 -13.95 2.41 22.59
CA PHE B 64 -15.09 2.48 21.69
C PHE B 64 -14.97 3.77 20.89
N ARG B 65 -14.60 3.62 19.62
CA ARG B 65 -14.35 4.76 18.77
C ARG B 65 -13.50 5.80 19.48
N GLY B 66 -12.41 5.34 20.11
CA GLY B 66 -11.48 6.24 20.78
C GLY B 66 -11.79 6.46 22.28
N PHE B 67 -13.01 6.17 22.74
CA PHE B 67 -13.40 6.43 24.13
C PHE B 67 -13.19 5.16 24.98
N SER B 68 -12.44 5.32 26.08
CA SER B 68 -12.26 4.31 27.11
C SER B 68 -13.56 4.09 27.88
N ILE B 69 -13.65 3.00 28.65
CA ILE B 69 -14.84 2.76 29.46
C ILE B 69 -15.10 3.90 30.45
N PRO B 70 -14.11 4.34 31.26
CA PRO B 70 -14.29 5.49 32.15
C PRO B 70 -14.82 6.74 31.45
N GLU B 71 -14.35 7.01 30.21
CA GLU B 71 -14.86 8.14 29.45
C GLU B 71 -16.33 7.95 29.04
N CYS B 72 -16.67 6.72 28.62
CA CYS B 72 -18.04 6.39 28.26
C CYS B 72 -18.94 6.50 29.49
N GLN B 73 -18.46 6.00 30.63
CA GLN B 73 -19.16 6.13 31.89
C GLN B 73 -19.43 7.60 32.20
N LYS B 74 -18.45 8.45 31.95
CA LYS B 74 -18.60 9.88 32.16
C LYS B 74 -19.54 10.50 31.12
N LEU B 75 -19.35 10.19 29.82
CA LEU B 75 -19.92 11.04 28.77
C LEU B 75 -21.29 10.57 28.29
N LEU B 76 -21.54 9.26 28.31
CA LEU B 76 -22.74 8.74 27.68
C LEU B 76 -23.97 9.11 28.52
N PRO B 77 -25.12 9.46 27.89
CA PRO B 77 -26.33 9.71 28.67
C PRO B 77 -26.74 8.52 29.54
N LYS B 78 -27.44 8.84 30.64
CA LYS B 78 -27.88 7.93 31.67
C LYS B 78 -29.41 7.95 31.63
N ALA B 79 -30.07 6.95 32.23
CA ALA B 79 -31.48 7.10 32.53
C ALA B 79 -31.69 8.30 33.46
N LYS B 80 -32.92 8.83 33.46
CA LYS B 80 -33.36 9.80 34.46
C LYS B 80 -33.18 9.22 35.86
N GLY B 81 -32.19 9.73 36.58
CA GLY B 81 -31.93 9.36 37.96
C GLY B 81 -30.86 8.27 38.09
N GLY B 82 -30.29 7.84 36.96
CA GLY B 82 -29.32 6.75 36.97
C GLY B 82 -27.88 7.26 36.89
N GLU B 83 -26.92 6.36 37.10
CA GLU B 83 -25.51 6.68 36.96
C GLU B 83 -24.91 5.88 35.79
N GLU B 84 -25.60 4.86 35.30
CA GLU B 84 -24.92 3.92 34.41
C GLU B 84 -25.25 4.26 32.95
N PRO B 85 -24.27 4.29 32.01
CA PRO B 85 -24.51 4.65 30.61
C PRO B 85 -25.61 3.80 29.98
N LEU B 86 -26.51 4.42 29.20
CA LEU B 86 -27.46 3.64 28.43
C LEU B 86 -26.75 2.97 27.24
N PRO B 87 -26.93 1.64 27.03
CA PRO B 87 -26.43 0.95 25.83
C PRO B 87 -26.83 1.57 24.50
N GLU B 88 -28.01 2.22 24.46
CA GLU B 88 -28.40 2.99 23.29
C GLU B 88 -27.30 3.98 22.92
N GLY B 89 -26.80 4.67 23.92
CA GLY B 89 -25.88 5.76 23.66
C GLY B 89 -24.56 5.19 23.22
N LEU B 90 -24.23 4.01 23.75
CA LEU B 90 -23.07 3.29 23.27
C LEU B 90 -23.25 2.87 21.80
N PHE B 91 -24.43 2.43 21.41
CA PHE B 91 -24.64 2.02 20.03
C PHE B 91 -24.46 3.23 19.11
N TRP B 92 -25.01 4.37 19.50
CA TRP B 92 -24.89 5.61 18.74
C TRP B 92 -23.42 5.94 18.52
N LEU B 93 -22.66 5.86 19.60
CA LEU B 93 -21.22 6.13 19.53
C LEU B 93 -20.53 5.19 18.54
N LEU B 94 -20.88 3.89 18.60
CA LEU B 94 -20.24 2.91 17.73
C LEU B 94 -20.51 3.20 16.26
N VAL B 95 -21.76 3.49 15.96
CA VAL B 95 -22.19 3.78 14.60
C VAL B 95 -21.67 5.13 14.07
N THR B 96 -21.68 6.19 14.89
CA THR B 96 -21.45 7.54 14.41
C THR B 96 -20.02 8.00 14.73
N GLY B 97 -19.38 7.38 15.74
CA GLY B 97 -18.07 7.83 16.21
C GLY B 97 -18.18 9.06 17.13
N HIS B 98 -19.43 9.49 17.41
CA HIS B 98 -19.71 10.67 18.23
C HIS B 98 -20.51 10.26 19.47
N ILE B 99 -20.32 11.02 20.54
CA ILE B 99 -21.14 10.94 21.73
C ILE B 99 -22.54 11.45 21.42
N PRO B 100 -23.62 10.66 21.66
CA PRO B 100 -24.97 11.18 21.46
C PRO B 100 -25.32 12.24 22.52
N THR B 101 -26.32 13.05 22.20
CA THR B 101 -26.96 13.91 23.18
C THR B 101 -28.04 13.06 23.82
N GLU B 102 -28.64 13.59 24.90
CA GLU B 102 -29.72 12.94 25.61
C GLU B 102 -30.93 12.82 24.68
N GLU B 103 -31.12 13.80 23.80
CA GLU B 103 -32.21 13.75 22.84
C GLU B 103 -31.97 12.62 21.82
N GLN B 104 -30.74 12.39 21.39
CA GLN B 104 -30.49 11.29 20.46
C GLN B 104 -30.68 9.91 21.11
N VAL B 105 -30.15 9.71 22.32
CA VAL B 105 -30.39 8.46 23.02
C VAL B 105 -31.89 8.23 23.21
N SER B 106 -32.62 9.29 23.58
CA SER B 106 -34.05 9.18 23.81
C SER B 106 -34.82 8.77 22.53
N TRP B 107 -34.59 9.45 21.41
CA TRP B 107 -35.06 8.98 20.09
C TRP B 107 -34.72 7.51 19.83
N LEU B 108 -33.50 7.08 20.10
CA LEU B 108 -33.12 5.69 19.83
C LEU B 108 -33.90 4.69 20.70
N SER B 109 -34.12 5.00 21.99
CA SER B 109 -34.94 4.15 22.85
C SER B 109 -36.32 3.98 22.20
N LYS B 110 -36.88 5.07 21.70
CA LYS B 110 -38.26 5.03 21.18
C LYS B 110 -38.26 4.18 19.92
N GLU B 111 -37.20 4.32 19.14
CA GLU B 111 -37.14 3.60 17.88
C GLU B 111 -37.03 2.10 18.18
N TRP B 112 -36.23 1.72 19.18
CA TRP B 112 -36.09 0.31 19.48
C TRP B 112 -37.36 -0.28 20.11
N ALA B 113 -38.07 0.48 20.96
CA ALA B 113 -39.32 0.02 21.51
C ALA B 113 -40.38 -0.19 20.42
N LYS B 114 -40.37 0.62 19.36
CA LYS B 114 -41.40 0.51 18.33
C LYS B 114 -41.14 -0.66 17.36
N ARG B 115 -39.93 -1.20 17.29
CA ARG B 115 -39.63 -2.32 16.42
C ARG B 115 -39.61 -3.69 17.13
N ALA B 116 -39.96 -3.72 18.41
CA ALA B 116 -39.66 -4.84 19.28
C ALA B 116 -40.56 -6.07 19.09
N ALA B 117 -41.65 -5.98 18.30
CA ALA B 117 -42.63 -7.04 18.21
C ALA B 117 -42.02 -8.29 17.55
N LEU B 118 -42.31 -9.47 18.11
CA LEU B 118 -41.83 -10.72 17.55
C LEU B 118 -42.93 -11.31 16.65
N PRO B 119 -42.56 -11.89 15.49
CA PRO B 119 -43.50 -12.66 14.70
C PRO B 119 -43.95 -13.92 15.44
N SER B 120 -45.20 -14.29 15.16
CA SER B 120 -45.84 -15.37 15.87
C SER B 120 -45.01 -16.66 15.77
N HIS B 121 -44.43 -16.95 14.58
CA HIS B 121 -43.78 -18.23 14.39
C HIS B 121 -42.57 -18.31 15.34
N VAL B 122 -42.01 -17.15 15.72
CA VAL B 122 -40.82 -17.19 16.58
C VAL B 122 -41.29 -17.46 18.00
N VAL B 123 -42.36 -16.77 18.42
CA VAL B 123 -42.94 -17.02 19.73
C VAL B 123 -43.28 -18.51 19.88
N THR B 124 -43.97 -19.07 18.90
CA THR B 124 -44.33 -20.47 18.91
C THR B 124 -43.09 -21.34 19.01
N MET B 125 -42.12 -21.08 18.15
CA MET B 125 -40.89 -21.85 18.20
C MET B 125 -40.33 -21.89 19.63
N LEU B 126 -40.25 -20.70 20.25
CA LEU B 126 -39.63 -20.53 21.54
C LEU B 126 -40.44 -21.26 22.60
N ASP B 127 -41.76 -21.12 22.56
CA ASP B 127 -42.63 -21.79 23.51
C ASP B 127 -42.51 -23.32 23.36
N ASN B 128 -42.06 -23.82 22.20
CA ASN B 128 -42.03 -25.26 22.00
C ASN B 128 -40.64 -25.87 22.25
N PHE B 129 -39.63 -25.02 22.53
CA PHE B 129 -38.30 -25.56 22.81
C PHE B 129 -38.34 -26.32 24.14
N PRO B 130 -37.69 -27.49 24.25
CA PRO B 130 -37.56 -28.16 25.53
C PRO B 130 -36.52 -27.47 26.41
N THR B 131 -36.63 -27.77 27.71
CA THR B 131 -35.76 -27.36 28.80
C THR B 131 -34.32 -27.81 28.61
N ASN B 132 -34.07 -28.92 27.91
CA ASN B 132 -32.69 -29.38 27.72
C ASN B 132 -32.01 -28.71 26.52
N LEU B 133 -32.69 -27.82 25.79
CA LEU B 133 -32.02 -27.07 24.72
C LEU B 133 -31.41 -25.85 25.37
N HIS B 134 -30.08 -25.76 25.36
CA HIS B 134 -29.36 -24.72 26.07
C HIS B 134 -29.90 -23.36 25.65
N PRO B 135 -30.01 -22.36 26.56
CA PRO B 135 -30.46 -21.01 26.19
C PRO B 135 -29.79 -20.34 24.98
N MET B 136 -28.49 -20.57 24.80
CA MET B 136 -27.73 -19.98 23.70
C MET B 136 -28.15 -20.54 22.33
N SER B 137 -28.53 -21.81 22.32
CA SER B 137 -28.96 -22.49 21.11
C SER B 137 -30.36 -22.01 20.77
N GLN B 138 -31.15 -21.77 21.82
CA GLN B 138 -32.49 -21.24 21.64
C GLN B 138 -32.38 -19.82 21.07
N LEU B 139 -31.43 -19.02 21.57
CA LEU B 139 -31.22 -17.68 21.08
C LEU B 139 -30.80 -17.73 19.61
N SER B 140 -29.81 -18.55 19.29
CA SER B 140 -29.30 -18.66 17.94
C SER B 140 -30.39 -19.10 16.97
N ALA B 141 -31.12 -20.17 17.30
CA ALA B 141 -32.19 -20.69 16.45
C ALA B 141 -33.31 -19.66 16.25
N ALA B 142 -33.73 -19.01 17.33
CA ALA B 142 -34.74 -17.97 17.25
C ALA B 142 -34.29 -16.81 16.37
N VAL B 143 -33.00 -16.45 16.45
CA VAL B 143 -32.54 -15.34 15.65
C VAL B 143 -32.54 -15.74 14.18
N THR B 144 -32.06 -16.95 13.89
CA THR B 144 -32.09 -17.47 12.53
C THR B 144 -33.51 -17.40 11.96
N ALA B 145 -34.47 -17.82 12.77
CA ALA B 145 -35.88 -17.88 12.37
C ALA B 145 -36.46 -16.50 12.14
N LEU B 146 -35.91 -15.48 12.83
CA LEU B 146 -36.31 -14.09 12.62
C LEU B 146 -35.90 -13.59 11.23
N ASN B 147 -35.07 -14.31 10.50
CA ASN B 147 -34.59 -13.82 9.21
C ASN B 147 -35.74 -13.74 8.22
N SER B 148 -36.87 -14.39 8.53
CA SER B 148 -38.09 -14.18 7.76
C SER B 148 -38.50 -12.70 7.70
N GLU B 149 -38.02 -11.88 8.62
CA GLU B 149 -38.40 -10.47 8.62
C GLU B 149 -37.34 -9.61 7.95
N SER B 150 -36.31 -10.23 7.35
CA SER B 150 -35.13 -9.48 6.90
C SER B 150 -35.49 -8.66 5.68
N ASN B 151 -35.26 -7.35 5.78
CA ASN B 151 -35.42 -6.44 4.67
C ASN B 151 -34.33 -6.69 3.63
N PHE B 152 -33.11 -7.02 4.11
CA PHE B 152 -31.93 -7.07 3.27
C PHE B 152 -31.91 -8.32 2.39
N ALA B 153 -32.44 -9.42 2.91
CA ALA B 153 -32.42 -10.68 2.18
C ALA B 153 -33.18 -10.54 0.84
N ARG B 154 -34.32 -9.85 0.84
CA ARG B 154 -35.19 -9.78 -0.33
C ARG B 154 -34.47 -8.97 -1.41
N ALA B 155 -33.87 -7.85 -0.99
CA ALA B 155 -33.46 -6.80 -1.90
C ALA B 155 -32.24 -7.18 -2.75
N TYR B 156 -31.45 -8.19 -2.36
CA TYR B 156 -30.28 -8.53 -3.16
C TYR B 156 -30.69 -9.25 -4.46
N ALA B 157 -31.76 -10.05 -4.38
CA ALA B 157 -32.27 -10.79 -5.52
C ALA B 157 -32.92 -9.81 -6.50
N GLN B 158 -33.49 -8.75 -5.92
CA GLN B 158 -34.15 -7.66 -6.62
C GLN B 158 -33.16 -6.70 -7.27
N GLY B 159 -31.86 -6.81 -6.97
CA GLY B 159 -30.85 -6.08 -7.72
C GLY B 159 -30.63 -4.67 -7.18
N ILE B 160 -30.72 -4.53 -5.87
CA ILE B 160 -30.54 -3.23 -5.24
C ILE B 160 -29.07 -2.79 -5.37
N SER B 161 -28.82 -1.50 -5.63
CA SER B 161 -27.45 -1.02 -5.73
C SER B 161 -26.67 -1.40 -4.46
N ARG B 162 -25.45 -1.93 -4.65
CA ARG B 162 -24.47 -2.07 -3.60
C ARG B 162 -24.39 -0.82 -2.70
N THR B 163 -24.62 0.37 -3.27
CA THR B 163 -24.43 1.64 -2.56
C THR B 163 -25.47 1.76 -1.45
N LYS B 164 -26.52 0.96 -1.57
CA LYS B 164 -27.66 1.00 -0.66
C LYS B 164 -27.67 -0.20 0.28
N TYR B 165 -26.69 -1.11 0.19
CA TYR B 165 -26.69 -2.25 1.10
C TYR B 165 -26.77 -1.75 2.55
N TRP B 166 -25.93 -0.81 2.98
CA TRP B 166 -25.87 -0.39 4.37
C TRP B 166 -27.24 0.03 4.92
N GLU B 167 -28.13 0.55 4.08
CA GLU B 167 -29.41 1.07 4.53
C GLU B 167 -30.32 -0.07 4.98
N LEU B 168 -30.26 -1.18 4.27
CA LEU B 168 -31.08 -2.29 4.65
C LEU B 168 -30.48 -3.04 5.81
N ILE B 169 -29.16 -3.17 5.82
CA ILE B 169 -28.45 -3.68 6.98
C ILE B 169 -28.82 -2.84 8.22
N TYR B 170 -28.88 -1.53 8.08
CA TYR B 170 -29.24 -0.69 9.22
C TYR B 170 -30.65 -1.06 9.70
N GLU B 171 -31.60 -1.16 8.77
CA GLU B 171 -32.98 -1.42 9.15
C GLU B 171 -33.05 -2.75 9.90
N ASP B 172 -32.41 -3.78 9.36
CA ASP B 172 -32.47 -5.12 9.87
C ASP B 172 -31.80 -5.16 11.23
N SER B 173 -30.69 -4.42 11.33
CA SER B 173 -29.93 -4.33 12.58
C SER B 173 -30.73 -3.64 13.68
N MET B 174 -31.39 -2.54 13.35
CA MET B 174 -32.24 -1.86 14.32
C MET B 174 -33.39 -2.76 14.76
N ASP B 175 -33.97 -3.52 13.82
CA ASP B 175 -35.06 -4.45 14.13
C ASP B 175 -34.59 -5.60 15.03
N LEU B 176 -33.40 -6.18 14.74
CA LEU B 176 -32.83 -7.25 15.53
C LEU B 176 -32.53 -6.78 16.95
N ILE B 177 -31.82 -5.67 17.08
CA ILE B 177 -31.52 -5.13 18.39
C ILE B 177 -32.81 -4.95 19.18
N ALA B 178 -33.84 -4.37 18.57
CA ALA B 178 -35.10 -4.15 19.27
C ALA B 178 -35.72 -5.45 19.74
N LYS B 179 -35.55 -6.53 18.96
CA LYS B 179 -36.26 -7.77 19.23
C LYS B 179 -35.49 -8.66 20.23
N LEU B 180 -34.18 -8.43 20.36
CA LEU B 180 -33.33 -9.35 21.09
C LEU B 180 -33.78 -9.48 22.55
N PRO B 181 -34.08 -8.39 23.29
CA PRO B 181 -34.60 -8.51 24.64
C PRO B 181 -35.88 -9.33 24.80
N CYS B 182 -36.80 -9.25 23.81
CA CYS B 182 -38.02 -10.06 23.85
C CYS B 182 -37.71 -11.55 23.68
N VAL B 183 -36.82 -11.88 22.73
CA VAL B 183 -36.36 -13.25 22.55
C VAL B 183 -35.67 -13.72 23.83
N ALA B 184 -34.72 -12.93 24.32
CA ALA B 184 -33.91 -13.30 25.47
C ALA B 184 -34.81 -13.51 26.69
N ALA B 185 -35.80 -12.63 26.88
CA ALA B 185 -36.70 -12.73 28.02
C ALA B 185 -37.67 -13.90 27.92
N LYS B 186 -38.21 -14.17 26.74
CA LYS B 186 -39.04 -15.35 26.51
C LYS B 186 -38.29 -16.66 26.82
N ILE B 187 -37.02 -16.71 26.42
CA ILE B 187 -36.19 -17.84 26.75
C ILE B 187 -36.03 -17.93 28.26
N TYR B 188 -35.71 -16.80 28.90
CA TYR B 188 -35.59 -16.82 30.33
C TYR B 188 -36.85 -17.35 30.99
N ARG B 189 -38.00 -16.81 30.63
CA ARG B 189 -39.22 -17.16 31.32
C ARG B 189 -39.65 -18.60 31.03
N ASN B 190 -39.40 -19.08 29.82
CA ASN B 190 -39.80 -20.42 29.45
C ASN B 190 -38.99 -21.40 30.25
N LEU B 191 -37.71 -21.08 30.44
CA LEU B 191 -36.79 -22.00 31.06
C LEU B 191 -36.94 -21.98 32.58
N TYR B 192 -37.19 -20.80 33.15
CA TYR B 192 -37.03 -20.64 34.57
C TYR B 192 -38.21 -20.01 35.28
N ARG B 193 -39.22 -19.55 34.56
CA ARG B 193 -40.39 -18.97 35.23
C ARG B 193 -41.64 -19.61 34.65
N GLU B 194 -41.55 -20.91 34.38
CA GLU B 194 -42.69 -21.76 34.09
C GLU B 194 -43.47 -21.25 32.87
N GLY B 195 -42.79 -20.57 31.92
CA GLY B 195 -43.42 -20.21 30.67
C GLY B 195 -44.43 -19.07 30.78
N SER B 196 -44.44 -18.34 31.89
CA SER B 196 -45.24 -17.14 32.01
C SER B 196 -44.81 -16.14 30.95
N GLY B 197 -45.71 -15.18 30.69
CA GLY B 197 -45.55 -14.20 29.61
C GLY B 197 -44.56 -13.08 29.95
N ILE B 198 -43.94 -12.54 28.92
CA ILE B 198 -42.94 -11.49 29.09
C ILE B 198 -43.61 -10.14 29.30
N GLY B 199 -44.93 -10.08 29.10
CA GLY B 199 -45.62 -8.80 29.22
C GLY B 199 -45.31 -7.89 28.04
N ALA B 200 -45.50 -6.59 28.23
CA ALA B 200 -45.57 -5.65 27.13
C ALA B 200 -44.36 -4.74 27.16
N ILE B 201 -43.97 -4.29 25.97
CA ILE B 201 -42.95 -3.28 25.82
C ILE B 201 -43.58 -1.94 26.14
N ASP B 202 -42.86 -1.12 26.92
CA ASP B 202 -43.25 0.24 27.16
C ASP B 202 -42.51 1.14 26.17
N SER B 203 -43.30 1.90 25.41
CA SER B 203 -42.75 2.71 24.33
C SER B 203 -41.86 3.82 24.88
N ASN B 204 -41.97 4.14 26.18
CA ASN B 204 -41.25 5.27 26.73
C ASN B 204 -40.05 4.85 27.59
N LEU B 205 -39.70 3.56 27.62
CA LEU B 205 -38.61 3.08 28.47
C LEU B 205 -37.39 2.82 27.60
N ASP B 206 -36.20 2.95 28.19
CA ASP B 206 -34.98 2.53 27.52
C ASP B 206 -34.99 1.00 27.42
N TRP B 207 -34.15 0.52 26.53
CA TRP B 207 -34.04 -0.86 26.14
C TRP B 207 -33.72 -1.78 27.34
N SER B 208 -32.77 -1.38 28.19
CA SER B 208 -32.40 -2.20 29.33
C SER B 208 -33.58 -2.38 30.29
N HIS B 209 -34.43 -1.37 30.41
CA HIS B 209 -35.53 -1.40 31.37
C HIS B 209 -36.66 -2.28 30.83
N ASN B 210 -36.99 -2.12 29.55
CA ASN B 210 -37.88 -3.03 28.86
C ASN B 210 -37.36 -4.46 29.05
N PHE B 211 -36.04 -4.67 28.91
CA PHE B 211 -35.50 -6.02 29.05
C PHE B 211 -35.67 -6.56 30.46
N THR B 212 -35.35 -5.77 31.49
CA THR B 212 -35.50 -6.29 32.84
C THR B 212 -36.98 -6.48 33.20
N ASN B 213 -37.87 -5.63 32.69
CA ASN B 213 -39.31 -5.82 32.90
C ASN B 213 -39.71 -7.20 32.37
N MET B 214 -39.23 -7.51 31.17
CA MET B 214 -39.65 -8.72 30.49
C MET B 214 -39.07 -9.95 31.20
N LEU B 215 -37.85 -9.85 31.73
CA LEU B 215 -37.29 -10.95 32.50
C LEU B 215 -38.11 -11.21 33.76
N GLY B 216 -38.85 -10.19 34.21
CA GLY B 216 -39.67 -10.32 35.40
C GLY B 216 -39.00 -9.75 36.64
N TYR B 217 -38.01 -8.88 36.44
CA TYR B 217 -37.30 -8.22 37.52
C TYR B 217 -37.89 -6.83 37.73
N THR B 218 -37.89 -6.36 38.98
CA THR B 218 -38.35 -5.03 39.34
C THR B 218 -37.47 -4.49 40.46
N ASP B 219 -36.26 -4.10 40.09
CA ASP B 219 -35.22 -3.72 41.02
C ASP B 219 -34.34 -2.76 40.26
N HIS B 220 -34.42 -1.48 40.67
CA HIS B 220 -33.81 -0.37 39.96
C HIS B 220 -32.32 -0.68 39.81
N GLN B 221 -31.73 -1.29 40.83
CA GLN B 221 -30.28 -1.49 40.81
C GLN B 221 -29.87 -2.55 39.80
N PHE B 222 -30.72 -3.57 39.58
CA PHE B 222 -30.46 -4.60 38.60
C PHE B 222 -30.58 -4.01 37.19
N THR B 223 -31.54 -3.11 37.00
CA THR B 223 -31.64 -2.40 35.75
C THR B 223 -30.41 -1.52 35.53
N GLU B 224 -29.86 -0.92 36.59
CA GLU B 224 -28.63 -0.15 36.47
C GLU B 224 -27.46 -1.05 36.07
N LEU B 225 -27.31 -2.20 36.72
CA LEU B 225 -26.30 -3.20 36.37
C LEU B 225 -26.40 -3.66 34.92
N THR B 226 -27.63 -3.97 34.48
CA THR B 226 -27.94 -4.40 33.13
C THR B 226 -27.51 -3.34 32.11
N ARG B 227 -27.88 -2.07 32.34
CA ARG B 227 -27.40 -0.94 31.54
C ARG B 227 -25.87 -1.00 31.44
N LEU B 228 -25.19 -1.14 32.56
CA LEU B 228 -23.72 -1.09 32.52
C LEU B 228 -23.22 -2.36 31.81
N TYR B 229 -23.85 -3.49 32.10
CA TYR B 229 -23.38 -4.78 31.61
C TYR B 229 -23.46 -4.78 30.07
N LEU B 230 -24.57 -4.28 29.51
CA LEU B 230 -24.79 -4.31 28.09
C LEU B 230 -23.86 -3.31 27.40
N THR B 231 -23.57 -2.20 28.05
CA THR B 231 -22.66 -1.22 27.51
C THR B 231 -21.28 -1.86 27.34
N ILE B 232 -20.76 -2.47 28.40
CA ILE B 232 -19.32 -2.81 28.45
C ILE B 232 -18.97 -4.11 27.70
N HIS B 233 -19.90 -5.05 27.57
CA HIS B 233 -19.68 -6.24 26.76
C HIS B 233 -20.01 -6.03 25.27
N SER B 234 -20.40 -4.82 24.87
CA SER B 234 -20.91 -4.53 23.53
C SER B 234 -19.94 -4.87 22.40
N ASP B 235 -18.63 -4.64 22.59
CA ASP B 235 -17.66 -4.85 21.52
C ASP B 235 -16.28 -5.06 22.15
N HIS B 236 -15.45 -5.83 21.48
CA HIS B 236 -14.07 -6.04 21.88
C HIS B 236 -13.18 -6.38 20.66
N GLU B 237 -13.04 -5.44 19.72
CA GLU B 237 -12.28 -5.64 18.48
C GLU B 237 -12.98 -6.68 17.58
N GLY B 238 -12.35 -7.04 16.45
CA GLY B 238 -13.01 -7.85 15.45
C GLY B 238 -12.46 -9.25 15.47
N GLY B 239 -11.39 -9.43 16.24
CA GLY B 239 -10.66 -10.69 16.24
C GLY B 239 -11.34 -11.76 17.09
N ASN B 240 -12.17 -11.36 18.05
CA ASN B 240 -12.76 -12.32 18.97
C ASN B 240 -13.77 -13.16 18.16
N VAL B 241 -14.16 -14.34 18.62
CA VAL B 241 -14.80 -15.30 17.75
C VAL B 241 -16.19 -14.83 17.34
N SER B 242 -16.88 -14.13 18.24
CA SER B 242 -18.24 -13.76 17.91
C SER B 242 -18.23 -12.60 16.92
N ALA B 243 -17.32 -11.64 17.10
CA ALA B 243 -17.21 -10.54 16.17
C ALA B 243 -16.69 -11.07 14.83
N HIS B 244 -15.69 -11.94 14.87
CA HIS B 244 -15.10 -12.38 13.62
C HIS B 244 -16.15 -13.19 12.84
N THR B 245 -16.93 -13.97 13.56
CA THR B 245 -17.91 -14.81 12.88
C THR B 245 -18.97 -13.94 12.18
N SER B 246 -19.49 -12.89 12.85
CA SER B 246 -20.45 -11.99 12.26
C SER B 246 -19.89 -11.32 11.02
N HIS B 247 -18.59 -10.97 11.06
CA HIS B 247 -17.94 -10.29 9.96
C HIS B 247 -17.77 -11.25 8.78
N LEU B 248 -17.42 -12.51 9.08
CA LEU B 248 -17.20 -13.49 8.03
C LEU B 248 -18.50 -13.85 7.33
N VAL B 249 -19.50 -14.24 8.12
CA VAL B 249 -20.82 -14.55 7.57
C VAL B 249 -21.40 -13.32 6.88
N GLY B 250 -21.28 -12.13 7.50
CA GLY B 250 -21.73 -10.88 6.89
C GLY B 250 -21.08 -10.56 5.53
N SER B 251 -19.79 -10.86 5.35
CA SER B 251 -19.08 -10.59 4.11
C SER B 251 -19.60 -11.39 2.92
N ALA B 252 -20.41 -12.42 3.20
CA ALA B 252 -21.06 -13.22 2.13
C ALA B 252 -22.40 -12.58 1.78
N LEU B 253 -22.72 -11.46 2.42
CA LEU B 253 -23.99 -10.71 2.21
C LEU B 253 -25.16 -11.44 2.90
N SER B 254 -24.84 -12.30 3.87
CA SER B 254 -25.91 -12.89 4.71
C SER B 254 -26.41 -11.73 5.58
N ASP B 255 -27.69 -11.65 5.86
CA ASP B 255 -28.31 -10.54 6.56
C ASP B 255 -27.94 -10.50 8.04
N PRO B 256 -28.24 -9.42 8.78
CA PRO B 256 -27.86 -9.31 10.18
C PRO B 256 -28.35 -10.46 11.05
N TYR B 257 -29.53 -11.00 10.73
CA TYR B 257 -30.09 -12.13 11.47
C TYR B 257 -29.17 -13.34 11.33
N LEU B 258 -28.79 -13.70 10.12
CA LEU B 258 -27.99 -14.90 10.00
C LEU B 258 -26.59 -14.65 10.56
N SER B 259 -26.06 -13.43 10.40
CA SER B 259 -24.72 -13.11 10.86
C SER B 259 -24.65 -13.27 12.37
N PHE B 260 -25.61 -12.67 13.06
CA PHE B 260 -25.61 -12.65 14.50
C PHE B 260 -25.83 -14.08 14.99
N ALA B 261 -26.77 -14.80 14.39
CA ALA B 261 -27.06 -16.15 14.83
C ALA B 261 -25.79 -17.00 14.75
N ALA B 262 -25.03 -16.85 13.66
CA ALA B 262 -23.73 -17.52 13.56
C ALA B 262 -22.80 -17.08 14.69
N ALA B 263 -22.84 -15.79 15.01
CA ALA B 263 -21.91 -15.23 15.98
C ALA B 263 -22.22 -15.79 17.36
N MET B 264 -23.49 -15.99 17.65
CA MET B 264 -23.93 -16.61 18.90
C MET B 264 -23.50 -18.07 18.95
N ASN B 265 -23.54 -18.81 17.83
CA ASN B 265 -23.01 -20.15 17.83
C ASN B 265 -21.55 -20.08 18.30
N GLY B 266 -20.83 -19.07 17.85
CA GLY B 266 -19.43 -18.91 18.21
C GLY B 266 -19.27 -18.50 19.68
N LEU B 267 -20.13 -17.60 20.14
CA LEU B 267 -20.11 -17.17 21.52
C LEU B 267 -20.46 -18.34 22.42
N ALA B 268 -21.23 -19.31 21.94
CA ALA B 268 -21.64 -20.41 22.80
C ALA B 268 -20.44 -21.32 23.04
N GLY B 269 -19.37 -21.20 22.25
CA GLY B 269 -18.16 -21.98 22.47
C GLY B 269 -17.66 -21.81 23.92
N PRO B 270 -17.33 -22.89 24.62
CA PRO B 270 -16.84 -22.77 25.99
C PRO B 270 -15.44 -22.14 26.16
N LEU B 271 -14.75 -21.83 25.06
CA LEU B 271 -13.52 -21.04 25.09
C LEU B 271 -13.81 -19.55 24.84
N HIS B 272 -15.03 -19.20 24.42
CA HIS B 272 -15.42 -17.80 24.27
C HIS B 272 -16.46 -17.34 25.32
N GLY B 273 -17.43 -18.21 25.63
CA GLY B 273 -18.68 -17.74 26.21
C GLY B 273 -18.94 -18.21 27.63
N LEU B 274 -18.13 -19.13 28.18
CA LEU B 274 -18.48 -19.82 29.42
C LEU B 274 -17.67 -19.35 30.64
N ALA B 275 -16.88 -18.28 30.52
CA ALA B 275 -15.93 -17.97 31.57
C ALA B 275 -16.67 -17.43 32.80
N ASN B 276 -17.64 -16.54 32.56
CA ASN B 276 -18.49 -16.00 33.61
C ASN B 276 -18.88 -17.17 34.53
N GLN B 277 -19.40 -18.23 33.92
CA GLN B 277 -19.94 -19.36 34.65
C GLN B 277 -18.86 -20.15 35.38
N GLU B 278 -17.73 -20.41 34.75
CA GLU B 278 -16.69 -21.17 35.42
C GLU B 278 -16.18 -20.39 36.65
N VAL B 279 -16.03 -19.08 36.54
CA VAL B 279 -15.60 -18.29 37.68
C VAL B 279 -16.60 -18.46 38.82
N LEU B 280 -17.91 -18.42 38.52
CA LEU B 280 -18.89 -18.41 39.60
C LEU B 280 -18.90 -19.79 40.28
N VAL B 281 -18.73 -20.87 39.50
CA VAL B 281 -18.75 -22.22 40.04
C VAL B 281 -17.60 -22.36 41.04
N TRP B 282 -16.44 -21.83 40.64
CA TRP B 282 -15.25 -21.83 41.47
C TRP B 282 -15.46 -20.99 42.76
N LEU B 283 -15.88 -19.73 42.64
CA LEU B 283 -16.13 -18.90 43.82
C LEU B 283 -17.10 -19.58 44.78
N THR B 284 -18.14 -20.22 44.27
CA THR B 284 -19.16 -20.80 45.13
C THR B 284 -18.52 -21.92 45.96
N GLN B 285 -17.72 -22.74 45.26
CA GLN B 285 -17.04 -23.89 45.83
C GLN B 285 -16.01 -23.43 46.88
N LEU B 286 -15.32 -22.33 46.57
CA LEU B 286 -14.32 -21.74 47.45
C LEU B 286 -14.99 -21.28 48.73
N GLN B 287 -16.04 -20.45 48.64
CA GLN B 287 -16.66 -19.84 49.80
C GLN B 287 -17.25 -20.88 50.76
N LYS B 288 -17.85 -21.93 50.19
CA LYS B 288 -18.48 -22.99 50.98
C LYS B 288 -17.43 -23.76 51.79
N GLU B 289 -16.23 -23.88 51.20
CA GLU B 289 -15.13 -24.62 51.80
C GLU B 289 -14.52 -23.83 52.95
N VAL B 290 -14.13 -22.58 52.68
CA VAL B 290 -13.28 -21.81 53.59
C VAL B 290 -14.11 -20.81 54.39
N GLY B 291 -15.42 -20.77 54.15
CA GLY B 291 -16.30 -19.83 54.86
C GLY B 291 -16.12 -18.39 54.39
N LYS B 292 -17.11 -17.55 54.70
CA LYS B 292 -17.17 -16.21 54.15
C LYS B 292 -16.24 -15.23 54.89
N ASP B 293 -15.72 -15.59 56.08
CA ASP B 293 -14.80 -14.69 56.77
C ASP B 293 -13.38 -15.27 56.78
N VAL B 294 -12.95 -15.80 55.63
CA VAL B 294 -11.61 -16.33 55.48
C VAL B 294 -10.60 -15.19 55.55
N SER B 295 -9.45 -15.48 56.15
CA SER B 295 -8.36 -14.52 56.22
C SER B 295 -7.63 -14.52 54.88
N ASP B 296 -7.06 -13.35 54.56
CA ASP B 296 -6.09 -13.18 53.48
C ASP B 296 -5.06 -14.32 53.49
N GLU B 297 -4.54 -14.66 54.68
CA GLU B 297 -3.46 -15.62 54.85
C GLU B 297 -3.94 -16.95 54.27
N LYS B 298 -5.10 -17.39 54.77
CA LYS B 298 -5.67 -18.68 54.38
C LYS B 298 -6.10 -18.64 52.93
N LEU B 299 -6.55 -17.47 52.47
CA LEU B 299 -6.96 -17.32 51.07
C LEU B 299 -5.74 -17.44 50.16
N ARG B 300 -4.67 -16.72 50.53
CA ARG B 300 -3.41 -16.72 49.77
C ARG B 300 -2.85 -18.13 49.63
N ASP B 301 -2.94 -18.93 50.72
CA ASP B 301 -2.49 -20.32 50.78
C ASP B 301 -3.27 -21.22 49.83
N TYR B 302 -4.61 -21.09 49.86
CA TYR B 302 -5.49 -21.83 48.97
C TYR B 302 -5.13 -21.56 47.49
N ILE B 303 -4.83 -20.29 47.18
CA ILE B 303 -4.48 -19.90 45.83
C ILE B 303 -3.13 -20.54 45.44
N TRP B 304 -2.18 -20.48 46.38
CA TRP B 304 -0.88 -21.09 46.14
C TRP B 304 -1.06 -22.56 45.85
N ASN B 305 -1.91 -23.24 46.62
CA ASN B 305 -2.17 -24.63 46.37
C ASN B 305 -2.71 -24.86 44.98
N THR B 306 -3.74 -24.10 44.62
CA THR B 306 -4.35 -24.31 43.32
C THR B 306 -3.28 -24.16 42.23
N LEU B 307 -2.47 -23.10 42.31
CA LEU B 307 -1.47 -22.85 41.30
C LEU B 307 -0.45 -23.99 41.22
N ASN B 308 -0.01 -24.52 42.38
CA ASN B 308 1.03 -25.53 42.36
C ASN B 308 0.48 -26.88 41.92
N SER B 309 -0.86 -27.03 41.81
CA SER B 309 -1.46 -28.27 41.32
C SER B 309 -1.55 -28.29 39.79
N GLY B 310 -1.03 -27.24 39.13
CA GLY B 310 -1.11 -27.09 37.68
C GLY B 310 -2.49 -26.57 37.26
N ARG B 311 -3.16 -25.86 38.16
CA ARG B 311 -4.51 -25.38 37.93
C ARG B 311 -4.44 -23.85 37.86
N VAL B 312 -5.44 -23.23 37.18
CA VAL B 312 -5.51 -21.78 36.95
C VAL B 312 -6.49 -21.17 37.96
N VAL B 313 -6.32 -19.87 38.24
CA VAL B 313 -7.32 -19.10 38.96
C VAL B 313 -8.30 -18.56 37.89
N PRO B 314 -9.53 -19.11 37.77
CA PRO B 314 -10.45 -18.64 36.73
C PRO B 314 -10.69 -17.13 36.81
N GLY B 315 -10.53 -16.46 35.66
CA GLY B 315 -10.85 -15.05 35.54
C GLY B 315 -9.62 -14.15 35.70
N TYR B 316 -8.49 -14.76 36.04
CA TYR B 316 -7.20 -14.04 36.13
C TYR B 316 -6.27 -14.63 35.05
N GLY B 317 -6.11 -13.96 33.91
CA GLY B 317 -5.29 -14.44 32.78
C GLY B 317 -5.42 -13.43 31.65
N HIS B 318 -4.45 -12.51 31.52
CA HIS B 318 -4.67 -11.40 30.61
C HIS B 318 -3.92 -11.53 29.28
N ALA B 319 -4.32 -10.70 28.31
CA ALA B 319 -3.75 -10.64 26.97
C ALA B 319 -2.51 -9.75 26.99
N VAL B 320 -2.64 -8.52 26.49
CA VAL B 320 -1.59 -7.53 26.59
C VAL B 320 -1.98 -6.54 27.68
N LEU B 321 -2.88 -6.96 28.58
CA LEU B 321 -3.48 -6.00 29.50
C LEU B 321 -2.51 -5.77 30.65
N ARG B 322 -1.74 -4.67 30.52
CA ARG B 322 -0.71 -4.28 31.46
C ARG B 322 -1.33 -3.79 32.77
N LYS B 323 -2.65 -3.60 32.76
CA LYS B 323 -3.42 -3.38 33.98
C LYS B 323 -4.62 -4.32 34.02
N THR B 324 -5.43 -4.15 35.07
CA THR B 324 -6.73 -4.78 35.16
C THR B 324 -7.62 -4.26 34.02
N ASP B 325 -8.31 -5.20 33.37
CA ASP B 325 -9.39 -4.92 32.43
C ASP B 325 -10.32 -3.87 33.03
N PRO B 326 -10.51 -2.71 32.36
CA PRO B 326 -11.41 -1.69 32.88
C PRO B 326 -12.84 -2.21 32.97
N ARG B 327 -13.16 -3.28 32.24
CA ARG B 327 -14.48 -3.90 32.34
C ARG B 327 -14.69 -4.51 33.73
N TYR B 328 -13.60 -5.03 34.35
CA TYR B 328 -13.64 -5.51 35.72
C TYR B 328 -13.86 -4.37 36.70
N THR B 329 -13.05 -3.32 36.51
CA THR B 329 -13.00 -2.19 37.40
C THR B 329 -14.36 -1.51 37.51
N CYS B 330 -15.06 -1.32 36.39
CA CYS B 330 -16.35 -0.64 36.49
C CYS B 330 -17.37 -1.54 37.20
N GLN B 331 -17.22 -2.86 37.10
CA GLN B 331 -18.10 -3.77 37.83
C GLN B 331 -17.77 -3.75 39.31
N ARG B 332 -16.46 -3.63 39.61
CA ARG B 332 -15.99 -3.55 40.97
C ARG B 332 -16.55 -2.28 41.62
N GLU B 333 -16.48 -1.15 40.93
CA GLU B 333 -16.88 0.12 41.52
C GLU B 333 -18.40 0.08 41.73
N PHE B 334 -19.06 -0.57 40.78
CA PHE B 334 -20.50 -0.73 40.93
C PHE B 334 -20.76 -1.50 42.23
N ALA B 335 -20.07 -2.63 42.42
CA ALA B 335 -20.27 -3.48 43.59
C ALA B 335 -19.95 -2.72 44.88
N LEU B 336 -18.87 -1.93 44.87
CA LEU B 336 -18.43 -1.20 46.06
C LEU B 336 -19.55 -0.25 46.50
N LYS B 337 -20.24 0.34 45.53
CA LYS B 337 -21.25 1.33 45.83
C LYS B 337 -22.54 0.66 46.33
N HIS B 338 -22.94 -0.46 45.72
CA HIS B 338 -24.33 -0.87 45.87
C HIS B 338 -24.49 -2.18 46.64
N LEU B 339 -23.43 -2.99 46.74
CA LEU B 339 -23.53 -4.26 47.44
C LEU B 339 -22.23 -4.53 48.19
N PRO B 340 -21.70 -3.55 48.96
CA PRO B 340 -20.46 -3.80 49.68
C PRO B 340 -20.56 -4.89 50.77
N ASN B 341 -21.77 -5.22 51.27
CA ASN B 341 -21.91 -6.19 52.36
C ASN B 341 -22.05 -7.62 51.82
N ASP B 342 -22.21 -7.77 50.52
CA ASP B 342 -22.47 -9.09 49.95
C ASP B 342 -21.26 -9.98 50.21
N PRO B 343 -21.42 -11.15 50.88
CA PRO B 343 -20.31 -12.10 51.08
C PRO B 343 -19.49 -12.51 49.85
N MET B 344 -20.15 -12.87 48.72
CA MET B 344 -19.44 -13.36 47.53
C MET B 344 -18.71 -12.22 46.83
N PHE B 345 -19.34 -11.03 46.80
CA PHE B 345 -18.62 -9.84 46.36
C PHE B 345 -17.35 -9.67 47.19
N LYS B 346 -17.46 -9.84 48.51
CA LYS B 346 -16.32 -9.63 49.42
C LYS B 346 -15.20 -10.63 49.09
N LEU B 347 -15.57 -11.83 48.65
CA LEU B 347 -14.57 -12.82 48.28
C LEU B 347 -13.88 -12.39 46.97
N VAL B 348 -14.69 -11.86 46.03
CA VAL B 348 -14.16 -11.37 44.78
C VAL B 348 -13.14 -10.25 45.04
N ALA B 349 -13.49 -9.25 45.88
CA ALA B 349 -12.59 -8.11 46.12
C ALA B 349 -11.33 -8.56 46.87
N GLN B 350 -11.44 -9.67 47.62
CA GLN B 350 -10.33 -10.18 48.43
C GLN B 350 -9.31 -10.89 47.55
N LEU B 351 -9.83 -11.72 46.65
CA LEU B 351 -9.00 -12.28 45.60
C LEU B 351 -8.32 -11.19 44.79
N TYR B 352 -9.05 -10.13 44.43
CA TYR B 352 -8.46 -9.06 43.66
C TYR B 352 -7.17 -8.56 44.31
N LYS B 353 -7.13 -8.44 45.66
CA LYS B 353 -6.00 -7.83 46.35
C LYS B 353 -4.85 -8.84 46.57
N ILE B 354 -5.12 -10.12 46.35
CA ILE B 354 -4.25 -11.22 46.75
C ILE B 354 -3.67 -11.95 45.53
N VAL B 355 -4.53 -12.20 44.54
CA VAL B 355 -4.18 -13.09 43.44
C VAL B 355 -3.10 -12.49 42.53
N PRO B 356 -3.16 -11.18 42.14
CA PRO B 356 -2.17 -10.60 41.24
C PRO B 356 -0.74 -10.87 41.72
N ASN B 357 -0.51 -10.60 43.01
CA ASN B 357 0.80 -10.76 43.61
C ASN B 357 1.23 -12.23 43.53
N VAL B 358 0.37 -13.15 43.96
CA VAL B 358 0.73 -14.55 43.88
C VAL B 358 1.08 -14.95 42.45
N LEU B 359 0.36 -14.43 41.44
CA LEU B 359 0.63 -14.78 40.05
C LEU B 359 1.98 -14.22 39.57
N LEU B 360 2.36 -13.02 40.04
CA LEU B 360 3.65 -12.43 39.73
C LEU B 360 4.79 -13.25 40.34
N GLU B 361 4.63 -13.74 41.58
CA GLU B 361 5.64 -14.56 42.26
C GLU B 361 5.93 -15.81 41.43
N GLN B 362 4.86 -16.42 40.91
CA GLN B 362 5.00 -17.67 40.15
C GLN B 362 5.50 -17.37 38.74
N GLY B 363 6.19 -18.33 38.15
CA GLY B 363 6.58 -18.16 36.74
C GLY B 363 5.34 -18.36 35.91
N LYS B 364 4.75 -17.27 35.43
CA LYS B 364 3.47 -17.39 34.71
C LYS B 364 3.35 -16.24 33.71
N ALA B 365 2.20 -15.59 33.68
CA ALA B 365 2.01 -14.43 32.81
C ALA B 365 2.66 -13.21 33.46
N LYS B 366 3.13 -12.30 32.61
CA LYS B 366 3.63 -11.02 33.07
C LYS B 366 2.43 -10.11 33.35
N ASN B 367 1.23 -10.56 32.95
CA ASN B 367 -0.03 -9.92 33.35
C ASN B 367 -0.87 -10.89 34.19
N PRO B 368 -0.97 -10.62 35.51
CA PRO B 368 -1.78 -11.44 36.41
C PRO B 368 -3.15 -10.88 36.80
N TRP B 369 -3.68 -9.93 36.03
CA TRP B 369 -4.85 -9.17 36.45
C TRP B 369 -6.12 -9.88 35.99
N PRO B 370 -7.28 -9.53 36.61
CA PRO B 370 -8.54 -10.21 36.28
C PRO B 370 -9.23 -9.68 35.02
N ASN B 371 -9.81 -10.60 34.24
CA ASN B 371 -10.63 -10.25 33.10
C ASN B 371 -12.04 -9.86 33.55
N VAL B 372 -12.88 -9.42 32.61
CA VAL B 372 -14.24 -9.00 32.91
C VAL B 372 -15.03 -10.10 33.63
N ASP B 373 -14.78 -11.38 33.29
CA ASP B 373 -15.59 -12.53 33.71
C ASP B 373 -15.33 -12.93 35.17
N ALA B 374 -14.30 -12.38 35.77
CA ALA B 374 -14.02 -12.68 37.15
C ALA B 374 -15.02 -11.97 38.08
N HIS B 375 -15.72 -10.92 37.59
CA HIS B 375 -16.61 -10.14 38.45
C HIS B 375 -18.08 -10.26 38.07
N SER B 376 -18.37 -10.83 36.92
CA SER B 376 -19.68 -10.63 36.34
C SER B 376 -20.73 -11.49 37.06
N GLY B 377 -20.37 -12.75 37.36
CA GLY B 377 -21.28 -13.75 37.87
C GLY B 377 -21.76 -13.39 39.28
N VAL B 378 -20.93 -12.75 40.08
CA VAL B 378 -21.30 -12.47 41.47
C VAL B 378 -22.36 -11.38 41.50
N LEU B 379 -22.32 -10.45 40.54
CA LEU B 379 -23.30 -9.38 40.45
C LEU B 379 -24.64 -9.93 40.02
N LEU B 380 -24.65 -10.77 39.00
CA LEU B 380 -25.89 -11.31 38.47
C LEU B 380 -26.58 -12.15 39.55
N GLN B 381 -25.78 -13.03 40.19
CA GLN B 381 -26.26 -13.87 41.25
C GLN B 381 -26.92 -13.03 42.36
N TYR B 382 -26.25 -11.97 42.77
CA TYR B 382 -26.72 -11.10 43.83
C TYR B 382 -28.15 -10.61 43.58
N TYR B 383 -28.51 -10.35 42.30
CA TYR B 383 -29.79 -9.73 41.97
C TYR B 383 -30.81 -10.82 41.65
N GLY B 384 -30.43 -12.07 41.92
CA GLY B 384 -31.40 -13.16 41.87
C GLY B 384 -31.29 -13.87 40.53
N MET B 385 -30.41 -13.45 39.62
CA MET B 385 -30.25 -14.25 38.42
C MET B 385 -29.20 -15.34 38.61
N THR B 386 -29.69 -16.46 39.13
CA THR B 386 -28.84 -17.55 39.56
C THR B 386 -28.68 -18.58 38.43
N GLU B 387 -29.36 -18.38 37.28
CA GLU B 387 -29.37 -19.40 36.23
C GLU B 387 -28.17 -19.23 35.30
N MET B 388 -27.06 -19.84 35.69
CA MET B 388 -25.76 -19.60 35.09
C MET B 388 -25.75 -20.00 33.62
N ASN B 389 -26.56 -20.99 33.22
CA ASN B 389 -26.68 -21.41 31.84
C ASN B 389 -27.12 -20.24 30.96
N TYR B 390 -27.81 -19.27 31.54
CA TYR B 390 -28.33 -18.13 30.80
C TYR B 390 -27.35 -16.95 30.70
N TYR B 391 -26.25 -16.92 31.46
CA TYR B 391 -25.39 -15.76 31.49
C TYR B 391 -24.91 -15.38 30.11
N THR B 392 -24.53 -16.34 29.29
CA THR B 392 -23.96 -16.00 28.01
C THR B 392 -25.00 -15.33 27.11
N VAL B 393 -26.29 -15.63 27.29
CA VAL B 393 -27.31 -14.87 26.57
C VAL B 393 -27.19 -13.36 26.83
N LEU B 394 -26.94 -12.97 28.06
CA LEU B 394 -26.78 -11.55 28.34
C LEU B 394 -25.58 -11.00 27.58
N PHE B 395 -24.48 -11.76 27.56
CA PHE B 395 -23.32 -11.36 26.81
C PHE B 395 -23.71 -11.16 25.35
N GLY B 396 -24.59 -12.03 24.85
CA GLY B 396 -24.94 -12.05 23.45
C GLY B 396 -25.77 -10.83 23.10
N VAL B 397 -26.74 -10.51 23.96
CA VAL B 397 -27.53 -9.33 23.72
C VAL B 397 -26.59 -8.10 23.70
N SER B 398 -25.61 -8.06 24.59
CA SER B 398 -24.67 -6.95 24.60
C SER B 398 -23.91 -6.85 23.28
N ARG B 399 -23.32 -7.99 22.88
CA ARG B 399 -22.42 -8.04 21.73
C ARG B 399 -23.17 -7.69 20.45
N ALA B 400 -24.49 -7.91 20.41
CA ALA B 400 -25.23 -7.50 19.22
C ALA B 400 -24.86 -6.06 18.85
N LEU B 401 -24.65 -5.20 19.86
CA LEU B 401 -24.51 -3.79 19.63
C LEU B 401 -23.26 -3.51 18.83
N GLY B 402 -22.18 -4.20 19.21
CA GLY B 402 -20.91 -3.93 18.57
C GLY B 402 -20.84 -4.56 17.17
N VAL B 403 -21.20 -5.83 17.06
CA VAL B 403 -21.06 -6.53 15.80
C VAL B 403 -22.03 -5.95 14.77
N LEU B 404 -23.21 -5.48 15.17
CA LEU B 404 -24.16 -4.90 14.21
C LEU B 404 -23.75 -3.50 13.77
N ALA B 405 -23.23 -2.69 14.69
CA ALA B 405 -22.67 -1.41 14.36
C ALA B 405 -21.57 -1.57 13.32
N GLN B 406 -20.76 -2.63 13.46
CA GLN B 406 -19.64 -2.82 12.54
C GLN B 406 -20.18 -3.38 11.21
N LEU B 407 -21.18 -4.26 11.29
CA LEU B 407 -21.76 -4.86 10.10
C LEU B 407 -22.29 -3.76 9.18
N ILE B 408 -22.99 -2.74 9.74
CA ILE B 408 -23.49 -1.61 8.94
C ILE B 408 -22.36 -0.95 8.15
N TRP B 409 -21.26 -0.69 8.85
CA TRP B 409 -20.05 -0.09 8.30
C TRP B 409 -19.32 -1.01 7.33
N SER B 410 -19.23 -2.30 7.59
CA SER B 410 -18.66 -3.21 6.60
C SER B 410 -19.35 -3.11 5.25
N ARG B 411 -20.68 -3.13 5.24
CA ARG B 411 -21.45 -2.95 4.01
C ARG B 411 -21.35 -1.53 3.45
N ALA B 412 -21.43 -0.49 4.29
CA ALA B 412 -21.35 0.87 3.78
C ALA B 412 -20.00 1.07 3.10
N LEU B 413 -18.97 0.41 3.63
CA LEU B 413 -17.64 0.60 3.06
C LEU B 413 -17.36 -0.40 1.95
N GLY B 414 -18.27 -1.34 1.71
CA GLY B 414 -18.11 -2.30 0.63
C GLY B 414 -16.99 -3.27 0.89
N PHE B 415 -16.80 -3.73 2.13
CA PHE B 415 -15.82 -4.78 2.34
C PHE B 415 -16.26 -6.02 1.56
N PRO B 416 -15.34 -6.69 0.82
CA PRO B 416 -15.69 -7.88 0.05
C PRO B 416 -15.76 -9.14 0.91
N LEU B 417 -16.01 -10.28 0.26
CA LEU B 417 -16.08 -11.54 0.91
C LEU B 417 -14.75 -11.85 1.60
N GLU B 418 -14.81 -12.37 2.82
CA GLU B 418 -13.62 -12.84 3.50
C GLU B 418 -13.31 -14.23 2.95
N ARG B 419 -12.14 -14.38 2.35
CA ARG B 419 -11.81 -15.61 1.63
C ARG B 419 -10.28 -15.78 1.64
N PRO B 420 -9.67 -16.23 2.76
CA PRO B 420 -8.22 -16.43 2.83
C PRO B 420 -7.92 -17.75 2.13
N LYS B 421 -6.63 -18.00 1.95
CA LYS B 421 -6.15 -19.24 1.37
C LYS B 421 -5.88 -20.19 2.53
N SER B 422 -6.22 -21.47 2.37
CA SER B 422 -5.81 -22.50 3.30
C SER B 422 -4.73 -23.38 2.65
N MET B 423 -3.97 -24.09 3.49
CA MET B 423 -2.99 -25.06 3.06
C MET B 423 -3.09 -26.29 3.95
N SER B 424 -2.76 -27.47 3.44
CA SER B 424 -2.64 -28.66 4.27
C SER B 424 -1.23 -28.71 4.85
N THR B 425 -1.04 -29.61 5.82
CA THR B 425 0.28 -29.90 6.36
C THR B 425 1.19 -30.41 5.24
N GLU B 426 0.70 -31.32 4.40
CA GLU B 426 1.50 -31.79 3.28
C GLU B 426 1.86 -30.64 2.34
N GLY B 427 0.87 -29.82 1.97
CA GLY B 427 1.12 -28.65 1.14
C GLY B 427 2.17 -27.72 1.74
N LEU B 428 2.11 -27.51 3.04
CA LEU B 428 2.95 -26.51 3.66
C LEU B 428 4.38 -27.05 3.83
N MET B 429 4.50 -28.37 3.90
CA MET B 429 5.80 -29.03 3.98
C MET B 429 6.53 -28.88 2.65
N LYS B 430 5.79 -29.10 1.55
CA LYS B 430 6.33 -28.86 0.22
C LYS B 430 6.64 -27.37 0.07
N PHE B 431 5.67 -26.50 0.36
CA PHE B 431 5.81 -25.07 0.13
C PHE B 431 7.11 -24.53 0.69
N VAL B 432 7.64 -25.18 1.75
CA VAL B 432 8.81 -24.71 2.47
C VAL B 432 10.08 -25.46 2.05
N ASP B 433 9.95 -26.65 1.45
CA ASP B 433 11.08 -27.32 0.84
C ASP B 433 11.51 -26.57 -0.44
N SER B 434 10.53 -26.09 -1.22
CA SER B 434 10.79 -25.16 -2.32
C SER B 434 11.16 -23.80 -1.75
N LYS B 435 11.61 -22.87 -2.63
CA LYS B 435 12.01 -21.54 -2.20
C LYS B 435 12.88 -21.61 -0.93
N SER C 1 30.89 -14.89 -11.83
CA SER C 1 29.73 -15.81 -11.98
C SER C 1 28.53 -15.03 -12.51
N THR C 2 27.47 -15.74 -12.93
CA THR C 2 26.43 -15.09 -13.72
C THR C 2 25.89 -13.83 -13.04
N ASN C 3 26.15 -13.61 -11.72
CA ASN C 3 25.55 -12.46 -11.03
C ASN C 3 26.37 -11.22 -11.36
N LEU C 4 25.70 -10.24 -11.97
CA LEU C 4 26.35 -9.01 -12.41
C LEU C 4 27.00 -8.36 -11.22
N LYS C 5 26.41 -8.49 -10.03
CA LYS C 5 26.93 -7.81 -8.86
C LYS C 5 28.30 -8.38 -8.38
N ASP C 6 28.48 -9.69 -8.48
CA ASP C 6 29.75 -10.36 -8.17
C ASP C 6 30.79 -10.11 -9.25
N ILE C 7 30.38 -10.07 -10.52
CA ILE C 7 31.31 -9.70 -11.58
C ILE C 7 31.79 -8.25 -11.37
N LEU C 8 30.86 -7.35 -11.02
CA LEU C 8 31.22 -5.97 -10.79
C LEU C 8 32.17 -5.87 -9.60
N ALA C 9 31.87 -6.59 -8.52
CA ALA C 9 32.71 -6.66 -7.34
C ALA C 9 34.16 -7.01 -7.68
N ASP C 10 34.38 -8.02 -8.56
CA ASP C 10 35.72 -8.41 -8.94
C ASP C 10 36.42 -7.33 -9.78
N LEU C 11 35.67 -6.61 -10.63
CA LEU C 11 36.27 -5.62 -11.52
C LEU C 11 36.69 -4.39 -10.75
N ILE C 12 35.92 -3.98 -9.74
CA ILE C 12 36.13 -2.64 -9.21
C ILE C 12 37.55 -2.44 -8.68
N PRO C 13 38.12 -3.36 -7.85
CA PRO C 13 39.46 -3.18 -7.27
C PRO C 13 40.59 -2.98 -8.29
N LYS C 14 40.53 -3.73 -9.40
CA LYS C 14 41.47 -3.56 -10.49
C LYS C 14 41.36 -2.14 -11.07
N GLU C 15 40.13 -1.62 -11.26
CA GLU C 15 39.98 -0.29 -11.82
C GLU C 15 40.41 0.81 -10.82
N GLN C 16 40.16 0.57 -9.53
CA GLN C 16 40.68 1.44 -8.50
C GLN C 16 42.21 1.52 -8.53
N ALA C 17 42.91 0.39 -8.64
CA ALA C 17 44.37 0.39 -8.61
C ALA C 17 44.93 1.07 -9.86
N ARG C 18 44.30 0.80 -11.00
CA ARG C 18 44.67 1.36 -12.29
C ARG C 18 44.63 2.89 -12.21
N ILE C 19 43.55 3.42 -11.63
CA ILE C 19 43.37 4.86 -11.51
C ILE C 19 44.31 5.42 -10.47
N LYS C 20 44.51 4.69 -9.36
CA LYS C 20 45.41 5.14 -8.33
C LYS C 20 46.78 5.37 -8.95
N THR C 21 47.27 4.38 -9.71
CA THR C 21 48.61 4.44 -10.27
C THR C 21 48.72 5.57 -11.30
N PHE C 22 47.67 5.71 -12.14
CA PHE C 22 47.60 6.72 -13.17
C PHE C 22 47.61 8.12 -12.56
N ARG C 23 46.86 8.33 -11.49
CA ARG C 23 46.83 9.68 -10.92
C ARG C 23 48.15 9.99 -10.22
N GLN C 24 48.88 8.96 -9.77
CA GLN C 24 50.18 9.14 -9.13
C GLN C 24 51.20 9.66 -10.14
N GLN C 25 51.37 8.90 -11.22
CA GLN C 25 52.18 9.32 -12.35
C GLN C 25 51.73 10.68 -12.92
N HIS C 26 50.46 10.80 -13.34
CA HIS C 26 50.05 11.85 -14.26
C HIS C 26 48.95 12.76 -13.70
N GLY C 27 48.75 12.76 -12.38
CA GLY C 27 47.77 13.59 -11.70
C GLY C 27 47.95 15.08 -12.03
N LYS C 28 49.20 15.48 -12.26
CA LYS C 28 49.57 16.88 -12.42
C LYS C 28 49.68 17.24 -13.92
N THR C 29 49.62 16.26 -14.81
CA THR C 29 49.69 16.55 -16.24
C THR C 29 48.50 17.40 -16.64
N VAL C 30 48.80 18.47 -17.40
CA VAL C 30 47.80 19.38 -17.93
C VAL C 30 47.21 18.77 -19.21
N VAL C 31 45.87 18.68 -19.26
CA VAL C 31 45.20 18.11 -20.39
C VAL C 31 44.45 19.20 -21.16
N GLY C 32 44.24 20.36 -20.56
CA GLY C 32 43.58 21.45 -21.27
C GLY C 32 43.77 22.79 -20.55
N GLN C 33 43.17 23.82 -21.12
CA GLN C 33 43.16 25.14 -20.52
C GLN C 33 41.73 25.62 -20.43
N ILE C 34 41.49 26.55 -19.50
CA ILE C 34 40.22 27.24 -19.42
C ILE C 34 40.41 28.66 -19.96
N THR C 35 39.53 29.11 -20.87
CA THR C 35 39.53 30.50 -21.32
C THR C 35 38.32 31.22 -20.74
N VAL C 36 38.38 32.55 -20.72
CA VAL C 36 37.20 33.37 -20.48
C VAL C 36 36.02 32.92 -21.36
N ASP C 37 36.26 32.71 -22.65
CA ASP C 37 35.22 32.27 -23.57
C ASP C 37 34.56 30.94 -23.19
N MET C 38 35.33 29.95 -22.70
CA MET C 38 34.77 28.69 -22.23
C MET C 38 33.85 28.89 -21.04
N MET C 39 34.15 29.89 -20.23
CA MET C 39 33.35 30.13 -19.04
C MET C 39 32.00 30.74 -19.39
N TYR C 40 31.99 31.65 -20.38
CA TYR C 40 30.76 32.26 -20.87
C TYR C 40 30.07 31.29 -21.83
N GLY C 41 30.81 30.35 -22.44
CA GLY C 41 30.31 29.48 -23.48
C GLY C 41 29.92 28.11 -22.95
N GLY C 42 29.48 28.07 -21.68
CA GLY C 42 29.03 26.86 -21.01
C GLY C 42 30.00 25.69 -21.16
N MET C 43 31.27 25.93 -20.84
CA MET C 43 32.30 24.91 -20.76
C MET C 43 32.58 24.23 -22.11
N ARG C 44 32.19 24.84 -23.23
CA ARG C 44 32.31 24.19 -24.52
C ARG C 44 33.80 23.87 -24.72
N GLY C 45 34.12 22.58 -24.97
CA GLY C 45 35.49 22.18 -25.24
C GLY C 45 36.31 21.96 -23.96
N MET C 46 35.74 22.23 -22.78
CA MET C 46 36.52 22.11 -21.55
C MET C 46 36.46 20.66 -21.09
N LYS C 47 37.62 20.10 -20.76
CA LYS C 47 37.70 18.74 -20.23
C LYS C 47 37.34 18.76 -18.74
N GLY C 48 36.13 18.29 -18.44
CA GLY C 48 35.48 18.61 -17.19
C GLY C 48 35.43 17.42 -16.24
N LEU C 49 35.34 16.22 -16.78
CA LEU C 49 34.98 15.09 -15.92
C LEU C 49 35.36 13.80 -16.60
N VAL C 50 35.49 12.80 -15.74
CA VAL C 50 35.76 11.43 -16.10
C VAL C 50 34.42 10.73 -16.05
N TYR C 51 34.16 10.05 -17.13
CA TYR C 51 32.94 9.31 -17.31
C TYR C 51 33.33 8.07 -18.12
N GLU C 52 33.14 6.90 -17.49
CA GLU C 52 33.79 5.68 -17.95
C GLU C 52 32.99 4.97 -19.04
N THR C 53 31.67 5.16 -19.09
CA THR C 53 30.80 4.23 -19.81
C THR C 53 30.84 4.45 -21.33
N SER C 54 30.87 5.70 -21.77
CA SER C 54 30.87 5.98 -23.19
C SER C 54 31.75 7.19 -23.44
N VAL C 55 32.20 7.31 -24.68
CA VAL C 55 33.11 8.35 -25.13
C VAL C 55 32.68 8.80 -26.52
N LEU C 56 32.54 10.11 -26.73
CA LEU C 56 32.00 10.66 -27.96
C LEU C 56 33.18 11.16 -28.78
N ASP C 57 33.51 10.39 -29.83
CA ASP C 57 34.39 10.87 -30.87
C ASP C 57 33.60 11.87 -31.73
N PRO C 58 34.07 13.12 -31.89
CA PRO C 58 33.35 14.10 -32.72
C PRO C 58 33.24 13.71 -34.19
N ASP C 59 34.27 12.99 -34.68
CA ASP C 59 34.42 12.55 -36.05
C ASP C 59 33.53 11.32 -36.28
N GLU C 60 33.58 10.35 -35.35
CA GLU C 60 33.02 9.01 -35.53
C GLU C 60 31.81 8.72 -34.64
N GLY C 61 31.51 9.57 -33.66
CA GLY C 61 30.33 9.39 -32.82
C GLY C 61 30.62 8.53 -31.60
N ILE C 62 29.53 8.05 -30.98
CA ILE C 62 29.60 7.49 -29.63
C ILE C 62 30.17 6.08 -29.67
N ARG C 63 31.04 5.80 -28.69
CA ARG C 63 31.48 4.45 -28.39
C ARG C 63 31.06 4.08 -26.97
N PHE C 64 30.40 2.92 -26.84
CA PHE C 64 30.13 2.29 -25.57
C PHE C 64 31.28 1.37 -25.21
N ARG C 65 32.04 1.75 -24.17
CA ARG C 65 33.18 0.97 -23.71
C ARG C 65 34.04 0.53 -24.89
N GLY C 66 34.18 1.44 -25.85
CA GLY C 66 35.12 1.23 -26.94
C GLY C 66 34.47 0.56 -28.15
N PHE C 67 33.18 0.18 -28.05
CA PHE C 67 32.43 -0.36 -29.16
C PHE C 67 31.50 0.65 -29.81
N SER C 68 31.52 0.69 -31.13
CA SER C 68 30.68 1.60 -31.88
C SER C 68 29.27 1.01 -31.93
N ILE C 69 28.33 1.83 -32.35
CA ILE C 69 26.96 1.35 -32.42
C ILE C 69 26.90 0.17 -33.37
N PRO C 70 27.46 0.27 -34.60
CA PRO C 70 27.47 -0.89 -35.50
C PRO C 70 28.13 -2.14 -34.91
N GLU C 71 29.28 -2.02 -34.25
CA GLU C 71 29.83 -3.19 -33.56
C GLU C 71 28.83 -3.76 -32.55
N CYS C 72 28.23 -2.89 -31.74
CA CYS C 72 27.27 -3.35 -30.76
C CYS C 72 26.09 -4.07 -31.40
N GLN C 73 25.61 -3.57 -32.54
CA GLN C 73 24.46 -4.14 -33.21
C GLN C 73 24.79 -5.57 -33.61
N LYS C 74 26.06 -5.83 -33.97
CA LYS C 74 26.47 -7.18 -34.31
C LYS C 74 26.66 -8.05 -33.05
N LEU C 75 27.35 -7.53 -32.03
CA LEU C 75 27.83 -8.36 -30.93
C LEU C 75 26.77 -8.61 -29.85
N LEU C 76 25.91 -7.63 -29.61
CA LEU C 76 25.01 -7.70 -28.48
C LEU C 76 23.91 -8.73 -28.73
N PRO C 77 23.57 -9.57 -27.73
CA PRO C 77 22.45 -10.49 -27.90
C PRO C 77 21.14 -9.84 -28.36
N LYS C 78 20.40 -10.63 -29.12
CA LYS C 78 19.11 -10.24 -29.65
C LYS C 78 18.05 -11.08 -28.97
N ALA C 79 16.79 -10.63 -29.07
CA ALA C 79 15.64 -11.45 -28.75
C ALA C 79 15.58 -12.66 -29.68
N LYS C 80 14.98 -13.74 -29.17
CA LYS C 80 14.65 -14.91 -29.96
C LYS C 80 13.76 -14.45 -31.12
N GLY C 81 14.25 -14.62 -32.35
CA GLY C 81 13.48 -14.27 -33.53
C GLY C 81 13.60 -12.78 -33.87
N GLY C 82 14.67 -12.15 -33.37
CA GLY C 82 14.84 -10.71 -33.47
C GLY C 82 16.17 -10.35 -34.11
N GLU C 83 16.29 -9.08 -34.51
CA GLU C 83 17.49 -8.60 -35.18
C GLU C 83 18.14 -7.45 -34.41
N GLU C 84 17.39 -6.77 -33.53
CA GLU C 84 17.87 -5.56 -32.88
C GLU C 84 18.44 -5.89 -31.49
N PRO C 85 19.55 -5.26 -31.06
CA PRO C 85 20.14 -5.56 -29.74
C PRO C 85 19.24 -5.20 -28.54
N LEU C 86 19.32 -6.08 -27.55
CA LEU C 86 18.56 -5.90 -26.33
C LEU C 86 19.22 -4.82 -25.48
N PRO C 87 18.48 -3.78 -25.02
CA PRO C 87 19.02 -2.82 -24.07
C PRO C 87 19.69 -3.42 -22.84
N GLU C 88 19.14 -4.54 -22.30
CA GLU C 88 19.77 -5.31 -21.22
C GLU C 88 21.25 -5.54 -21.49
N GLY C 89 21.59 -5.93 -22.72
CA GLY C 89 22.97 -6.30 -23.00
C GLY C 89 23.86 -5.09 -23.11
N LEU C 90 23.28 -3.99 -23.57
CA LEU C 90 24.00 -2.76 -23.61
C LEU C 90 24.35 -2.33 -22.18
N PHE C 91 23.39 -2.51 -21.29
CA PHE C 91 23.62 -2.15 -19.90
C PHE C 91 24.79 -2.97 -19.33
N TRP C 92 24.79 -4.27 -19.60
CA TRP C 92 25.85 -5.15 -19.16
C TRP C 92 27.20 -4.69 -19.65
N LEU C 93 27.29 -4.31 -20.94
CA LEU C 93 28.51 -3.78 -21.50
C LEU C 93 28.94 -2.50 -20.78
N LEU C 94 28.02 -1.56 -20.66
CA LEU C 94 28.35 -0.31 -19.97
C LEU C 94 28.86 -0.55 -18.54
N VAL C 95 28.23 -1.46 -17.80
CA VAL C 95 28.61 -1.75 -16.43
C VAL C 95 29.94 -2.51 -16.35
N THR C 96 30.17 -3.51 -17.21
CA THR C 96 31.28 -4.43 -16.99
C THR C 96 32.45 -4.14 -17.90
N GLY C 97 32.20 -3.40 -18.98
CA GLY C 97 33.14 -3.25 -20.06
C GLY C 97 33.18 -4.45 -21.01
N HIS C 98 32.34 -5.48 -20.79
CA HIS C 98 32.37 -6.71 -21.58
C HIS C 98 31.04 -6.93 -22.26
N ILE C 99 31.13 -7.54 -23.44
CA ILE C 99 29.96 -7.92 -24.18
C ILE C 99 29.31 -9.05 -23.41
N PRO C 100 27.99 -9.02 -23.12
CA PRO C 100 27.36 -10.12 -22.41
C PRO C 100 27.22 -11.34 -23.31
N THR C 101 27.17 -12.53 -22.68
CA THR C 101 26.64 -13.75 -23.29
C THR C 101 25.12 -13.70 -23.33
N GLU C 102 24.52 -14.61 -24.09
CA GLU C 102 23.06 -14.79 -24.14
C GLU C 102 22.51 -15.07 -22.76
N GLU C 103 23.22 -15.88 -21.96
CA GLU C 103 22.73 -16.29 -20.66
C GLU C 103 22.70 -15.07 -19.72
N GLN C 104 23.69 -14.20 -19.85
CA GLN C 104 23.80 -13.01 -19.01
C GLN C 104 22.65 -12.03 -19.27
N VAL C 105 22.39 -11.76 -20.54
CA VAL C 105 21.27 -10.94 -20.94
C VAL C 105 19.97 -11.59 -20.46
N SER C 106 19.85 -12.90 -20.61
CA SER C 106 18.67 -13.62 -20.16
CA SER C 106 18.67 -13.63 -20.15
C SER C 106 18.48 -13.45 -18.64
N TRP C 107 19.54 -13.64 -17.87
CA TRP C 107 19.47 -13.44 -16.43
C TRP C 107 19.09 -11.98 -16.07
N LEU C 108 19.64 -11.00 -16.78
CA LEU C 108 19.31 -9.61 -16.54
C LEU C 108 17.85 -9.30 -16.86
N SER C 109 17.31 -9.82 -17.96
CA SER C 109 15.89 -9.69 -18.25
C SER C 109 15.04 -10.17 -17.07
N LYS C 110 15.43 -11.32 -16.50
CA LYS C 110 14.65 -11.92 -15.42
C LYS C 110 14.75 -11.02 -14.20
N GLU C 111 15.96 -10.51 -13.97
CA GLU C 111 16.23 -9.65 -12.82
C GLU C 111 15.35 -8.40 -12.84
N TRP C 112 15.30 -7.72 -14.00
CA TRP C 112 14.53 -6.50 -14.13
C TRP C 112 13.03 -6.82 -14.06
N ALA C 113 12.64 -7.98 -14.60
CA ALA C 113 11.27 -8.45 -14.47
C ALA C 113 10.84 -8.60 -13.00
N LYS C 114 11.71 -9.15 -12.14
CA LYS C 114 11.31 -9.45 -10.77
C LYS C 114 11.17 -8.17 -9.94
N ARG C 115 11.87 -7.09 -10.34
CA ARG C 115 11.98 -5.91 -9.50
C ARG C 115 10.96 -4.82 -9.83
N ALA C 116 10.01 -5.06 -10.72
CA ALA C 116 9.35 -3.98 -11.45
C ALA C 116 8.09 -3.41 -10.76
N ALA C 117 7.74 -3.87 -9.54
CA ALA C 117 6.52 -3.43 -8.87
C ALA C 117 6.60 -1.97 -8.46
N LEU C 118 5.49 -1.23 -8.59
CA LEU C 118 5.45 0.12 -8.06
C LEU C 118 4.75 0.16 -6.70
N PRO C 119 5.16 1.06 -5.75
CA PRO C 119 4.36 1.28 -4.53
C PRO C 119 3.10 2.10 -4.80
N SER C 120 2.14 1.95 -3.90
CA SER C 120 0.79 2.45 -4.10
C SER C 120 0.82 3.95 -4.30
N HIS C 121 1.72 4.62 -3.58
CA HIS C 121 1.68 6.06 -3.59
C HIS C 121 2.09 6.54 -4.98
N VAL C 122 2.94 5.76 -5.65
CA VAL C 122 3.43 6.19 -6.95
C VAL C 122 2.34 5.97 -7.99
N VAL C 123 1.76 4.79 -7.96
CA VAL C 123 0.61 4.48 -8.81
C VAL C 123 -0.45 5.57 -8.71
N THR C 124 -0.82 5.93 -7.48
CA THR C 124 -1.89 6.86 -7.20
C THR C 124 -1.55 8.24 -7.72
N MET C 125 -0.31 8.67 -7.45
CA MET C 125 0.19 9.95 -7.92
C MET C 125 0.05 10.11 -9.44
N LEU C 126 0.46 9.07 -10.18
CA LEU C 126 0.34 9.07 -11.63
C LEU C 126 -1.12 9.11 -12.09
N ASP C 127 -2.00 8.38 -11.40
CA ASP C 127 -3.40 8.29 -11.77
C ASP C 127 -4.14 9.58 -11.43
N ASN C 128 -3.55 10.42 -10.58
CA ASN C 128 -4.18 11.68 -10.21
C ASN C 128 -3.58 12.84 -10.98
N PHE C 129 -2.46 12.65 -11.69
CA PHE C 129 -1.89 13.76 -12.43
C PHE C 129 -2.94 14.30 -13.39
N PRO C 130 -3.05 15.62 -13.59
CA PRO C 130 -3.89 16.19 -14.64
C PRO C 130 -3.28 16.02 -16.03
N THR C 131 -4.11 16.22 -17.06
CA THR C 131 -3.73 15.90 -18.42
C THR C 131 -2.92 17.05 -19.01
N ASN C 132 -2.88 18.21 -18.34
CA ASN C 132 -2.10 19.32 -18.83
C ASN C 132 -0.72 19.31 -18.17
N LEU C 133 -0.42 18.29 -17.32
CA LEU C 133 0.93 18.09 -16.79
C LEU C 133 1.77 17.30 -17.80
N HIS C 134 2.83 17.92 -18.30
CA HIS C 134 3.60 17.34 -19.41
C HIS C 134 4.06 15.95 -19.00
N PRO C 135 4.17 14.93 -19.90
CA PRO C 135 4.67 13.61 -19.48
C PRO C 135 6.05 13.58 -18.82
N MET C 136 6.94 14.50 -19.21
CA MET C 136 8.28 14.53 -18.67
C MET C 136 8.28 14.98 -17.22
N SER C 137 7.37 15.89 -16.89
CA SER C 137 7.21 16.34 -15.53
C SER C 137 6.66 15.20 -14.71
N GLN C 138 5.74 14.45 -15.31
CA GLN C 138 5.14 13.33 -14.61
C GLN C 138 6.18 12.26 -14.33
N LEU C 139 7.07 12.04 -15.28
CA LEU C 139 8.12 11.07 -15.08
C LEU C 139 9.03 11.49 -13.93
N SER C 140 9.52 12.72 -14.01
CA SER C 140 10.49 13.21 -13.03
C SER C 140 9.87 13.18 -11.64
N ALA C 141 8.62 13.64 -11.49
CA ALA C 141 7.94 13.66 -10.21
C ALA C 141 7.77 12.24 -9.65
N ALA C 142 7.37 11.29 -10.50
CA ALA C 142 7.16 9.93 -10.05
C ALA C 142 8.47 9.25 -9.66
N VAL C 143 9.57 9.52 -10.39
CA VAL C 143 10.87 8.94 -10.02
C VAL C 143 11.30 9.52 -8.67
N THR C 144 11.05 10.81 -8.46
CA THR C 144 11.38 11.45 -7.19
C THR C 144 10.60 10.77 -6.07
N ALA C 145 9.33 10.42 -6.32
CA ALA C 145 8.49 9.85 -5.31
C ALA C 145 8.92 8.42 -4.97
N LEU C 146 9.50 7.71 -5.93
CA LEU C 146 9.97 6.35 -5.73
C LEU C 146 11.17 6.31 -4.77
N ASN C 147 11.80 7.45 -4.47
CA ASN C 147 12.99 7.47 -3.62
C ASN C 147 12.67 6.99 -2.19
N SER C 148 11.39 6.83 -1.85
CA SER C 148 10.97 6.22 -0.63
C SER C 148 11.44 4.76 -0.55
N GLU C 149 11.64 4.17 -1.72
CA GLU C 149 12.16 2.82 -1.85
C GLU C 149 13.69 2.77 -1.86
N SER C 150 14.40 3.90 -1.72
CA SER C 150 15.86 3.91 -1.86
C SER C 150 16.53 3.15 -0.71
N ASN C 151 17.22 2.07 -1.06
CA ASN C 151 18.11 1.38 -0.12
C ASN C 151 19.35 2.21 0.16
N PHE C 152 19.79 3.02 -0.80
CA PHE C 152 21.02 3.78 -0.61
C PHE C 152 20.81 4.90 0.42
N ALA C 153 19.65 5.56 0.39
CA ALA C 153 19.42 6.67 1.31
C ALA C 153 19.33 6.16 2.75
N ARG C 154 18.65 5.02 2.98
CA ARG C 154 18.51 4.40 4.28
C ARG C 154 19.87 3.94 4.82
N ALA C 155 20.69 3.31 3.98
CA ALA C 155 21.98 2.82 4.46
C ALA C 155 22.92 3.96 4.86
N TYR C 156 22.93 5.05 4.09
CA TYR C 156 23.87 6.13 4.39
C TYR C 156 23.56 6.73 5.77
N ALA C 157 22.27 6.82 6.12
CA ALA C 157 21.90 7.36 7.41
C ALA C 157 22.57 6.54 8.53
N GLN C 158 22.68 5.22 8.34
CA GLN C 158 23.19 4.33 9.37
C GLN C 158 24.72 4.28 9.39
N GLY C 159 25.41 4.99 8.49
CA GLY C 159 26.85 5.09 8.47
C GLY C 159 27.56 3.93 7.76
N ILE C 160 26.99 3.39 6.68
CA ILE C 160 27.67 2.38 5.87
C ILE C 160 29.05 2.86 5.38
N SER C 161 30.04 1.95 5.34
CA SER C 161 31.34 2.22 4.77
C SER C 161 31.22 2.77 3.35
N ARG C 162 32.08 3.73 2.99
CA ARG C 162 32.14 4.28 1.65
C ARG C 162 32.58 3.21 0.64
N THR C 163 33.21 2.14 1.14
CA THR C 163 33.66 1.06 0.28
C THR C 163 32.44 0.36 -0.29
N LYS C 164 31.26 0.52 0.32
CA LYS C 164 30.09 -0.26 -0.06
C LYS C 164 29.02 0.60 -0.70
N TYR C 165 29.29 1.89 -0.90
CA TYR C 165 28.29 2.75 -1.56
C TYR C 165 27.86 2.16 -2.89
N TRP C 166 28.79 1.65 -3.68
CA TRP C 166 28.44 1.22 -5.02
C TRP C 166 27.40 0.11 -4.99
N GLU C 167 27.47 -0.73 -3.96
CA GLU C 167 26.59 -1.88 -3.84
C GLU C 167 25.12 -1.46 -3.73
N LEU C 168 24.83 -0.42 -2.97
CA LEU C 168 23.46 0.04 -2.79
C LEU C 168 23.01 0.90 -3.95
N ILE C 169 23.89 1.69 -4.55
CA ILE C 169 23.68 2.37 -5.79
C ILE C 169 23.29 1.36 -6.87
N TYR C 170 23.97 0.21 -6.89
CA TYR C 170 23.63 -0.82 -7.88
C TYR C 170 22.21 -1.37 -7.64
N GLU C 171 21.87 -1.76 -6.41
CA GLU C 171 20.52 -2.28 -6.17
C GLU C 171 19.46 -1.24 -6.52
N ASP C 172 19.60 -0.01 -6.05
CA ASP C 172 18.63 1.03 -6.35
C ASP C 172 18.59 1.28 -7.87
N SER C 173 19.74 1.19 -8.55
CA SER C 173 19.76 1.38 -10.00
C SER C 173 19.01 0.24 -10.68
N MET C 174 19.18 -0.99 -10.19
CA MET C 174 18.46 -2.11 -10.78
C MET C 174 16.96 -2.02 -10.57
N ASP C 175 16.56 -1.54 -9.39
CA ASP C 175 15.18 -1.30 -9.07
C ASP C 175 14.59 -0.22 -10.00
N LEU C 176 15.29 0.91 -10.16
CA LEU C 176 14.81 2.05 -10.94
C LEU C 176 14.66 1.61 -12.38
N ILE C 177 15.70 0.98 -12.94
CA ILE C 177 15.64 0.48 -14.31
C ILE C 177 14.43 -0.42 -14.50
N ALA C 178 14.22 -1.35 -13.56
CA ALA C 178 13.10 -2.28 -13.66
C ALA C 178 11.76 -1.58 -13.55
N LYS C 179 11.69 -0.46 -12.80
CA LYS C 179 10.42 0.21 -12.54
C LYS C 179 10.01 1.16 -13.65
N LEU C 180 10.97 1.59 -14.43
CA LEU C 180 10.78 2.77 -15.24
C LEU C 180 9.74 2.52 -16.34
N PRO C 181 9.74 1.37 -17.05
CA PRO C 181 8.74 1.08 -18.06
C PRO C 181 7.31 1.11 -17.52
N CYS C 182 7.09 0.67 -16.27
CA CYS C 182 5.74 0.76 -15.70
C CYS C 182 5.34 2.20 -15.40
N VAL C 183 6.26 3.00 -14.83
CA VAL C 183 6.07 4.43 -14.70
C VAL C 183 5.71 5.01 -16.06
N ALA C 184 6.55 4.73 -17.07
CA ALA C 184 6.42 5.34 -18.37
C ALA C 184 5.08 4.95 -19.02
N ALA C 185 4.65 3.71 -18.82
CA ALA C 185 3.50 3.17 -19.53
C ALA C 185 2.21 3.65 -18.86
N LYS C 186 2.26 3.79 -17.53
CA LYS C 186 1.22 4.42 -16.75
C LYS C 186 0.92 5.83 -17.28
N ILE C 187 1.97 6.62 -17.45
CA ILE C 187 1.88 7.97 -17.97
C ILE C 187 1.21 7.97 -19.33
N TYR C 188 1.70 7.11 -20.20
CA TYR C 188 1.19 7.04 -21.56
C TYR C 188 -0.32 6.76 -21.52
N ARG C 189 -0.71 5.73 -20.79
CA ARG C 189 -2.08 5.28 -20.78
C ARG C 189 -3.01 6.24 -20.02
N ASN C 190 -2.53 6.85 -18.94
CA ASN C 190 -3.33 7.86 -18.26
C ASN C 190 -3.51 9.07 -19.15
N LEU C 191 -2.50 9.40 -19.98
CA LEU C 191 -2.62 10.58 -20.83
C LEU C 191 -3.42 10.26 -22.10
N TYR C 192 -3.17 9.12 -22.72
CA TYR C 192 -3.59 8.93 -24.10
C TYR C 192 -4.47 7.69 -24.29
N ARG C 193 -4.82 6.98 -23.20
CA ARG C 193 -5.69 5.80 -23.33
C ARG C 193 -6.75 5.81 -22.22
N GLU C 194 -7.19 7.00 -21.83
CA GLU C 194 -8.26 7.18 -20.86
C GLU C 194 -8.02 6.38 -19.58
N GLY C 195 -6.76 6.11 -19.21
CA GLY C 195 -6.50 5.54 -17.90
C GLY C 195 -6.70 4.03 -17.83
N SER C 196 -6.81 3.35 -18.97
CA SER C 196 -6.82 1.89 -18.97
C SER C 196 -5.58 1.36 -18.27
N GLY C 197 -5.66 0.11 -17.76
CA GLY C 197 -4.59 -0.47 -16.97
C GLY C 197 -3.39 -0.84 -17.84
N ILE C 198 -2.19 -0.96 -17.22
CA ILE C 198 -0.98 -1.28 -17.95
C ILE C 198 -0.85 -2.80 -18.02
N GLY C 199 -1.66 -3.49 -17.21
CA GLY C 199 -1.63 -4.94 -17.18
C GLY C 199 -0.42 -5.40 -16.39
N ALA C 200 0.14 -6.54 -16.82
CA ALA C 200 1.06 -7.30 -15.99
C ALA C 200 2.42 -7.41 -16.69
N ILE C 201 3.39 -7.78 -15.87
CA ILE C 201 4.76 -8.01 -16.28
C ILE C 201 4.89 -9.51 -16.49
N ASP C 202 5.43 -9.89 -17.63
CA ASP C 202 5.71 -11.29 -17.89
C ASP C 202 7.19 -11.57 -17.59
N SER C 203 7.46 -12.55 -16.72
CA SER C 203 8.77 -12.66 -16.10
C SER C 203 9.78 -13.28 -17.07
N ASN C 204 9.30 -13.83 -18.19
CA ASN C 204 10.15 -14.45 -19.19
C ASN C 204 10.35 -13.55 -20.40
N LEU C 205 9.81 -12.33 -20.40
CA LEU C 205 10.00 -11.43 -21.53
C LEU C 205 11.16 -10.49 -21.22
N ASP C 206 11.73 -9.90 -22.26
CA ASP C 206 12.70 -8.83 -22.11
C ASP C 206 12.01 -7.51 -21.72
N TRP C 207 12.85 -6.61 -21.21
CA TRP C 207 12.49 -5.31 -20.68
C TRP C 207 11.70 -4.51 -21.72
N SER C 208 12.15 -4.54 -22.98
CA SER C 208 11.55 -3.81 -24.08
C SER C 208 10.15 -4.31 -24.43
N HIS C 209 9.97 -5.64 -24.39
CA HIS C 209 8.71 -6.26 -24.74
C HIS C 209 7.69 -6.04 -23.63
N ASN C 210 8.09 -6.19 -22.36
CA ASN C 210 7.21 -5.82 -21.26
C ASN C 210 6.76 -4.38 -21.46
N PHE C 211 7.68 -3.49 -21.82
CA PHE C 211 7.36 -2.09 -21.95
C PHE C 211 6.33 -1.89 -23.07
N THR C 212 6.52 -2.52 -24.23
CA THR C 212 5.57 -2.28 -25.30
C THR C 212 4.21 -2.88 -24.96
N ASN C 213 4.18 -4.03 -24.26
CA ASN C 213 2.96 -4.67 -23.77
C ASN C 213 2.23 -3.69 -22.86
N MET C 214 2.99 -3.00 -22.04
CA MET C 214 2.36 -2.14 -21.09
C MET C 214 1.87 -0.90 -21.83
N LEU C 215 2.60 -0.44 -22.86
CA LEU C 215 2.12 0.69 -23.62
C LEU C 215 0.79 0.37 -24.34
N GLY C 216 0.54 -0.91 -24.66
CA GLY C 216 -0.64 -1.31 -25.42
C GLY C 216 -0.33 -1.60 -26.89
N TYR C 217 0.96 -1.70 -27.27
CA TYR C 217 1.39 -1.97 -28.63
C TYR C 217 1.65 -3.46 -28.74
N THR C 218 1.43 -4.06 -29.91
CA THR C 218 1.69 -5.49 -30.04
C THR C 218 2.43 -5.84 -31.32
N ASP C 219 2.60 -4.88 -32.22
CA ASP C 219 3.35 -5.11 -33.44
C ASP C 219 4.76 -5.52 -33.04
N HIS C 220 5.22 -6.72 -33.45
CA HIS C 220 6.59 -7.15 -33.19
C HIS C 220 7.58 -6.08 -33.64
N GLN C 221 7.28 -5.37 -34.73
CA GLN C 221 8.25 -4.46 -35.31
C GLN C 221 8.43 -3.22 -34.42
N PHE C 222 7.36 -2.80 -33.74
CA PHE C 222 7.47 -1.73 -32.77
C PHE C 222 8.34 -2.16 -31.59
N THR C 223 8.24 -3.40 -31.13
CA THR C 223 9.12 -3.90 -30.08
C THR C 223 10.58 -3.85 -30.53
N GLU C 224 10.82 -4.29 -31.78
CA GLU C 224 12.15 -4.28 -32.35
C GLU C 224 12.67 -2.85 -32.46
N LEU C 225 11.79 -1.90 -32.80
CA LEU C 225 12.14 -0.49 -32.82
C LEU C 225 12.56 -0.05 -31.41
N THR C 226 11.70 -0.35 -30.44
CA THR C 226 11.92 0.02 -29.05
C THR C 226 13.27 -0.55 -28.56
N ARG C 227 13.56 -1.82 -28.81
CA ARG C 227 14.84 -2.38 -28.38
C ARG C 227 15.98 -1.55 -28.94
N LEU C 228 15.89 -1.21 -30.23
CA LEU C 228 16.95 -0.46 -30.89
C LEU C 228 17.07 0.95 -30.32
N TYR C 229 15.92 1.61 -30.14
CA TYR C 229 15.84 2.99 -29.68
C TYR C 229 16.39 3.10 -28.26
N LEU C 230 15.98 2.15 -27.40
CA LEU C 230 16.46 2.11 -26.02
C LEU C 230 17.95 1.80 -25.94
N THR C 231 18.54 1.02 -26.88
CA THR C 231 19.97 0.79 -26.85
C THR C 231 20.75 2.06 -27.23
N ILE C 232 20.37 2.74 -28.33
CA ILE C 232 21.22 3.78 -28.92
C ILE C 232 21.07 5.13 -28.21
N HIS C 233 19.98 5.33 -27.51
CA HIS C 233 19.80 6.57 -26.76
C HIS C 233 20.35 6.45 -25.34
N SER C 234 20.99 5.32 -25.03
CA SER C 234 21.25 4.98 -23.65
C SER C 234 22.33 5.88 -23.03
N ASP C 235 23.33 6.33 -23.80
CA ASP C 235 24.44 7.07 -23.21
C ASP C 235 25.09 7.92 -24.29
N HIS C 236 25.70 9.04 -23.90
CA HIS C 236 26.35 9.89 -24.88
C HIS C 236 27.45 10.72 -24.25
N GLU C 237 28.36 10.05 -23.54
CA GLU C 237 29.43 10.74 -22.82
C GLU C 237 28.85 11.38 -21.56
N GLY C 238 29.69 12.10 -20.83
CA GLY C 238 29.35 12.59 -19.51
C GLY C 238 28.88 14.02 -19.54
N GLY C 239 29.13 14.71 -20.70
CA GLY C 239 29.02 16.14 -20.82
C GLY C 239 27.64 16.62 -21.31
N ASN C 240 26.82 15.73 -21.85
CA ASN C 240 25.45 16.12 -22.18
C ASN C 240 24.72 16.41 -20.88
N VAL C 241 23.66 17.20 -20.99
CA VAL C 241 23.03 17.80 -19.82
C VAL C 241 22.41 16.75 -18.89
N SER C 242 21.85 15.69 -19.46
CA SER C 242 21.16 14.70 -18.64
C SER C 242 22.19 13.88 -17.84
N ALA C 243 23.22 13.38 -18.51
CA ALA C 243 24.28 12.63 -17.84
C ALA C 243 25.05 13.49 -16.87
N HIS C 244 25.33 14.71 -17.26
CA HIS C 244 26.11 15.60 -16.40
C HIS C 244 25.30 15.95 -15.15
N THR C 245 24.00 16.20 -15.31
CA THR C 245 23.12 16.48 -14.19
C THR C 245 23.11 15.28 -13.25
N SER C 246 22.98 14.07 -13.76
CA SER C 246 22.89 12.90 -12.90
C SER C 246 24.20 12.66 -12.15
N HIS C 247 25.33 12.94 -12.82
CA HIS C 247 26.65 12.85 -12.21
C HIS C 247 26.80 13.91 -11.11
N LEU C 248 26.40 15.13 -11.41
CA LEU C 248 26.46 16.23 -10.46
C LEU C 248 25.64 15.90 -9.21
N VAL C 249 24.37 15.54 -9.37
CA VAL C 249 23.51 15.28 -8.24
C VAL C 249 23.97 14.02 -7.49
N GLY C 250 24.41 12.98 -8.21
CA GLY C 250 24.90 11.81 -7.53
C GLY C 250 26.21 12.00 -6.80
N SER C 251 27.06 12.92 -7.26
CA SER C 251 28.29 13.27 -6.57
C SER C 251 28.00 13.82 -5.16
N ALA C 252 26.77 14.30 -4.90
CA ALA C 252 26.38 14.75 -3.56
C ALA C 252 25.84 13.58 -2.73
N LEU C 253 25.94 12.38 -3.28
CA LEU C 253 25.48 11.14 -2.68
C LEU C 253 23.96 11.13 -2.59
N SER C 254 23.30 11.94 -3.41
CA SER C 254 21.89 11.67 -3.66
C SER C 254 21.75 10.28 -4.30
N ASP C 255 20.62 9.62 -4.02
CA ASP C 255 20.38 8.26 -4.46
C ASP C 255 20.07 8.25 -5.95
N PRO C 256 20.12 7.09 -6.63
CA PRO C 256 19.85 7.03 -8.06
C PRO C 256 18.51 7.60 -8.49
N TYR C 257 17.51 7.52 -7.61
CA TYR C 257 16.21 8.10 -7.94
C TYR C 257 16.32 9.62 -8.06
N LEU C 258 16.89 10.28 -7.05
CA LEU C 258 17.00 11.70 -7.13
C LEU C 258 17.91 12.12 -8.29
N SER C 259 18.99 11.34 -8.53
CA SER C 259 19.93 11.69 -9.57
C SER C 259 19.23 11.62 -10.91
N PHE C 260 18.45 10.56 -11.10
CA PHE C 260 17.76 10.35 -12.36
C PHE C 260 16.68 11.39 -12.53
N ALA C 261 15.94 11.71 -11.48
CA ALA C 261 14.86 12.67 -11.62
C ALA C 261 15.40 14.02 -12.02
N ALA C 262 16.56 14.42 -11.48
CA ALA C 262 17.22 15.64 -11.90
C ALA C 262 17.64 15.56 -13.36
N ALA C 263 18.23 14.45 -13.77
CA ALA C 263 18.63 14.30 -15.17
C ALA C 263 17.42 14.48 -16.09
N MET C 264 16.28 13.94 -15.69
CA MET C 264 15.06 14.04 -16.49
C MET C 264 14.62 15.49 -16.63
N ASN C 265 14.69 16.26 -15.55
CA ASN C 265 14.41 17.69 -15.62
C ASN C 265 15.30 18.36 -16.67
N GLY C 266 16.54 17.90 -16.78
CA GLY C 266 17.47 18.43 -17.75
C GLY C 266 17.16 17.92 -19.16
N LEU C 267 16.79 16.64 -19.28
CA LEU C 267 16.31 16.07 -20.53
C LEU C 267 15.08 16.82 -21.03
N ALA C 268 14.24 17.35 -20.14
CA ALA C 268 12.97 17.95 -20.55
C ALA C 268 13.17 19.30 -21.24
N GLY C 269 14.40 19.84 -21.20
CA GLY C 269 14.64 21.18 -21.70
C GLY C 269 14.65 21.17 -23.22
N PRO C 270 14.06 22.21 -23.89
CA PRO C 270 14.05 22.31 -25.33
C PRO C 270 15.39 22.08 -26.05
N LEU C 271 16.49 22.46 -25.42
CA LEU C 271 17.81 22.34 -26.04
C LEU C 271 18.44 20.95 -25.86
N HIS C 272 17.77 20.00 -25.21
CA HIS C 272 18.40 18.72 -25.02
C HIS C 272 17.53 17.56 -25.51
N GLY C 273 16.31 17.43 -25.01
CA GLY C 273 15.57 16.20 -25.25
C GLY C 273 14.28 16.41 -26.03
N LEU C 274 13.98 17.64 -26.46
CA LEU C 274 12.71 17.90 -27.12
C LEU C 274 12.87 18.04 -28.63
N ALA C 275 14.06 17.78 -29.18
CA ALA C 275 14.33 18.06 -30.59
C ALA C 275 13.65 17.06 -31.54
N ASN C 276 13.44 15.83 -31.08
CA ASN C 276 12.69 14.82 -31.84
C ASN C 276 11.36 15.41 -32.30
N GLN C 277 10.62 15.96 -31.33
CA GLN C 277 9.31 16.54 -31.53
C GLN C 277 9.41 17.76 -32.44
N GLU C 278 10.45 18.59 -32.28
CA GLU C 278 10.60 19.80 -33.06
C GLU C 278 10.93 19.45 -34.52
N VAL C 279 11.68 18.37 -34.73
CA VAL C 279 11.89 17.86 -36.07
C VAL C 279 10.54 17.47 -36.69
N LEU C 280 9.74 16.69 -35.97
CA LEU C 280 8.56 16.11 -36.57
C LEU C 280 7.57 17.21 -36.97
N VAL C 281 7.36 18.19 -36.09
CA VAL C 281 6.48 19.32 -36.33
C VAL C 281 6.95 20.10 -37.57
N TRP C 282 8.26 20.34 -37.65
CA TRP C 282 8.86 20.95 -38.83
C TRP C 282 8.63 20.10 -40.11
N LEU C 283 8.84 18.78 -40.03
CA LEU C 283 8.63 17.87 -41.15
C LEU C 283 7.17 17.91 -41.60
N THR C 284 6.23 17.89 -40.65
CA THR C 284 4.81 17.88 -40.94
C THR C 284 4.41 19.21 -41.59
N GLN C 285 5.06 20.31 -41.17
CA GLN C 285 4.84 21.63 -41.74
C GLN C 285 5.36 21.72 -43.19
N LEU C 286 6.49 21.06 -43.48
CA LEU C 286 7.12 21.06 -44.81
C LEU C 286 6.43 20.09 -45.77
N GLN C 287 6.04 18.91 -45.26
CA GLN C 287 5.30 17.91 -46.03
C GLN C 287 3.99 18.50 -46.54
N LYS C 288 3.35 19.35 -45.73
CA LYS C 288 2.11 20.01 -46.12
C LYS C 288 2.36 21.05 -47.21
N GLU C 289 3.51 21.74 -47.20
CA GLU C 289 3.73 22.84 -48.12
C GLU C 289 4.44 22.44 -49.42
N VAL C 290 4.74 21.00 -49.69
CA VAL C 290 4.90 20.78 -51.12
C VAL C 290 4.31 19.43 -51.55
N GLY C 291 3.50 18.77 -50.59
CA GLY C 291 3.00 17.41 -50.79
C GLY C 291 4.08 16.38 -50.52
N LYS C 292 3.82 15.11 -50.87
CA LYS C 292 4.82 14.06 -50.76
C LYS C 292 5.47 13.79 -52.12
N ASP C 293 4.98 14.45 -53.17
CA ASP C 293 5.47 14.27 -54.53
C ASP C 293 6.80 15.03 -54.70
N VAL C 294 7.15 15.88 -53.73
CA VAL C 294 8.13 16.93 -53.92
C VAL C 294 9.37 16.39 -54.61
N SER C 295 9.80 17.09 -55.65
CA SER C 295 11.05 16.84 -56.35
C SER C 295 12.22 17.31 -55.49
N ASP C 296 13.40 16.75 -55.78
CA ASP C 296 14.65 17.15 -55.16
C ASP C 296 14.89 18.65 -55.39
N GLU C 297 14.59 19.15 -56.60
CA GLU C 297 14.78 20.55 -56.94
C GLU C 297 13.95 21.45 -56.02
N LYS C 298 12.67 21.11 -55.83
CA LYS C 298 11.82 21.98 -55.03
C LYS C 298 12.22 21.87 -53.55
N LEU C 299 12.66 20.67 -53.14
CA LEU C 299 13.09 20.50 -51.76
C LEU C 299 14.37 21.30 -51.52
N ARG C 300 15.33 21.27 -52.46
CA ARG C 300 16.56 22.04 -52.33
C ARG C 300 16.30 23.54 -52.40
N ASP C 301 15.23 23.93 -53.07
CA ASP C 301 14.82 25.32 -53.10
C ASP C 301 14.28 25.72 -51.73
N TYR C 302 13.41 24.87 -51.14
CA TYR C 302 12.83 25.15 -49.83
C TYR C 302 13.95 25.31 -48.79
N ILE C 303 14.96 24.44 -48.82
CA ILE C 303 16.04 24.50 -47.84
C ILE C 303 16.84 25.79 -47.98
N TRP C 304 17.06 26.24 -49.22
CA TRP C 304 17.84 27.44 -49.46
C TRP C 304 17.11 28.63 -48.86
N ASN C 305 15.79 28.68 -49.07
CA ASN C 305 15.01 29.80 -48.57
C ASN C 305 15.05 29.83 -47.04
N THR C 306 14.82 28.66 -46.40
CA THR C 306 14.92 28.54 -44.95
C THR C 306 16.24 29.13 -44.45
N LEU C 307 17.35 28.75 -45.09
CA LEU C 307 18.68 29.21 -44.70
C LEU C 307 18.90 30.69 -44.99
N ASN C 308 18.44 31.17 -46.15
CA ASN C 308 18.67 32.56 -46.54
C ASN C 308 17.83 33.47 -45.63
N SER C 309 16.61 33.02 -45.30
CA SER C 309 15.71 33.74 -44.41
C SER C 309 16.22 33.79 -42.97
N GLY C 310 17.30 33.06 -42.70
CA GLY C 310 17.98 33.13 -41.41
C GLY C 310 17.70 31.93 -40.48
N ARG C 311 16.85 30.97 -40.89
CA ARG C 311 16.38 29.91 -39.99
C ARG C 311 17.20 28.62 -40.16
N VAL C 312 17.03 27.66 -39.25
CA VAL C 312 17.82 26.44 -39.29
C VAL C 312 16.96 25.24 -39.67
N VAL C 313 17.61 24.20 -40.18
CA VAL C 313 16.98 22.91 -40.35
C VAL C 313 17.12 22.14 -39.04
N PRO C 314 16.01 21.89 -38.31
CA PRO C 314 16.09 21.16 -37.05
C PRO C 314 16.58 19.75 -37.33
N GLY C 315 17.33 19.19 -36.36
CA GLY C 315 17.83 17.84 -36.49
C GLY C 315 19.17 17.78 -37.23
N TYR C 316 19.64 18.92 -37.77
CA TYR C 316 20.94 19.00 -38.43
C TYR C 316 21.86 19.83 -37.53
N GLY C 317 23.02 19.28 -37.13
CA GLY C 317 23.94 19.97 -36.23
C GLY C 317 24.07 19.30 -34.86
N HIS C 318 25.23 19.51 -34.21
CA HIS C 318 25.40 19.05 -32.85
C HIS C 318 26.43 19.91 -32.12
N ALA C 319 26.38 19.86 -30.80
CA ALA C 319 27.31 20.57 -29.93
C ALA C 319 28.73 19.99 -30.06
N VAL C 320 28.84 18.69 -30.39
CA VAL C 320 30.14 18.02 -30.43
C VAL C 320 30.33 17.27 -31.74
N LEU C 321 29.32 16.50 -32.20
CA LEU C 321 29.48 15.72 -33.41
C LEU C 321 29.78 16.66 -34.58
N ARG C 322 30.55 16.13 -35.53
CA ARG C 322 30.94 16.86 -36.73
C ARG C 322 30.58 16.08 -38.00
N LYS C 323 30.09 14.82 -37.85
CA LYS C 323 29.76 13.95 -38.97
C LYS C 323 28.39 13.32 -38.68
N THR C 324 27.89 12.48 -39.60
CA THR C 324 26.57 11.90 -39.38
C THR C 324 26.59 11.12 -38.04
N ASP C 325 25.62 11.43 -37.18
CA ASP C 325 25.43 10.72 -35.94
C ASP C 325 25.19 9.27 -36.29
N PRO C 326 26.00 8.31 -35.79
CA PRO C 326 25.71 6.87 -35.97
C PRO C 326 24.33 6.49 -35.46
N ARG C 327 23.79 7.27 -34.52
CA ARG C 327 22.45 6.99 -34.04
C ARG C 327 21.40 7.27 -35.11
N TYR C 328 21.64 8.30 -35.97
CA TYR C 328 20.83 8.52 -37.18
C TYR C 328 20.95 7.35 -38.16
N THR C 329 22.18 6.93 -38.47
CA THR C 329 22.41 5.87 -39.44
C THR C 329 21.66 4.61 -39.05
N CYS C 330 21.69 4.24 -37.76
CA CYS C 330 20.99 3.07 -37.27
C CYS C 330 19.53 3.12 -37.67
N GLN C 331 18.92 4.31 -37.48
CA GLN C 331 17.48 4.45 -37.64
C GLN C 331 17.10 4.44 -39.12
N ARG C 332 17.97 5.03 -39.94
CA ARG C 332 17.85 4.97 -41.39
C ARG C 332 17.78 3.51 -41.80
N GLU C 333 18.74 2.72 -41.32
CA GLU C 333 18.79 1.29 -41.66
C GLU C 333 17.47 0.62 -41.26
N PHE C 334 17.00 0.89 -40.04
CA PHE C 334 15.75 0.34 -39.56
C PHE C 334 14.59 0.66 -40.47
N ALA C 335 14.43 1.95 -40.83
CA ALA C 335 13.37 2.41 -41.71
C ALA C 335 13.41 1.76 -43.09
N LEU C 336 14.62 1.70 -43.66
CA LEU C 336 14.85 1.12 -44.99
C LEU C 336 14.48 -0.37 -45.00
N LYS C 337 14.49 -1.02 -43.83
CA LYS C 337 14.10 -2.40 -43.77
C LYS C 337 12.59 -2.51 -43.56
N HIS C 338 11.99 -1.60 -42.77
CA HIS C 338 10.68 -1.92 -42.22
C HIS C 338 9.61 -1.05 -42.84
N LEU C 339 9.97 0.17 -43.28
CA LEU C 339 8.98 1.16 -43.69
C LEU C 339 9.52 2.08 -44.77
N PRO C 340 10.23 1.52 -45.79
CA PRO C 340 10.85 2.32 -46.84
C PRO C 340 9.92 3.15 -47.74
N ASN C 341 8.61 2.81 -47.80
CA ASN C 341 7.66 3.49 -48.65
C ASN C 341 6.73 4.40 -47.84
N ASP C 342 6.99 4.52 -46.53
CA ASP C 342 6.31 5.52 -45.71
C ASP C 342 6.73 6.92 -46.17
N PRO C 343 5.76 7.79 -46.51
CA PRO C 343 6.05 9.14 -47.04
C PRO C 343 6.91 10.06 -46.18
N MET C 344 6.65 10.06 -44.86
CA MET C 344 7.39 10.93 -43.97
C MET C 344 8.82 10.43 -43.92
N PHE C 345 9.00 9.10 -43.90
CA PHE C 345 10.33 8.53 -43.95
C PHE C 345 11.00 9.03 -45.24
N LYS C 346 10.32 8.80 -46.38
CA LYS C 346 10.82 9.20 -47.70
C LYS C 346 11.29 10.65 -47.71
N LEU C 347 10.55 11.54 -47.01
CA LEU C 347 10.96 12.92 -46.87
C LEU C 347 12.23 12.99 -46.03
N VAL C 348 12.26 12.26 -44.91
CA VAL C 348 13.44 12.35 -44.07
C VAL C 348 14.68 11.96 -44.89
N ALA C 349 14.57 10.91 -45.73
CA ALA C 349 15.71 10.42 -46.53
C ALA C 349 16.10 11.40 -47.65
N GLN C 350 15.12 11.95 -48.35
CA GLN C 350 15.38 13.05 -49.28
C GLN C 350 16.16 14.19 -48.62
N LEU C 351 15.80 14.57 -47.40
CA LEU C 351 16.50 15.66 -46.72
C LEU C 351 17.97 15.29 -46.44
N TYR C 352 18.22 14.01 -46.13
CA TYR C 352 19.59 13.54 -45.89
C TYR C 352 20.43 13.76 -47.15
N LYS C 353 19.85 13.64 -48.35
CA LYS C 353 20.62 13.78 -49.57
C LYS C 353 20.84 15.23 -49.99
N ILE C 354 20.02 16.15 -49.49
CA ILE C 354 19.92 17.52 -49.97
C ILE C 354 20.50 18.47 -48.92
N VAL C 355 20.08 18.32 -47.65
CA VAL C 355 20.36 19.33 -46.64
C VAL C 355 21.87 19.43 -46.40
N PRO C 356 22.62 18.31 -46.21
CA PRO C 356 24.04 18.42 -45.95
C PRO C 356 24.74 19.18 -47.07
N ASN C 357 24.38 18.86 -48.31
CA ASN C 357 24.98 19.48 -49.47
C ASN C 357 24.74 21.00 -49.50
N VAL C 358 23.53 21.43 -49.17
CA VAL C 358 23.22 22.85 -49.19
C VAL C 358 24.02 23.54 -48.09
N LEU C 359 24.11 22.91 -46.92
CA LEU C 359 24.79 23.53 -45.79
C LEU C 359 26.29 23.63 -46.07
N LEU C 360 26.81 22.70 -46.89
CA LEU C 360 28.21 22.74 -47.29
C LEU C 360 28.44 23.87 -48.27
N GLU C 361 27.55 23.98 -49.26
CA GLU C 361 27.57 25.09 -50.21
C GLU C 361 27.41 26.43 -49.50
N GLN C 362 26.51 26.50 -48.52
CA GLN C 362 26.38 27.71 -47.73
C GLN C 362 27.71 27.99 -47.02
N GLY C 363 28.31 26.93 -46.47
CA GLY C 363 29.65 27.00 -45.88
C GLY C 363 29.70 27.68 -44.51
N LYS C 364 28.59 27.73 -43.76
CA LYS C 364 28.56 28.37 -42.44
C LYS C 364 28.68 27.35 -41.30
N ALA C 365 28.09 26.16 -41.47
CA ALA C 365 27.85 25.25 -40.37
C ALA C 365 29.08 24.38 -40.11
N LYS C 366 29.39 24.20 -38.82
CA LYS C 366 30.48 23.30 -38.43
C LYS C 366 30.04 21.83 -38.51
N ASN C 367 28.73 21.56 -38.48
CA ASN C 367 28.19 20.20 -38.64
C ASN C 367 26.95 20.24 -39.53
N PRO C 368 27.11 19.95 -40.84
CA PRO C 368 26.00 19.93 -41.78
C PRO C 368 25.23 18.60 -41.79
N TRP C 369 25.59 17.71 -40.87
CA TRP C 369 25.06 16.37 -40.88
C TRP C 369 23.97 16.26 -39.83
N PRO C 370 23.03 15.30 -39.98
CA PRO C 370 21.96 15.16 -39.02
C PRO C 370 22.45 14.46 -37.77
N ASN C 371 21.67 14.64 -36.71
CA ASN C 371 21.82 13.87 -35.50
C ASN C 371 20.58 13.02 -35.31
N VAL C 372 20.56 12.25 -34.21
CA VAL C 372 19.57 11.21 -34.01
C VAL C 372 18.18 11.79 -34.13
N ASP C 373 17.96 13.00 -33.60
CA ASP C 373 16.61 13.51 -33.46
C ASP C 373 16.01 13.82 -34.84
N ALA C 374 16.85 13.86 -35.90
CA ALA C 374 16.33 14.06 -37.24
C ALA C 374 15.51 12.85 -37.70
N HIS C 375 15.75 11.65 -37.15
CA HIS C 375 15.16 10.43 -37.68
C HIS C 375 14.07 9.81 -36.81
N SER C 376 14.00 10.20 -35.52
CA SER C 376 13.35 9.36 -34.53
C SER C 376 11.82 9.38 -34.67
N GLY C 377 11.31 10.60 -34.81
CA GLY C 377 9.89 10.90 -34.82
C GLY C 377 9.13 10.10 -35.89
N VAL C 378 9.69 10.02 -37.09
CA VAL C 378 8.99 9.41 -38.22
C VAL C 378 8.82 7.92 -37.96
N LEU C 379 9.81 7.30 -37.27
CA LEU C 379 9.69 5.91 -36.86
C LEU C 379 8.56 5.71 -35.86
N LEU C 380 8.55 6.49 -34.78
CA LEU C 380 7.54 6.32 -33.77
C LEU C 380 6.13 6.52 -34.35
N GLN C 381 5.97 7.59 -35.14
CA GLN C 381 4.69 8.01 -35.67
C GLN C 381 4.12 6.92 -36.58
N TYR C 382 5.02 6.23 -37.28
CA TYR C 382 4.68 5.14 -38.19
C TYR C 382 3.99 3.98 -37.45
N TYR C 383 4.44 3.65 -36.22
CA TYR C 383 3.84 2.56 -35.49
C TYR C 383 2.65 3.02 -34.67
N GLY C 384 2.27 4.29 -34.83
CA GLY C 384 1.02 4.75 -34.26
C GLY C 384 1.23 5.56 -33.00
N MET C 385 2.50 5.74 -32.63
CA MET C 385 2.80 6.63 -31.52
C MET C 385 2.94 8.06 -32.00
N THR C 386 1.80 8.78 -31.97
CA THR C 386 1.68 10.12 -32.51
C THR C 386 1.63 11.16 -31.38
N GLU C 387 1.72 10.73 -30.10
CA GLU C 387 1.67 11.68 -28.98
C GLU C 387 3.08 12.22 -28.74
N MET C 388 3.42 13.27 -29.48
CA MET C 388 4.79 13.74 -29.60
C MET C 388 5.30 14.22 -28.24
N ASN C 389 4.40 14.70 -27.38
CA ASN C 389 4.76 15.12 -26.03
C ASN C 389 5.40 13.99 -25.22
N TYR C 390 5.09 12.72 -25.54
CA TYR C 390 5.62 11.58 -24.82
C TYR C 390 7.02 11.15 -25.26
N TYR C 391 7.49 11.59 -26.43
CA TYR C 391 8.69 11.00 -27.00
C TYR C 391 9.90 11.13 -26.08
N THR C 392 10.00 12.25 -25.33
CA THR C 392 11.18 12.46 -24.50
C THR C 392 11.14 11.49 -23.32
N VAL C 393 9.96 10.94 -22.99
CA VAL C 393 9.86 9.91 -21.96
C VAL C 393 10.60 8.65 -22.42
N LEU C 394 10.50 8.30 -23.70
CA LEU C 394 11.25 7.17 -24.24
C LEU C 394 12.76 7.42 -24.20
N PHE C 395 13.19 8.64 -24.48
CA PHE C 395 14.61 8.98 -24.41
C PHE C 395 15.07 8.83 -22.95
N GLY C 396 14.27 9.36 -22.02
CA GLY C 396 14.55 9.20 -20.60
C GLY C 396 14.70 7.74 -20.18
N VAL C 397 13.76 6.87 -20.56
CA VAL C 397 13.84 5.48 -20.18
C VAL C 397 15.16 4.88 -20.66
N SER C 398 15.57 5.26 -21.86
CA SER C 398 16.83 4.79 -22.43
C SER C 398 18.04 5.35 -21.68
N ARG C 399 17.95 6.65 -21.34
CA ARG C 399 19.09 7.37 -20.80
C ARG C 399 19.46 6.81 -19.43
N ALA C 400 18.47 6.23 -18.77
CA ALA C 400 18.61 5.66 -17.45
C ALA C 400 19.78 4.68 -17.45
N LEU C 401 19.89 3.90 -18.52
CA LEU C 401 20.88 2.84 -18.59
C LEU C 401 22.29 3.41 -18.53
N GLY C 402 22.58 4.41 -19.37
CA GLY C 402 23.93 4.97 -19.37
C GLY C 402 24.26 5.65 -18.04
N VAL C 403 23.37 6.56 -17.61
CA VAL C 403 23.69 7.42 -16.47
C VAL C 403 23.78 6.56 -15.22
N LEU C 404 22.85 5.61 -15.03
CA LEU C 404 22.92 4.70 -13.89
C LEU C 404 24.13 3.76 -13.98
N ALA C 405 24.51 3.28 -15.17
CA ALA C 405 25.70 2.45 -15.23
C ALA C 405 26.91 3.26 -14.74
N GLN C 406 27.03 4.54 -15.16
CA GLN C 406 28.15 5.38 -14.75
C GLN C 406 28.03 5.71 -13.26
N LEU C 407 26.79 5.87 -12.76
CA LEU C 407 26.63 6.25 -11.35
C LEU C 407 27.19 5.17 -10.41
N ILE C 408 26.99 3.90 -10.73
CA ILE C 408 27.62 2.80 -9.99
C ILE C 408 29.15 2.93 -9.92
N TRP C 409 29.78 3.22 -11.04
CA TRP C 409 31.23 3.40 -11.16
C TRP C 409 31.72 4.65 -10.44
N SER C 410 31.08 5.81 -10.62
CA SER C 410 31.32 7.00 -9.81
C SER C 410 31.41 6.74 -8.31
N ARG C 411 30.49 5.96 -7.74
CA ARG C 411 30.59 5.58 -6.33
C ARG C 411 31.57 4.44 -6.11
N ALA C 412 31.72 3.49 -7.06
CA ALA C 412 32.70 2.44 -6.83
C ALA C 412 34.08 3.07 -6.75
N LEU C 413 34.32 4.10 -7.58
CA LEU C 413 35.62 4.74 -7.64
C LEU C 413 35.81 5.90 -6.66
N GLY C 414 34.78 6.26 -5.88
CA GLY C 414 34.89 7.33 -4.91
C GLY C 414 35.06 8.70 -5.58
N PHE C 415 34.44 8.92 -6.73
CA PHE C 415 34.42 10.28 -7.25
C PHE C 415 33.79 11.19 -6.18
N PRO C 416 34.44 12.34 -5.87
CA PRO C 416 33.94 13.28 -4.85
C PRO C 416 32.89 14.22 -5.40
N LEU C 417 32.42 15.11 -4.53
CA LEU C 417 31.47 16.15 -4.88
C LEU C 417 31.99 16.94 -6.07
N GLU C 418 31.14 17.14 -7.07
CA GLU C 418 31.48 17.99 -8.18
C GLU C 418 31.27 19.43 -7.72
N ARG C 419 32.36 20.24 -7.68
CA ARG C 419 32.32 21.57 -7.08
C ARG C 419 33.34 22.47 -7.77
N PRO C 420 33.02 22.96 -8.97
CA PRO C 420 33.89 23.90 -9.66
C PRO C 420 33.73 25.22 -8.95
N LYS C 421 34.67 26.11 -9.27
CA LYS C 421 34.67 27.48 -8.78
C LYS C 421 33.92 28.29 -9.82
N SER C 422 32.99 29.13 -9.36
CA SER C 422 32.39 30.12 -10.21
C SER C 422 33.04 31.48 -9.98
N MET C 423 32.85 32.39 -10.95
CA MET C 423 33.24 33.78 -10.85
C MET C 423 32.12 34.64 -11.39
N SER C 424 31.96 35.83 -10.85
CA SER C 424 31.12 36.84 -11.49
C SER C 424 31.90 37.47 -12.64
N THR C 425 31.23 38.27 -13.46
CA THR C 425 31.91 38.99 -14.54
C THR C 425 32.92 39.95 -13.91
N GLU C 426 32.49 40.65 -12.84
CA GLU C 426 33.29 41.65 -12.16
C GLU C 426 34.54 41.01 -11.59
N GLY C 427 34.35 39.83 -10.97
CA GLY C 427 35.43 39.14 -10.33
C GLY C 427 36.34 38.51 -11.38
N LEU C 428 35.73 38.09 -12.48
CA LEU C 428 36.54 37.50 -13.54
C LEU C 428 37.39 38.59 -14.21
N MET C 429 36.84 39.80 -14.36
CA MET C 429 37.59 40.93 -14.92
C MET C 429 38.79 41.28 -14.02
N LYS C 430 38.57 41.38 -12.70
CA LYS C 430 39.67 41.61 -11.77
C LYS C 430 40.65 40.44 -11.74
N PHE C 431 40.16 39.20 -11.76
CA PHE C 431 41.07 38.07 -11.72
C PHE C 431 42.00 38.12 -12.93
N VAL C 432 41.45 38.48 -14.09
CA VAL C 432 42.27 38.49 -15.29
C VAL C 432 43.32 39.59 -15.18
N ASP C 433 42.90 40.71 -14.62
CA ASP C 433 43.76 41.88 -14.48
C ASP C 433 44.95 41.56 -13.58
N SER C 434 44.75 40.75 -12.51
CA SER C 434 45.78 40.52 -11.48
C SER C 434 47.04 39.84 -12.06
N SER D 1 9.51 52.58 -13.30
CA SER D 1 8.51 52.47 -12.19
C SER D 1 9.19 51.93 -10.94
N THR D 2 8.36 51.56 -9.95
CA THR D 2 8.76 50.71 -8.83
C THR D 2 8.73 49.24 -9.25
N ASN D 3 8.41 48.94 -10.52
CA ASN D 3 8.23 47.55 -10.93
C ASN D 3 9.60 46.95 -11.19
N LEU D 4 9.94 45.91 -10.43
CA LEU D 4 11.23 45.25 -10.49
C LEU D 4 11.53 44.80 -11.93
N LYS D 5 10.52 44.35 -12.62
CA LYS D 5 10.66 43.86 -13.98
C LYS D 5 11.13 44.98 -14.93
N ASP D 6 10.67 46.22 -14.69
CA ASP D 6 11.05 47.35 -15.50
C ASP D 6 12.45 47.84 -15.13
N ILE D 7 12.79 47.79 -13.84
CA ILE D 7 14.15 48.11 -13.42
C ILE D 7 15.12 47.11 -14.04
N LEU D 8 14.76 45.84 -14.01
CA LEU D 8 15.63 44.80 -14.57
C LEU D 8 15.79 44.95 -16.08
N ALA D 9 14.68 45.28 -16.77
CA ALA D 9 14.69 45.56 -18.19
C ALA D 9 15.69 46.65 -18.55
N ASP D 10 15.92 47.67 -17.70
CA ASP D 10 16.87 48.73 -18.01
C ASP D 10 18.30 48.33 -17.61
N LEU D 11 18.46 47.38 -16.70
CA LEU D 11 19.78 46.96 -16.25
C LEU D 11 20.43 45.98 -17.22
N ILE D 12 19.59 45.23 -17.94
CA ILE D 12 20.09 44.11 -18.74
C ILE D 12 21.00 44.55 -19.88
N PRO D 13 20.65 45.58 -20.70
CA PRO D 13 21.54 46.08 -21.77
C PRO D 13 22.94 46.49 -21.37
N LYS D 14 23.05 47.17 -20.23
CA LYS D 14 24.33 47.55 -19.67
C LYS D 14 25.19 46.35 -19.28
N GLU D 15 24.58 45.33 -18.65
CA GLU D 15 25.34 44.15 -18.28
C GLU D 15 25.72 43.37 -19.54
N GLN D 16 24.87 43.34 -20.55
CA GLN D 16 25.16 42.64 -21.80
C GLN D 16 26.35 43.27 -22.53
N ALA D 17 26.47 44.60 -22.49
CA ALA D 17 27.58 45.32 -23.14
C ALA D 17 28.90 45.13 -22.37
N ARG D 18 28.79 45.05 -21.04
CA ARG D 18 29.94 44.87 -20.18
C ARG D 18 30.60 43.53 -20.46
N ILE D 19 29.78 42.51 -20.69
CA ILE D 19 30.26 41.16 -20.92
C ILE D 19 30.85 41.07 -22.31
N LYS D 20 30.16 41.69 -23.29
CA LYS D 20 30.60 41.64 -24.68
C LYS D 20 31.98 42.33 -24.76
N THR D 21 32.14 43.44 -24.06
CA THR D 21 33.40 44.15 -24.07
C THR D 21 34.46 43.23 -23.48
N PHE D 22 34.14 42.51 -22.41
CA PHE D 22 35.15 41.71 -21.73
C PHE D 22 35.55 40.49 -22.55
N ARG D 23 34.58 39.87 -23.18
CA ARG D 23 34.84 38.74 -24.04
C ARG D 23 35.65 39.16 -25.26
N GLN D 24 35.37 40.38 -25.76
CA GLN D 24 36.06 40.94 -26.92
C GLN D 24 37.50 41.28 -26.55
N GLN D 25 37.76 41.76 -25.34
CA GLN D 25 39.13 42.00 -24.94
C GLN D 25 39.89 40.76 -24.43
N HIS D 26 39.20 39.74 -23.90
CA HIS D 26 39.89 38.70 -23.13
C HIS D 26 39.38 37.27 -23.40
N GLY D 27 38.57 37.08 -24.44
CA GLY D 27 37.89 35.80 -24.64
C GLY D 27 38.87 34.62 -24.76
N LYS D 28 40.03 34.88 -25.34
CA LYS D 28 41.01 33.83 -25.54
C LYS D 28 41.98 33.75 -24.37
N THR D 29 41.80 34.57 -23.34
CA THR D 29 42.75 34.62 -22.24
C THR D 29 42.57 33.37 -21.38
N VAL D 30 43.70 32.75 -21.01
CA VAL D 30 43.69 31.54 -20.19
C VAL D 30 43.53 31.95 -18.72
N VAL D 31 42.53 31.34 -18.05
CA VAL D 31 42.21 31.69 -16.66
C VAL D 31 42.67 30.57 -15.72
N GLY D 32 42.97 29.40 -16.28
CA GLY D 32 43.41 28.27 -15.50
C GLY D 32 43.80 27.09 -16.38
N GLN D 33 44.51 26.16 -15.74
CA GLN D 33 44.90 24.90 -16.35
C GLN D 33 43.92 23.85 -15.87
N ILE D 34 43.87 22.75 -16.60
CA ILE D 34 43.12 21.58 -16.21
C ILE D 34 44.06 20.40 -16.17
N THR D 35 44.18 19.80 -14.98
CA THR D 35 44.98 18.61 -14.79
C THR D 35 44.11 17.37 -14.75
N VAL D 36 44.74 16.22 -14.89
CA VAL D 36 44.08 14.94 -14.71
C VAL D 36 43.41 14.82 -13.34
N ASP D 37 44.09 15.32 -12.30
CA ASP D 37 43.58 15.31 -10.92
C ASP D 37 42.28 16.09 -10.77
N MET D 38 42.14 17.22 -11.50
CA MET D 38 40.93 18.00 -11.40
C MET D 38 39.78 17.22 -11.99
N MET D 39 40.04 16.47 -13.06
CA MET D 39 38.98 15.72 -13.72
C MET D 39 38.47 14.62 -12.79
N TYR D 40 39.38 13.93 -12.09
CA TYR D 40 39.02 12.91 -11.13
C TYR D 40 38.48 13.56 -9.85
N GLY D 41 38.87 14.81 -9.56
CA GLY D 41 38.57 15.46 -8.30
C GLY D 41 37.32 16.35 -8.36
N GLY D 42 36.39 16.06 -9.25
CA GLY D 42 35.16 16.82 -9.26
C GLY D 42 35.41 18.30 -9.52
N MET D 43 36.26 18.60 -10.50
CA MET D 43 36.50 19.94 -11.01
C MET D 43 37.02 20.91 -9.93
N ARG D 44 37.62 20.37 -8.88
CA ARG D 44 38.03 21.22 -7.76
C ARG D 44 39.10 22.23 -8.23
N GLY D 45 38.84 23.51 -7.97
CA GLY D 45 39.76 24.57 -8.34
C GLY D 45 39.74 24.93 -9.81
N MET D 46 38.74 24.40 -10.55
CA MET D 46 38.53 24.79 -11.94
C MET D 46 37.51 25.91 -11.95
N LYS D 47 37.89 27.02 -12.58
CA LYS D 47 36.99 28.14 -12.81
C LYS D 47 36.13 27.81 -14.01
N GLY D 48 34.93 27.29 -13.74
CA GLY D 48 34.12 26.60 -14.73
C GLY D 48 32.89 27.37 -15.23
N LEU D 49 32.44 28.37 -14.47
CA LEU D 49 31.09 28.86 -14.57
C LEU D 49 31.08 30.36 -14.27
N VAL D 50 30.29 31.15 -14.99
CA VAL D 50 30.03 32.54 -14.67
C VAL D 50 28.69 32.56 -13.95
N TYR D 51 28.70 33.14 -12.75
CA TYR D 51 27.52 33.26 -11.93
C TYR D 51 27.60 34.62 -11.24
N GLU D 52 26.61 35.49 -11.45
CA GLU D 52 26.75 36.93 -11.22
C GLU D 52 26.33 37.33 -9.80
N THR D 53 25.46 36.52 -9.17
CA THR D 53 24.73 37.00 -8.01
C THR D 53 25.59 37.02 -6.75
N SER D 54 26.48 36.04 -6.60
CA SER D 54 27.30 35.99 -5.40
C SER D 54 28.66 35.38 -5.67
N VAL D 55 29.60 35.76 -4.81
CA VAL D 55 30.96 35.33 -5.00
C VAL D 55 31.51 34.95 -3.64
N LEU D 56 32.20 33.80 -3.64
CA LEU D 56 32.75 33.17 -2.46
C LEU D 56 34.24 33.46 -2.47
N ASP D 57 34.69 34.47 -1.72
CA ASP D 57 36.12 34.54 -1.46
C ASP D 57 36.49 33.32 -0.60
N PRO D 58 37.47 32.45 -0.98
CA PRO D 58 37.97 31.43 -0.06
C PRO D 58 38.58 32.28 1.04
N ASP D 59 38.34 31.93 2.30
CA ASP D 59 38.87 32.70 3.42
C ASP D 59 37.91 33.83 3.81
N GLU D 60 37.55 34.71 2.86
CA GLU D 60 36.90 35.98 3.20
C GLU D 60 35.38 35.89 3.29
N GLY D 61 34.76 34.87 2.67
CA GLY D 61 33.35 34.60 2.86
C GLY D 61 32.48 35.02 1.67
N ILE D 62 31.16 34.94 1.86
CA ILE D 62 30.23 35.12 0.76
C ILE D 62 29.90 36.59 0.61
N ARG D 63 29.93 37.12 -0.63
CA ARG D 63 29.36 38.44 -0.89
C ARG D 63 28.18 38.27 -1.83
N PHE D 64 27.12 39.01 -1.52
CA PHE D 64 25.92 39.13 -2.33
C PHE D 64 26.03 40.40 -3.16
N ARG D 65 26.32 40.24 -4.45
CA ARG D 65 26.51 41.39 -5.34
C ARG D 65 27.41 42.42 -4.69
N GLY D 66 28.55 41.98 -4.13
CA GLY D 66 29.55 42.87 -3.55
C GLY D 66 29.37 43.09 -2.03
N PHE D 67 28.22 42.67 -1.47
CA PHE D 67 27.94 42.96 -0.07
C PHE D 67 28.14 41.73 0.82
N SER D 68 28.92 41.92 1.89
CA SER D 68 29.07 40.95 2.97
C SER D 68 27.77 40.77 3.74
N ILE D 69 27.67 39.68 4.50
CA ILE D 69 26.48 39.45 5.30
C ILE D 69 26.31 40.56 6.37
N PRO D 70 27.34 40.95 7.16
CA PRO D 70 27.19 42.12 8.03
C PRO D 70 26.58 43.34 7.32
N GLU D 71 27.13 43.67 6.13
CA GLU D 71 26.69 44.84 5.37
C GLU D 71 25.23 44.68 5.00
N CYS D 72 24.84 43.44 4.63
CA CYS D 72 23.44 43.15 4.33
C CYS D 72 22.56 43.35 5.55
N GLN D 73 22.98 42.84 6.70
CA GLN D 73 22.18 42.97 7.92
C GLN D 73 22.00 44.43 8.29
N LYS D 74 23.05 45.21 8.04
CA LYS D 74 23.03 46.64 8.22
C LYS D 74 22.11 47.29 7.19
N LEU D 75 22.28 46.98 5.89
CA LEU D 75 21.72 47.84 4.83
C LEU D 75 20.32 47.43 4.35
N LEU D 76 19.96 46.14 4.46
CA LEU D 76 18.71 45.63 3.91
C LEU D 76 17.53 46.04 4.77
N PRO D 77 16.37 46.39 4.17
CA PRO D 77 15.15 46.68 4.94
C PRO D 77 14.71 45.53 5.87
N LYS D 78 14.14 45.91 7.03
CA LYS D 78 13.72 44.97 8.07
C LYS D 78 12.20 45.07 8.17
N ALA D 79 11.54 44.08 8.76
CA ALA D 79 10.12 44.24 9.07
C ALA D 79 9.99 45.37 10.10
N LYS D 80 8.78 45.94 10.22
CA LYS D 80 8.54 47.00 11.19
C LYS D 80 8.78 46.47 12.61
N GLY D 81 9.81 47.04 13.27
CA GLY D 81 10.17 46.66 14.62
C GLY D 81 11.00 45.38 14.64
N GLY D 82 11.62 45.07 13.48
CA GLY D 82 12.46 43.91 13.35
C GLY D 82 13.92 44.33 13.31
N GLU D 83 14.78 43.35 13.57
CA GLU D 83 16.21 43.55 13.47
C GLU D 83 16.75 42.80 12.25
N GLU D 84 15.99 41.85 11.70
CA GLU D 84 16.61 40.92 10.76
C GLU D 84 16.22 41.29 9.33
N PRO D 85 17.15 41.18 8.35
CA PRO D 85 16.85 41.58 6.98
C PRO D 85 15.77 40.69 6.35
N LEU D 86 14.89 41.30 5.56
CA LEU D 86 13.83 40.52 4.93
C LEU D 86 14.40 39.82 3.70
N PRO D 87 14.16 38.52 3.48
CA PRO D 87 14.56 37.89 2.21
C PRO D 87 14.13 38.61 0.93
N GLU D 88 13.02 39.36 0.99
CA GLU D 88 12.57 40.10 -0.18
C GLU D 88 13.68 41.03 -0.65
N GLY D 89 14.25 41.76 0.31
CA GLY D 89 15.31 42.70 0.00
C GLY D 89 16.54 41.99 -0.55
N LEU D 90 16.83 40.82 -0.01
CA LEU D 90 18.00 40.11 -0.49
C LEU D 90 17.79 39.70 -1.95
N PHE D 91 16.56 39.34 -2.30
CA PHE D 91 16.25 38.93 -3.65
C PHE D 91 16.39 40.12 -4.60
N TRP D 92 15.95 41.28 -4.13
CA TRP D 92 16.02 42.50 -4.89
C TRP D 92 17.48 42.84 -5.16
N LEU D 93 18.32 42.65 -4.15
CA LEU D 93 19.72 42.97 -4.30
C LEU D 93 20.36 42.02 -5.32
N LEU D 94 19.91 40.76 -5.35
CA LEU D 94 20.57 39.74 -6.16
C LEU D 94 20.28 39.97 -7.62
N VAL D 95 19.06 40.40 -7.88
CA VAL D 95 18.57 40.62 -9.21
C VAL D 95 19.09 41.94 -9.77
N THR D 96 19.09 43.02 -8.99
CA THR D 96 19.36 44.35 -9.53
C THR D 96 20.81 44.76 -9.26
N GLY D 97 21.44 44.15 -8.25
CA GLY D 97 22.75 44.59 -7.77
C GLY D 97 22.65 45.78 -6.82
N HIS D 98 21.45 46.29 -6.56
CA HIS D 98 21.23 47.46 -5.72
C HIS D 98 20.50 47.07 -4.43
N ILE D 99 20.86 47.72 -3.34
CA ILE D 99 20.12 47.68 -2.09
C ILE D 99 18.75 48.29 -2.30
N PRO D 100 17.63 47.58 -2.01
CA PRO D 100 16.30 48.15 -2.23
C PRO D 100 15.95 49.18 -1.16
N THR D 101 14.97 50.04 -1.48
CA THR D 101 14.28 50.91 -0.55
C THR D 101 13.20 50.08 0.13
N GLU D 102 12.60 50.66 1.18
CA GLU D 102 11.58 49.99 1.98
C GLU D 102 10.34 49.80 1.13
N GLU D 103 10.06 50.77 0.23
CA GLU D 103 8.93 50.68 -0.68
C GLU D 103 9.13 49.52 -1.66
N GLN D 104 10.33 49.33 -2.16
CA GLN D 104 10.60 48.24 -3.08
C GLN D 104 10.37 46.88 -2.42
N VAL D 105 10.92 46.69 -1.23
CA VAL D 105 10.73 45.46 -0.49
C VAL D 105 9.26 45.26 -0.19
N SER D 106 8.61 46.34 0.28
CA SER D 106 7.20 46.31 0.61
C SER D 106 6.41 45.92 -0.63
N TRP D 107 6.74 46.53 -1.77
CA TRP D 107 6.14 46.17 -3.04
C TRP D 107 6.36 44.69 -3.38
N LEU D 108 7.58 44.20 -3.18
CA LEU D 108 7.85 42.80 -3.47
C LEU D 108 7.10 41.85 -2.50
N SER D 109 7.02 42.19 -1.22
CA SER D 109 6.22 41.39 -0.29
C SER D 109 4.80 41.21 -0.82
N LYS D 110 4.21 42.31 -1.32
CA LYS D 110 2.84 42.26 -1.83
C LYS D 110 2.83 41.47 -3.12
N GLU D 111 3.85 41.60 -3.98
CA GLU D 111 3.78 40.87 -5.23
C GLU D 111 3.74 39.36 -4.99
N TRP D 112 4.53 38.88 -4.04
CA TRP D 112 4.62 37.45 -3.76
C TRP D 112 3.36 36.95 -3.04
N ALA D 113 2.72 37.77 -2.20
CA ALA D 113 1.47 37.37 -1.59
C ALA D 113 0.39 37.12 -2.63
N LYS D 114 0.36 37.96 -3.69
CA LYS D 114 -0.64 37.86 -4.75
C LYS D 114 -0.45 36.65 -5.67
N ARG D 115 0.72 36.01 -5.69
CA ARG D 115 0.97 34.93 -6.64
C ARG D 115 1.07 33.58 -5.94
N ALA D 116 0.64 33.51 -4.67
CA ALA D 116 1.05 32.41 -3.83
C ALA D 116 0.06 31.22 -3.85
N ALA D 117 -1.06 31.32 -4.58
CA ALA D 117 -2.05 30.25 -4.68
C ALA D 117 -1.50 28.99 -5.36
N LEU D 118 -1.81 27.84 -4.74
CA LEU D 118 -1.41 26.56 -5.29
C LEU D 118 -2.53 25.99 -6.15
N PRO D 119 -2.23 25.44 -7.35
CA PRO D 119 -3.22 24.67 -8.11
C PRO D 119 -3.59 23.41 -7.34
N SER D 120 -4.85 23.01 -7.53
CA SER D 120 -5.48 21.92 -6.80
C SER D 120 -4.68 20.62 -6.97
N HIS D 121 -4.12 20.35 -8.15
CA HIS D 121 -3.47 19.06 -8.36
C HIS D 121 -2.22 18.95 -7.46
N VAL D 122 -1.60 20.08 -7.14
CA VAL D 122 -0.40 19.99 -6.30
C VAL D 122 -0.80 19.78 -4.85
N VAL D 123 -1.90 20.43 -4.42
CA VAL D 123 -2.41 20.24 -3.08
C VAL D 123 -2.73 18.76 -2.89
N THR D 124 -3.45 18.21 -3.86
CA THR D 124 -3.93 16.84 -3.87
C THR D 124 -2.74 15.89 -3.75
N MET D 125 -1.74 16.13 -4.60
CA MET D 125 -0.61 15.24 -4.62
C MET D 125 0.13 15.36 -3.29
N LEU D 126 0.17 16.57 -2.69
CA LEU D 126 0.84 16.74 -1.41
C LEU D 126 0.09 15.99 -0.31
N ASP D 127 -1.25 16.02 -0.37
CA ASP D 127 -2.08 15.37 0.63
C ASP D 127 -2.00 13.85 0.49
N ASN D 128 -1.59 13.36 -0.68
CA ASN D 128 -1.56 11.93 -0.92
C ASN D 128 -0.19 11.31 -0.65
N PHE D 129 0.87 12.11 -0.44
CA PHE D 129 2.19 11.56 -0.21
C PHE D 129 2.24 10.86 1.14
N PRO D 130 2.86 9.66 1.26
CA PRO D 130 3.02 8.99 2.55
C PRO D 130 4.07 9.64 3.44
N THR D 131 4.00 9.38 4.76
CA THR D 131 4.90 9.98 5.73
C THR D 131 6.30 9.41 5.57
N ASN D 132 6.47 8.32 4.82
CA ASN D 132 7.82 7.82 4.64
C ASN D 132 8.50 8.44 3.40
N LEU D 133 7.83 9.35 2.69
CA LEU D 133 8.50 10.03 1.58
C LEU D 133 9.12 11.27 2.18
N HIS D 134 10.47 11.35 2.13
CA HIS D 134 11.26 12.40 2.76
C HIS D 134 10.73 13.75 2.29
N PRO D 135 10.69 14.77 3.18
CA PRO D 135 10.22 16.10 2.82
C PRO D 135 10.89 16.76 1.62
N MET D 136 12.21 16.60 1.46
CA MET D 136 12.88 17.08 0.25
C MET D 136 12.30 16.47 -1.04
N SER D 137 11.97 15.19 -1.02
CA SER D 137 11.48 14.49 -2.19
C SER D 137 10.07 14.97 -2.49
N GLN D 138 9.32 15.27 -1.42
CA GLN D 138 8.00 15.85 -1.58
C GLN D 138 8.13 17.25 -2.16
N LEU D 139 9.15 17.99 -1.72
CA LEU D 139 9.37 19.34 -2.21
C LEU D 139 9.69 19.31 -3.69
N SER D 140 10.64 18.46 -4.06
CA SER D 140 11.07 18.35 -5.45
C SER D 140 9.92 17.89 -6.36
N ALA D 141 9.17 16.87 -5.97
CA ALA D 141 8.06 16.39 -6.79
C ALA D 141 6.98 17.45 -6.95
N ALA D 142 6.59 18.13 -5.85
CA ALA D 142 5.58 19.15 -5.93
C ALA D 142 5.99 20.30 -6.86
N VAL D 143 7.26 20.70 -6.81
CA VAL D 143 7.74 21.79 -7.65
C VAL D 143 7.71 21.34 -9.10
N THR D 144 8.17 20.12 -9.38
CA THR D 144 8.12 19.56 -10.72
C THR D 144 6.69 19.62 -11.26
N ALA D 145 5.70 19.25 -10.44
CA ALA D 145 4.32 19.22 -10.88
C ALA D 145 3.75 20.62 -11.10
N LEU D 146 4.35 21.64 -10.47
CA LEU D 146 3.93 23.03 -10.65
C LEU D 146 4.32 23.54 -12.02
N ASN D 147 5.15 22.80 -12.77
CA ASN D 147 5.58 23.35 -14.05
C ASN D 147 4.42 23.35 -15.05
N SER D 148 3.31 22.67 -14.73
CA SER D 148 2.09 22.89 -15.49
C SER D 148 1.68 24.36 -15.46
N GLU D 149 2.16 25.15 -14.49
CA GLU D 149 1.83 26.57 -14.47
C GLU D 149 2.90 27.41 -15.18
N SER D 150 3.82 26.80 -15.96
CA SER D 150 4.97 27.53 -16.46
C SER D 150 4.62 28.38 -17.68
N ASN D 151 4.83 29.70 -17.57
CA ASN D 151 4.71 30.61 -18.70
C ASN D 151 5.82 30.36 -19.70
N PHE D 152 7.01 29.96 -19.23
CA PHE D 152 8.17 29.88 -20.10
C PHE D 152 8.16 28.61 -20.95
N ALA D 153 7.73 27.48 -20.37
CA ALA D 153 7.60 26.27 -21.18
C ALA D 153 6.68 26.56 -22.39
N ARG D 154 5.46 27.05 -22.14
CA ARG D 154 4.48 27.29 -23.19
C ARG D 154 5.14 28.08 -24.32
N ALA D 155 5.60 29.27 -23.96
CA ALA D 155 5.98 30.31 -24.90
C ALA D 155 7.16 29.91 -25.79
N TYR D 156 8.04 29.00 -25.35
CA TYR D 156 9.15 28.57 -26.21
C TYR D 156 8.64 27.76 -27.39
N ALA D 157 7.50 27.08 -27.17
CA ALA D 157 6.90 26.28 -28.24
C ALA D 157 6.49 27.19 -29.38
N GLN D 158 5.88 28.32 -28.98
CA GLN D 158 5.32 29.32 -29.90
C GLN D 158 6.41 30.10 -30.65
N GLY D 159 7.70 29.91 -30.32
CA GLY D 159 8.80 30.53 -31.07
C GLY D 159 9.05 31.98 -30.62
N ILE D 160 8.92 32.22 -29.31
CA ILE D 160 9.23 33.52 -28.73
C ILE D 160 10.72 33.86 -28.89
N SER D 161 11.07 35.14 -29.02
CA SER D 161 12.43 35.61 -29.28
C SER D 161 13.34 35.31 -28.08
N ARG D 162 14.59 34.90 -28.34
CA ARG D 162 15.63 34.74 -27.32
C ARG D 162 15.70 35.99 -26.42
N THR D 163 15.47 37.18 -27.01
CA THR D 163 15.60 38.45 -26.28
C THR D 163 14.55 38.54 -25.18
N LYS D 164 13.53 37.68 -25.21
CA LYS D 164 12.43 37.78 -24.26
C LYS D 164 12.37 36.63 -23.25
N TYR D 165 13.20 35.59 -23.38
CA TYR D 165 13.27 34.55 -22.37
C TYR D 165 13.30 35.12 -20.96
N TRP D 166 14.22 36.03 -20.66
CA TRP D 166 14.38 36.50 -19.31
C TRP D 166 13.04 36.90 -18.70
N GLU D 167 12.14 37.45 -19.53
CA GLU D 167 10.90 38.02 -19.04
C GLU D 167 10.00 36.92 -18.49
N LEU D 168 9.96 35.79 -19.18
CA LEU D 168 9.12 34.69 -18.77
C LEU D 168 9.75 33.94 -17.60
N ILE D 169 11.08 33.76 -17.63
CA ILE D 169 11.81 33.24 -16.48
C ILE D 169 11.47 34.10 -15.26
N TYR D 170 11.61 35.42 -15.40
CA TYR D 170 11.23 36.32 -14.32
C TYR D 170 9.86 35.93 -13.76
N GLU D 171 8.85 35.73 -14.63
CA GLU D 171 7.47 35.55 -14.16
C GLU D 171 7.35 34.24 -13.39
N ASP D 172 7.81 33.16 -14.02
CA ASP D 172 7.81 31.84 -13.44
C ASP D 172 8.56 31.86 -12.11
N SER D 173 9.70 32.57 -12.08
CA SER D 173 10.51 32.66 -10.88
C SER D 173 9.77 33.40 -9.75
N MET D 174 9.14 34.51 -10.07
CA MET D 174 8.37 35.23 -9.06
C MET D 174 7.23 34.35 -8.57
N ASP D 175 6.63 33.54 -9.47
CA ASP D 175 5.52 32.67 -9.09
C ASP D 175 6.00 31.53 -8.20
N LEU D 176 7.17 30.93 -8.52
CA LEU D 176 7.61 29.81 -7.73
C LEU D 176 8.01 30.29 -6.33
N ILE D 177 8.74 31.42 -6.26
CA ILE D 177 9.07 31.97 -4.97
C ILE D 177 7.78 32.18 -4.15
N ALA D 178 6.77 32.81 -4.74
CA ALA D 178 5.53 33.08 -4.03
C ALA D 178 4.94 31.77 -3.48
N LYS D 179 5.11 30.68 -4.23
CA LYS D 179 4.42 29.44 -3.94
C LYS D 179 5.18 28.55 -2.95
N LEU D 180 6.50 28.71 -2.86
CA LEU D 180 7.33 27.76 -2.15
C LEU D 180 6.89 27.67 -0.68
N PRO D 181 6.64 28.78 0.04
CA PRO D 181 6.26 28.70 1.44
C PRO D 181 5.02 27.86 1.67
N CYS D 182 4.03 28.05 0.79
CA CYS D 182 2.80 27.24 0.80
C CYS D 182 3.07 25.75 0.64
N VAL D 183 3.92 25.40 -0.34
CA VAL D 183 4.26 24.00 -0.59
C VAL D 183 5.00 23.45 0.62
N ALA D 184 6.02 24.19 1.06
CA ALA D 184 6.84 23.80 2.17
C ALA D 184 6.02 23.65 3.46
N ALA D 185 5.02 24.53 3.62
CA ALA D 185 4.21 24.52 4.82
C ALA D 185 3.22 23.36 4.76
N LYS D 186 2.61 23.14 3.59
CA LYS D 186 1.74 21.99 3.38
C LYS D 186 2.46 20.67 3.70
N ILE D 187 3.77 20.57 3.38
CA ILE D 187 4.57 19.37 3.68
C ILE D 187 4.74 19.26 5.18
N TYR D 188 5.19 20.35 5.81
CA TYR D 188 5.34 20.33 7.25
C TYR D 188 4.06 19.84 7.90
N ARG D 189 2.91 20.44 7.55
CA ARG D 189 1.66 20.18 8.25
C ARG D 189 1.21 18.74 7.99
N ASN D 190 1.33 18.32 6.76
CA ASN D 190 0.97 16.97 6.37
C ASN D 190 1.78 15.95 7.15
N LEU D 191 3.08 16.22 7.40
CA LEU D 191 3.93 15.25 8.03
C LEU D 191 3.89 15.32 9.56
N TYR D 192 3.68 16.49 10.16
CA TYR D 192 3.93 16.62 11.59
C TYR D 192 2.82 17.31 12.36
N ARG D 193 1.73 17.73 11.69
CA ARG D 193 0.60 18.40 12.32
C ARG D 193 -0.73 17.80 11.83
N GLU D 194 -0.75 16.49 11.55
CA GLU D 194 -1.97 15.71 11.33
C GLU D 194 -2.74 16.20 10.10
N GLY D 195 -2.04 16.77 9.11
CA GLY D 195 -2.68 17.10 7.85
C GLY D 195 -3.59 18.31 7.91
N SER D 196 -3.52 19.08 9.02
CA SER D 196 -4.30 20.29 9.19
C SER D 196 -3.92 21.29 8.09
N GLY D 197 -4.75 22.34 7.95
CA GLY D 197 -4.70 23.27 6.84
C GLY D 197 -3.72 24.42 7.05
N ILE D 198 -3.13 24.90 5.96
CA ILE D 198 -2.11 25.95 6.02
C ILE D 198 -2.72 27.34 6.26
N GLY D 199 -4.04 27.48 6.15
CA GLY D 199 -4.67 28.79 6.30
C GLY D 199 -4.32 29.73 5.15
N ALA D 200 -4.52 31.04 5.39
CA ALA D 200 -4.56 32.02 4.32
C ALA D 200 -3.25 32.79 4.25
N ILE D 201 -2.96 33.32 3.07
CA ILE D 201 -1.95 34.34 2.88
C ILE D 201 -2.50 35.66 3.41
N ASP D 202 -1.68 36.43 4.13
CA ASP D 202 -2.04 37.78 4.51
C ASP D 202 -1.27 38.76 3.64
N SER D 203 -2.00 39.52 2.82
CA SER D 203 -1.38 40.28 1.75
C SER D 203 -0.62 41.49 2.28
N ASN D 204 -0.60 41.71 3.61
CA ASN D 204 0.19 42.79 4.18
C ASN D 204 1.20 42.23 5.19
N LEU D 205 1.56 40.95 5.07
CA LEU D 205 2.68 40.40 5.82
C LEU D 205 3.80 40.02 4.85
N ASP D 206 5.05 40.08 5.35
CA ASP D 206 6.18 39.72 4.52
C ASP D 206 6.15 38.21 4.31
N TRP D 207 7.01 37.78 3.39
CA TRP D 207 7.10 36.40 2.93
C TRP D 207 7.47 35.46 4.07
N SER D 208 8.51 35.79 4.85
CA SER D 208 8.88 34.90 5.93
C SER D 208 7.76 34.76 6.97
N HIS D 209 6.91 35.78 7.10
CA HIS D 209 5.91 35.84 8.15
C HIS D 209 4.72 34.99 7.72
N ASN D 210 4.25 35.19 6.50
CA ASN D 210 3.26 34.27 5.98
C ASN D 210 3.82 32.84 6.09
N PHE D 211 5.11 32.64 5.82
CA PHE D 211 5.65 31.29 5.91
C PHE D 211 5.49 30.75 7.35
N THR D 212 5.93 31.46 8.39
CA THR D 212 5.83 30.92 9.75
C THR D 212 4.37 30.75 10.18
N ASN D 213 3.50 31.67 9.75
CA ASN D 213 2.06 31.51 9.88
C ASN D 213 1.64 30.13 9.42
N MET D 214 1.90 29.80 8.15
CA MET D 214 1.37 28.60 7.53
C MET D 214 1.96 27.33 8.15
N LEU D 215 3.18 27.42 8.71
CA LEU D 215 3.81 26.34 9.47
C LEU D 215 3.11 26.13 10.81
N GLY D 216 2.32 27.12 11.29
CA GLY D 216 1.63 27.04 12.56
C GLY D 216 2.42 27.67 13.71
N TYR D 217 3.44 28.46 13.40
CA TYR D 217 4.17 29.14 14.46
C TYR D 217 3.51 30.51 14.67
N THR D 218 3.80 31.10 15.83
CA THR D 218 3.24 32.36 16.30
C THR D 218 4.20 32.88 17.36
N ASP D 219 5.39 33.28 16.90
CA ASP D 219 6.52 33.55 17.75
C ASP D 219 7.43 34.51 17.00
N HIS D 220 7.51 35.74 17.50
CA HIS D 220 8.15 36.81 16.77
C HIS D 220 9.64 36.49 16.57
N GLN D 221 10.30 35.94 17.61
CA GLN D 221 11.73 35.67 17.56
C GLN D 221 12.00 34.60 16.49
N PHE D 222 11.03 33.72 16.30
CA PHE D 222 11.13 32.62 15.38
C PHE D 222 11.06 33.18 13.97
N THR D 223 10.07 34.04 13.70
CA THR D 223 10.00 34.73 12.42
C THR D 223 11.27 35.54 12.14
N GLU D 224 11.83 36.18 13.16
CA GLU D 224 13.06 36.92 13.00
C GLU D 224 14.16 35.97 12.55
N LEU D 225 14.23 34.78 13.17
CA LEU D 225 15.22 33.80 12.80
C LEU D 225 15.06 33.37 11.34
N THR D 226 13.81 33.10 10.94
CA THR D 226 13.46 32.66 9.61
C THR D 226 13.92 33.69 8.58
N ARG D 227 13.60 34.97 8.84
CA ARG D 227 13.99 36.06 7.99
C ARG D 227 15.50 36.02 7.83
N LEU D 228 16.21 35.83 8.93
CA LEU D 228 17.66 35.80 8.83
C LEU D 228 18.10 34.53 8.08
N TYR D 229 17.46 33.39 8.39
CA TYR D 229 17.84 32.08 7.89
C TYR D 229 17.68 32.07 6.37
N LEU D 230 16.55 32.61 5.92
CA LEU D 230 16.19 32.63 4.54
C LEU D 230 17.07 33.60 3.80
N THR D 231 17.54 34.68 4.44
CA THR D 231 18.44 35.61 3.79
C THR D 231 19.78 34.92 3.56
N ILE D 232 20.28 34.22 4.57
CA ILE D 232 21.70 33.90 4.55
C ILE D 232 21.96 32.60 3.81
N HIS D 233 20.95 31.76 3.59
CA HIS D 233 21.20 30.54 2.83
C HIS D 233 20.88 30.74 1.36
N SER D 234 20.60 31.99 0.93
CA SER D 234 19.95 32.28 -0.33
C SER D 234 20.83 31.89 -1.51
N ASP D 235 22.15 32.09 -1.38
CA ASP D 235 23.10 31.95 -2.48
C ASP D 235 24.50 31.73 -1.91
N HIS D 236 25.27 30.90 -2.60
CA HIS D 236 26.65 30.66 -2.21
C HIS D 236 27.51 30.37 -3.46
N GLU D 237 27.52 31.29 -4.43
CA GLU D 237 28.24 31.07 -5.67
C GLU D 237 27.48 30.06 -6.54
N GLY D 238 28.06 29.77 -7.71
CA GLY D 238 27.40 28.92 -8.69
C GLY D 238 27.97 27.51 -8.68
N GLY D 239 29.07 27.30 -7.93
CA GLY D 239 29.75 26.02 -7.98
C GLY D 239 29.15 24.99 -7.03
N ASN D 240 28.34 25.41 -6.04
CA ASN D 240 27.75 24.45 -5.13
C ASN D 240 26.77 23.63 -5.97
N VAL D 241 26.42 22.45 -5.48
CA VAL D 241 25.73 21.45 -6.29
C VAL D 241 24.32 21.93 -6.61
N SER D 242 23.64 22.62 -5.68
CA SER D 242 22.27 23.03 -5.94
C SER D 242 22.24 24.16 -6.98
N ALA D 243 23.16 25.12 -6.88
CA ALA D 243 23.16 26.24 -7.80
C ALA D 243 23.66 25.75 -9.16
N HIS D 244 24.64 24.86 -9.15
CA HIS D 244 25.22 24.41 -10.40
C HIS D 244 24.17 23.58 -11.15
N THR D 245 23.45 22.75 -10.40
CA THR D 245 22.41 21.91 -10.96
C THR D 245 21.35 22.81 -11.61
N SER D 246 20.91 23.89 -10.92
CA SER D 246 19.90 24.77 -11.50
C SER D 246 20.42 25.44 -12.76
N HIS D 247 21.72 25.77 -12.75
CA HIS D 247 22.35 26.45 -13.85
C HIS D 247 22.42 25.51 -15.07
N LEU D 248 22.71 24.25 -14.80
CA LEU D 248 22.94 23.27 -15.84
C LEU D 248 21.60 22.91 -16.50
N VAL D 249 20.60 22.58 -15.68
CA VAL D 249 19.29 22.24 -16.20
C VAL D 249 18.73 23.46 -16.89
N GLY D 250 18.84 24.66 -16.26
CA GLY D 250 18.31 25.86 -16.87
C GLY D 250 18.96 26.20 -18.20
N SER D 251 20.25 25.82 -18.38
CA SER D 251 20.97 26.13 -19.60
C SER D 251 20.37 25.37 -20.80
N ALA D 252 19.58 24.33 -20.52
CA ALA D 252 18.86 23.57 -21.54
C ALA D 252 17.52 24.23 -21.87
N LEU D 253 17.24 25.34 -21.18
CA LEU D 253 16.00 26.09 -21.27
C LEU D 253 14.85 25.30 -20.64
N SER D 254 15.17 24.43 -19.69
CA SER D 254 14.12 23.95 -18.81
C SER D 254 13.67 25.13 -17.95
N ASP D 255 12.36 25.21 -17.70
CA ASP D 255 11.78 26.34 -17.00
C ASP D 255 12.21 26.38 -15.52
N PRO D 256 11.93 27.48 -14.79
CA PRO D 256 12.36 27.62 -13.40
C PRO D 256 11.90 26.49 -12.47
N TYR D 257 10.70 25.96 -12.68
CA TYR D 257 10.20 24.87 -11.86
C TYR D 257 11.07 23.60 -12.01
N LEU D 258 11.36 23.21 -13.23
CA LEU D 258 12.19 22.03 -13.44
C LEU D 258 13.62 22.26 -12.95
N SER D 259 14.19 23.44 -13.24
CA SER D 259 15.53 23.77 -12.79
C SER D 259 15.64 23.70 -11.27
N PHE D 260 14.75 24.40 -10.56
CA PHE D 260 14.78 24.40 -9.12
C PHE D 260 14.51 22.98 -8.61
N ALA D 261 13.55 22.26 -9.18
CA ALA D 261 13.26 20.93 -8.68
C ALA D 261 14.51 20.04 -8.76
N ALA D 262 15.23 20.13 -9.87
CA ALA D 262 16.52 19.41 -10.00
C ALA D 262 17.49 19.90 -8.95
N ALA D 263 17.58 21.22 -8.76
CA ALA D 263 18.49 21.74 -7.76
C ALA D 263 18.19 21.13 -6.38
N MET D 264 16.92 20.84 -6.12
CA MET D 264 16.53 20.32 -4.81
C MET D 264 16.98 18.87 -4.64
N ASN D 265 16.97 18.09 -5.73
CA ASN D 265 17.49 16.74 -5.69
C ASN D 265 18.98 16.78 -5.32
N GLY D 266 19.68 17.80 -5.78
CA GLY D 266 21.07 18.02 -5.45
C GLY D 266 21.25 18.44 -4.01
N LEU D 267 20.36 19.35 -3.54
CA LEU D 267 20.45 19.81 -2.16
C LEU D 267 20.08 18.69 -1.20
N ALA D 268 19.33 17.66 -1.67
CA ALA D 268 18.89 16.59 -0.79
C ALA D 268 20.04 15.60 -0.57
N GLY D 269 21.18 15.84 -1.22
CA GLY D 269 22.34 14.98 -1.07
C GLY D 269 23.00 15.14 0.30
N PRO D 270 23.37 14.03 0.97
CA PRO D 270 24.10 14.11 2.24
C PRO D 270 25.38 14.94 2.23
N LEU D 271 26.03 15.09 1.09
CA LEU D 271 27.23 15.92 1.09
C LEU D 271 26.90 17.37 0.77
N HIS D 272 25.60 17.68 0.55
CA HIS D 272 25.14 19.04 0.34
C HIS D 272 24.25 19.46 1.51
N GLY D 273 22.98 19.76 1.26
CA GLY D 273 22.19 20.51 2.23
C GLY D 273 21.72 19.65 3.39
N LEU D 274 21.88 18.33 3.27
CA LEU D 274 21.45 17.41 4.31
C LEU D 274 22.38 17.45 5.52
N ALA D 275 23.48 18.21 5.46
CA ALA D 275 24.44 18.27 6.56
C ALA D 275 23.90 18.99 7.79
N ASN D 276 22.92 19.91 7.64
CA ASN D 276 22.25 20.52 8.80
C ASN D 276 21.69 19.43 9.70
N GLN D 277 20.88 18.50 9.16
CA GLN D 277 20.25 17.51 10.02
C GLN D 277 21.32 16.54 10.53
N GLU D 278 22.25 16.09 9.67
CA GLU D 278 23.33 15.19 10.09
C GLU D 278 24.05 15.77 11.31
N VAL D 279 24.28 17.09 11.30
CA VAL D 279 24.91 17.77 12.43
C VAL D 279 24.08 17.64 13.70
N LEU D 280 22.77 17.93 13.67
CA LEU D 280 22.02 17.95 14.92
C LEU D 280 21.83 16.50 15.40
N VAL D 281 21.71 15.56 14.44
CA VAL D 281 21.67 14.14 14.71
C VAL D 281 22.93 13.77 15.51
N TRP D 282 24.09 14.26 15.05
CA TRP D 282 25.36 14.00 15.70
C TRP D 282 25.48 14.77 17.03
N LEU D 283 24.92 15.97 17.12
CA LEU D 283 24.84 16.72 18.37
C LEU D 283 23.95 15.97 19.36
N THR D 284 22.87 15.37 18.82
CA THR D 284 21.92 14.58 19.60
C THR D 284 22.64 13.36 20.15
N GLN D 285 23.33 12.63 19.25
CA GLN D 285 24.01 11.38 19.58
C GLN D 285 25.11 11.60 20.61
N LEU D 286 25.88 12.69 20.45
CA LEU D 286 26.94 12.98 21.40
C LEU D 286 26.32 13.32 22.75
N GLN D 287 25.22 14.08 22.79
CA GLN D 287 24.59 14.39 24.07
C GLN D 287 23.94 13.14 24.67
N LYS D 288 23.71 12.12 23.85
CA LYS D 288 23.25 10.82 24.35
C LYS D 288 24.38 10.10 25.09
N GLU D 289 25.57 10.05 24.47
CA GLU D 289 26.68 9.25 25.04
C GLU D 289 27.69 10.09 25.85
N VAL D 290 27.42 11.50 26.03
CA VAL D 290 28.28 12.18 27.05
C VAL D 290 27.41 12.96 28.04
N GLY D 291 26.24 13.45 27.58
CA GLY D 291 25.38 14.28 28.45
C GLY D 291 24.97 15.60 27.82
N LYS D 292 24.06 16.32 28.46
CA LYS D 292 23.56 17.59 27.94
C LYS D 292 24.32 18.79 28.51
N ASP D 293 25.14 18.57 29.57
CA ASP D 293 26.13 19.53 30.05
C ASP D 293 27.46 18.82 30.26
N VAL D 294 28.56 19.42 29.75
CA VAL D 294 29.80 18.69 29.56
C VAL D 294 31.00 19.56 29.92
N SER D 295 32.14 18.88 30.15
CA SER D 295 33.44 19.50 30.34
C SER D 295 34.21 19.55 29.03
N ASP D 296 35.08 20.55 28.92
CA ASP D 296 35.91 20.79 27.75
C ASP D 296 36.77 19.57 27.44
N GLU D 297 36.95 18.69 28.45
CA GLU D 297 37.81 17.52 28.33
C GLU D 297 37.04 16.35 27.74
N LYS D 298 35.94 15.98 28.38
CA LYS D 298 35.14 14.90 27.82
C LYS D 298 34.88 15.27 26.36
N LEU D 299 34.61 16.55 26.09
CA LEU D 299 34.41 17.01 24.72
C LEU D 299 35.66 16.77 23.89
N ARG D 300 36.79 17.37 24.27
CA ARG D 300 38.05 17.25 23.54
C ARG D 300 38.38 15.78 23.31
N ASP D 301 38.38 14.98 24.39
CA ASP D 301 38.57 13.54 24.30
C ASP D 301 37.66 12.97 23.22
N TYR D 302 36.37 13.35 23.28
CA TYR D 302 35.36 12.87 22.35
C TYR D 302 35.79 13.19 20.91
N ILE D 303 36.30 14.40 20.68
CA ILE D 303 36.76 14.77 19.35
C ILE D 303 37.86 13.78 18.96
N TRP D 304 38.87 13.64 19.81
CA TRP D 304 40.04 12.86 19.45
C TRP D 304 39.66 11.42 19.11
N ASN D 305 38.70 10.82 19.83
CA ASN D 305 38.33 9.44 19.52
C ASN D 305 37.51 9.36 18.23
N THR D 306 36.85 10.46 17.81
CA THR D 306 36.12 10.49 16.55
C THR D 306 37.13 10.48 15.41
N LEU D 307 37.99 11.50 15.38
CA LEU D 307 39.01 11.63 14.35
C LEU D 307 39.83 10.34 14.30
N ASN D 308 40.39 9.95 15.46
CA ASN D 308 41.34 8.86 15.57
C ASN D 308 40.74 7.55 15.04
N SER D 309 39.41 7.39 15.19
CA SER D 309 38.74 6.21 14.64
C SER D 309 38.26 6.49 13.22
N GLY D 310 38.84 7.51 12.57
CA GLY D 310 38.62 7.78 11.15
C GLY D 310 37.26 8.41 10.88
N ARG D 311 36.76 9.21 11.83
CA ARG D 311 35.42 9.78 11.68
C ARG D 311 35.57 11.29 11.54
N VAL D 312 34.48 11.94 11.11
CA VAL D 312 34.51 13.34 10.71
C VAL D 312 33.58 14.12 11.63
N VAL D 313 33.98 15.33 12.01
CA VAL D 313 33.12 16.20 12.78
C VAL D 313 32.20 16.92 11.78
N PRO D 314 30.89 16.59 11.80
CA PRO D 314 29.93 17.15 10.85
C PRO D 314 29.82 18.67 10.97
N GLY D 315 29.70 19.33 9.81
CA GLY D 315 29.60 20.77 9.73
C GLY D 315 30.92 21.52 9.93
N TYR D 316 32.08 20.84 9.99
CA TYR D 316 33.39 21.49 9.97
C TYR D 316 34.10 21.07 8.69
N GLY D 317 34.64 22.04 7.94
CA GLY D 317 35.20 21.75 6.63
C GLY D 317 34.34 22.36 5.52
N HIS D 318 34.92 22.45 4.31
CA HIS D 318 34.23 22.93 3.13
C HIS D 318 35.06 22.59 1.90
N ALA D 319 34.42 22.55 0.75
CA ALA D 319 35.10 22.31 -0.52
C ALA D 319 35.93 23.53 -0.95
N VAL D 320 35.53 24.74 -0.52
CA VAL D 320 36.13 25.99 -0.99
C VAL D 320 36.55 26.89 0.17
N LEU D 321 35.64 27.10 1.15
CA LEU D 321 35.89 27.98 2.29
C LEU D 321 37.11 27.49 3.05
N ARG D 322 38.02 28.44 3.36
CA ARG D 322 39.28 28.17 4.01
C ARG D 322 39.29 28.66 5.47
N LYS D 323 38.33 29.56 5.80
CA LYS D 323 38.19 30.11 7.13
C LYS D 323 36.72 29.96 7.57
N THR D 324 36.40 30.58 8.71
CA THR D 324 35.08 30.53 9.36
C THR D 324 34.03 31.15 8.44
N ASP D 325 33.04 30.33 8.12
CA ASP D 325 31.88 30.73 7.33
C ASP D 325 31.15 31.88 8.05
N PRO D 326 31.04 33.12 7.50
CA PRO D 326 30.25 34.19 8.14
C PRO D 326 28.76 33.89 8.32
N ARG D 327 28.26 32.90 7.56
CA ARG D 327 26.89 32.47 7.80
C ARG D 327 26.81 31.90 9.21
N TYR D 328 27.86 31.16 9.58
CA TYR D 328 28.03 30.60 10.93
C TYR D 328 28.16 31.72 11.97
N THR D 329 29.03 32.71 11.73
CA THR D 329 29.20 33.81 12.67
C THR D 329 27.85 34.44 12.95
N CYS D 330 27.18 34.77 11.86
CA CYS D 330 25.91 35.47 11.87
C CYS D 330 24.86 34.79 12.78
N GLN D 331 24.79 33.46 12.76
CA GLN D 331 23.80 32.74 13.56
C GLN D 331 24.27 32.67 15.01
N ARG D 332 25.56 32.38 15.18
CA ARG D 332 26.19 32.50 16.49
C ARG D 332 25.78 33.80 17.19
N GLU D 333 25.70 34.93 16.47
CA GLU D 333 25.44 36.21 17.10
C GLU D 333 23.97 36.33 17.49
N PHE D 334 23.11 35.78 16.65
CA PHE D 334 21.68 35.74 16.94
C PHE D 334 21.47 34.91 18.21
N ALA D 335 22.20 33.80 18.32
CA ALA D 335 22.09 32.92 19.50
C ALA D 335 22.63 33.65 20.73
N LEU D 336 23.91 34.23 20.60
CA LEU D 336 24.51 34.84 21.81
C LEU D 336 23.66 36.02 22.30
N LYS D 337 22.59 36.37 21.57
CA LYS D 337 21.73 37.45 22.04
C LYS D 337 20.30 37.02 22.40
N HIS D 338 19.78 35.89 21.89
CA HIS D 338 18.35 35.61 22.02
C HIS D 338 18.07 34.32 22.81
N LEU D 339 19.04 33.41 22.84
CA LEU D 339 18.95 32.17 23.59
C LEU D 339 20.33 31.73 24.10
N PRO D 340 21.06 32.57 24.86
CA PRO D 340 22.47 32.27 25.19
C PRO D 340 22.72 31.11 26.15
N ASN D 341 21.69 30.73 26.94
CA ASN D 341 21.82 29.70 27.98
C ASN D 341 21.24 28.36 27.52
N ASP D 342 20.72 28.30 26.29
CA ASP D 342 20.22 27.05 25.77
C ASP D 342 21.37 26.04 25.78
N PRO D 343 21.21 24.84 26.41
CA PRO D 343 22.30 23.88 26.56
C PRO D 343 22.89 23.39 25.23
N MET D 344 22.01 23.26 24.23
CA MET D 344 22.41 22.80 22.91
C MET D 344 23.33 23.84 22.27
N PHE D 345 22.96 25.11 22.41
CA PHE D 345 23.75 26.20 21.88
C PHE D 345 25.13 26.14 22.51
N LYS D 346 25.16 26.14 23.85
CA LYS D 346 26.42 26.04 24.61
C LYS D 346 27.28 24.89 24.07
N LEU D 347 26.70 23.71 23.83
CA LEU D 347 27.50 22.61 23.31
C LEU D 347 28.10 22.98 21.94
N VAL D 348 27.35 23.76 21.13
CA VAL D 348 27.79 24.16 19.80
C VAL D 348 28.92 25.19 19.92
N ALA D 349 28.76 26.19 20.81
CA ALA D 349 29.80 27.19 21.04
C ALA D 349 31.08 26.49 21.53
N GLN D 350 30.92 25.51 22.42
CA GLN D 350 32.05 24.79 22.97
C GLN D 350 32.81 24.09 21.85
N LEU D 351 32.10 23.37 20.98
CA LEU D 351 32.76 22.72 19.86
C LEU D 351 33.58 23.73 19.04
N TYR D 352 33.04 24.96 18.85
CA TYR D 352 33.70 26.07 18.16
C TYR D 352 35.03 26.41 18.85
N LYS D 353 35.00 26.55 20.18
CA LYS D 353 36.18 26.89 20.98
C LYS D 353 37.15 25.72 21.09
N ILE D 354 36.91 24.58 20.41
CA ILE D 354 37.76 23.44 20.66
C ILE D 354 38.13 22.68 19.38
N VAL D 355 37.15 22.35 18.52
CA VAL D 355 37.37 21.40 17.44
C VAL D 355 38.38 21.92 16.40
N PRO D 356 38.43 23.22 16.04
CA PRO D 356 39.32 23.66 14.96
C PRO D 356 40.75 23.24 15.30
N ASN D 357 41.24 23.69 16.46
CA ASN D 357 42.60 23.48 16.90
C ASN D 357 42.89 21.98 17.00
N VAL D 358 41.86 21.14 17.16
CA VAL D 358 42.02 19.70 17.16
C VAL D 358 42.13 19.16 15.72
N LEU D 359 41.41 19.78 14.78
CA LEU D 359 41.44 19.41 13.36
C LEU D 359 42.77 19.87 12.75
N LEU D 360 43.17 21.09 13.12
CA LEU D 360 44.42 21.69 12.71
C LEU D 360 45.58 20.87 13.29
N GLU D 361 45.64 20.75 14.64
CA GLU D 361 46.64 19.94 15.30
C GLU D 361 46.66 18.51 14.77
N GLN D 362 45.56 18.05 14.15
CA GLN D 362 45.58 16.79 13.43
C GLN D 362 46.28 16.98 12.08
N GLY D 363 46.05 18.13 11.42
CA GLY D 363 46.82 18.54 10.24
C GLY D 363 46.13 18.17 8.93
N LYS D 364 45.41 17.03 8.91
CA LYS D 364 44.90 16.42 7.70
C LYS D 364 43.55 17.00 7.30
N ALA D 365 43.39 18.34 7.35
CA ALA D 365 42.11 18.98 7.04
C ALA D 365 42.33 20.37 6.45
N LYS D 366 41.73 20.60 5.27
CA LYS D 366 41.93 21.84 4.53
C LYS D 366 41.31 23.01 5.29
N ASN D 367 40.07 22.82 5.77
CA ASN D 367 39.31 23.86 6.45
C ASN D 367 38.89 23.36 7.83
N PRO D 368 39.70 23.57 8.90
CA PRO D 368 39.36 23.06 10.23
C PRO D 368 38.31 23.93 10.95
N TRP D 369 37.70 24.86 10.23
CA TRP D 369 36.77 25.81 10.81
C TRP D 369 35.32 25.43 10.48
N PRO D 370 34.33 25.94 11.26
CA PRO D 370 32.91 25.60 11.03
C PRO D 370 32.24 26.22 9.79
N ASN D 371 31.30 25.49 9.18
CA ASN D 371 30.42 26.06 8.17
C ASN D 371 29.01 26.26 8.73
N VAL D 372 28.15 26.91 7.92
CA VAL D 372 26.81 27.32 8.34
C VAL D 372 26.07 26.15 9.00
N ASP D 373 26.26 24.92 8.45
CA ASP D 373 25.45 23.78 8.84
C ASP D 373 25.70 23.43 10.32
N ALA D 374 26.87 23.81 10.83
CA ALA D 374 27.21 23.54 12.22
C ALA D 374 26.28 24.24 13.21
N HIS D 375 25.59 25.33 12.85
CA HIS D 375 24.88 26.13 13.88
C HIS D 375 23.37 26.31 13.65
N SER D 376 22.82 25.92 12.51
CA SER D 376 21.46 26.30 12.17
C SER D 376 20.42 25.48 12.93
N GLY D 377 20.66 24.17 13.11
CA GLY D 377 19.69 23.29 13.71
C GLY D 377 19.41 23.55 15.19
N VAL D 378 20.40 24.01 15.98
CA VAL D 378 20.18 24.30 17.38
C VAL D 378 19.15 25.43 17.50
N LEU D 379 19.19 26.38 16.55
CA LEU D 379 18.25 27.50 16.53
C LEU D 379 16.84 27.04 16.22
N LEU D 380 16.71 26.26 15.13
CA LEU D 380 15.41 25.72 14.77
C LEU D 380 14.79 24.97 15.96
N GLN D 381 15.54 24.00 16.51
CA GLN D 381 15.08 23.17 17.61
C GLN D 381 14.64 24.06 18.79
N TYR D 382 15.46 25.06 19.10
CA TYR D 382 15.13 25.96 20.20
C TYR D 382 13.72 26.52 20.03
N TYR D 383 13.31 26.83 18.78
CA TYR D 383 11.99 27.42 18.56
C TYR D 383 10.91 26.35 18.41
N GLY D 384 11.23 25.08 18.67
CA GLY D 384 10.20 24.04 18.65
C GLY D 384 10.07 23.33 17.29
N MET D 385 10.88 23.71 16.31
CA MET D 385 11.01 22.98 15.04
C MET D 385 12.03 21.85 15.19
N THR D 386 11.56 20.71 15.70
CA THR D 386 12.41 19.61 16.09
C THR D 386 12.44 18.54 15.00
N GLU D 387 11.68 18.71 13.92
CA GLU D 387 11.62 17.70 12.86
C GLU D 387 12.81 17.90 11.92
N MET D 388 13.95 17.33 12.32
CA MET D 388 15.22 17.49 11.62
C MET D 388 15.17 17.09 10.15
N ASN D 389 14.28 16.17 9.78
CA ASN D 389 14.14 15.70 8.42
C ASN D 389 13.69 16.84 7.51
N TYR D 390 13.06 17.86 8.12
CA TYR D 390 12.48 18.95 7.37
C TYR D 390 13.45 20.10 7.15
N TYR D 391 14.58 20.11 7.85
CA TYR D 391 15.46 21.27 7.86
C TYR D 391 15.94 21.61 6.46
N THR D 392 16.19 20.59 5.64
CA THR D 392 16.68 20.90 4.31
C THR D 392 15.63 21.61 3.46
N VAL D 393 14.35 21.38 3.71
CA VAL D 393 13.31 22.11 3.02
C VAL D 393 13.46 23.62 3.22
N LEU D 394 13.83 24.05 4.44
CA LEU D 394 14.01 25.46 4.70
C LEU D 394 15.19 26.01 3.90
N PHE D 395 16.29 25.26 3.90
CA PHE D 395 17.45 25.58 3.08
C PHE D 395 17.00 25.74 1.62
N GLY D 396 16.18 24.83 1.14
CA GLY D 396 15.62 24.89 -0.20
C GLY D 396 14.82 26.16 -0.50
N VAL D 397 13.88 26.51 0.38
CA VAL D 397 13.09 27.71 0.18
C VAL D 397 14.00 28.95 0.07
N SER D 398 15.06 28.96 0.85
CA SER D 398 16.06 30.01 0.82
C SER D 398 16.82 29.99 -0.51
N ARG D 399 17.30 28.82 -0.92
CA ARG D 399 18.22 28.76 -2.05
C ARG D 399 17.52 29.21 -3.33
N ALA D 400 16.22 29.00 -3.39
CA ALA D 400 15.39 29.48 -4.47
C ALA D 400 15.74 30.92 -4.82
N LEU D 401 16.01 31.75 -3.81
CA LEU D 401 16.18 33.17 -4.06
C LEU D 401 17.43 33.37 -4.90
N GLY D 402 18.51 32.71 -4.51
CA GLY D 402 19.79 32.90 -5.20
C GLY D 402 19.82 32.27 -6.60
N VAL D 403 19.34 31.05 -6.73
CA VAL D 403 19.43 30.33 -7.98
C VAL D 403 18.48 30.91 -9.03
N LEU D 404 17.31 31.41 -8.59
CA LEU D 404 16.35 32.00 -9.51
C LEU D 404 16.79 33.41 -9.90
N ALA D 405 17.34 34.19 -8.99
CA ALA D 405 17.89 35.48 -9.35
C ALA D 405 18.93 35.27 -10.45
N GLN D 406 19.81 34.27 -10.29
CA GLN D 406 20.84 34.02 -11.28
C GLN D 406 20.24 33.50 -12.59
N LEU D 407 19.19 32.69 -12.49
CA LEU D 407 18.61 32.04 -13.65
C LEU D 407 18.05 33.07 -14.63
N ILE D 408 17.42 34.11 -14.07
CA ILE D 408 16.89 35.24 -14.81
C ILE D 408 17.99 35.90 -15.63
N TRP D 409 19.12 36.14 -14.97
CA TRP D 409 20.30 36.72 -15.59
C TRP D 409 20.98 35.80 -16.61
N SER D 410 21.11 34.52 -16.29
CA SER D 410 21.61 33.57 -17.27
C SER D 410 20.83 33.72 -18.57
N ARG D 411 19.50 33.76 -18.51
CA ARG D 411 18.71 33.81 -19.74
C ARG D 411 18.77 35.21 -20.34
N ALA D 412 18.85 36.27 -19.51
CA ALA D 412 18.97 37.63 -20.02
C ALA D 412 20.28 37.81 -20.77
N LEU D 413 21.35 37.22 -20.25
CA LEU D 413 22.66 37.38 -20.84
C LEU D 413 22.86 36.33 -21.94
N GLY D 414 21.89 35.44 -22.13
CA GLY D 414 21.97 34.47 -23.23
C GLY D 414 23.09 33.45 -23.04
N PHE D 415 23.36 33.06 -21.79
CA PHE D 415 24.25 31.93 -21.52
C PHE D 415 23.85 30.66 -22.28
N PRO D 416 24.79 29.99 -22.98
CA PRO D 416 24.42 28.79 -23.74
C PRO D 416 24.32 27.51 -22.91
N LEU D 417 23.91 26.44 -23.57
CA LEU D 417 23.86 25.14 -22.98
C LEU D 417 25.19 24.80 -22.33
N GLU D 418 25.16 24.26 -21.11
CA GLU D 418 26.40 23.83 -20.49
C GLU D 418 26.69 22.41 -20.99
N ARG D 419 27.86 22.24 -21.62
CA ARG D 419 28.22 20.97 -22.24
C ARG D 419 29.75 20.83 -22.28
N PRO D 420 30.38 20.35 -21.21
CA PRO D 420 31.80 20.07 -21.21
C PRO D 420 32.08 18.75 -21.90
N LYS D 421 33.36 18.49 -22.02
CA LYS D 421 33.89 17.27 -22.60
C LYS D 421 34.20 16.33 -21.44
N SER D 422 33.74 15.08 -21.51
CA SER D 422 34.18 14.03 -20.62
C SER D 422 35.27 13.17 -21.29
N MET D 423 36.01 12.45 -20.45
CA MET D 423 36.94 11.44 -20.92
C MET D 423 36.85 10.21 -20.02
N SER D 424 37.06 9.02 -20.59
CA SER D 424 37.19 7.82 -19.78
C SER D 424 38.62 7.80 -19.26
N THR D 425 38.85 6.94 -18.27
CA THR D 425 40.18 6.62 -17.77
C THR D 425 41.04 6.09 -18.91
N GLU D 426 40.52 5.15 -19.71
CA GLU D 426 41.23 4.59 -20.85
C GLU D 426 41.58 5.70 -21.84
N GLY D 427 40.64 6.62 -22.06
CA GLY D 427 40.86 7.70 -23.00
C GLY D 427 41.93 8.68 -22.50
N LEU D 428 41.88 9.01 -21.22
CA LEU D 428 42.83 9.93 -20.61
C LEU D 428 44.23 9.35 -20.61
N MET D 429 44.37 8.04 -20.35
CA MET D 429 45.67 7.40 -20.34
C MET D 429 46.32 7.52 -21.72
N LYS D 430 45.53 7.29 -22.78
CA LYS D 430 46.02 7.40 -24.15
C LYS D 430 46.32 8.87 -24.50
N PHE D 431 45.52 9.80 -23.97
CA PHE D 431 45.67 11.21 -24.30
C PHE D 431 46.96 11.78 -23.73
N VAL D 432 47.36 11.36 -22.51
CA VAL D 432 48.53 11.93 -21.86
C VAL D 432 49.81 11.23 -22.36
N ASP D 433 49.68 10.10 -23.06
CA ASP D 433 50.89 9.50 -23.67
C ASP D 433 51.12 10.29 -24.95
N SER D 434 50.06 10.51 -25.72
CA SER D 434 50.18 11.41 -26.88
C SER D 434 50.64 12.76 -26.33
N LYS D 435 51.84 13.22 -26.68
CA LYS D 435 52.41 14.47 -26.12
C LYS D 435 53.14 14.12 -24.80
O1 OAA E . -14.44 -19.72 -2.08
O2 OAA E . -14.15 -21.86 -2.55
O4 OAA E . -17.43 -24.43 -2.96
O5 OAA E . -17.04 -23.18 -1.25
O3 OAA E . -16.56 -22.53 -4.54
C1 OAA E . -14.87 -20.82 -2.49
C2 OAA E . -16.35 -20.94 -2.86
C3 OAA E . -16.66 -22.34 -3.32
C4 OAA E . -17.06 -23.35 -2.48
O1 OAA F . -11.43 -12.20 23.57
O2 OAA F . -12.85 -12.19 25.24
O4 OAA F . -15.89 -10.58 25.37
O5 OAA F . -14.56 -8.94 25.50
O3 OAA F . -14.92 -11.05 23.11
C1 OAA F . -12.32 -11.66 24.25
C2 OAA F . -12.84 -10.30 23.81
C3 OAA F . -14.33 -10.39 23.92
C4 OAA F . -14.94 -9.97 24.97
O1 OAA G . 25.22 16.95 -25.82
O2 OAA G . 25.53 14.82 -26.35
O4 OAA G . 22.25 12.26 -26.66
O5 OAA G . 22.73 13.52 -25.00
O3 OAA G . 22.99 14.15 -28.32
C1 OAA G . 24.79 15.87 -26.27
C2 OAA G . 23.30 15.79 -26.69
C3 OAA G . 22.95 14.37 -27.10
C4 OAA G . 22.63 13.36 -26.23
#